data_9JO5
#
_entry.id   9JO5
#
_cell.length_a   1.00
_cell.length_b   1.00
_cell.length_c   1.00
_cell.angle_alpha   90.00
_cell.angle_beta   90.00
_cell.angle_gamma   90.00
#
_symmetry.space_group_name_H-M   'P 1'
#
loop_
_entity.id
_entity.type
_entity.pdbx_description
1 polymer 'Histone H3'
2 polymer 'Histone H4'
3 polymer 'Histone H2A'
4 polymer 'Histone H2B'
5 polymer 'DNA (146-MER)'
6 polymer 'DNA (146-MER)'
7 polymer 'ISWI chromatin-remodeling complex ATPase ISW1'
8 non-polymer 'MAGNESIUM ION'
9 non-polymer "ADENOSINE-5'-DIPHOSPHATE"
#
loop_
_entity_poly.entity_id
_entity_poly.type
_entity_poly.pdbx_seq_one_letter_code
_entity_poly.pdbx_strand_id
1 'polypeptide(L)'
;ARTKQTARKSTGGKAPRKQLATKAARKSAPATGGVKKPHRYRPGTVALREIRRYQKSTELLIRKLPFQRLVREIAQDFKT
DLRFQSSAVMALQEASEAYLVALFEDTNLCAIHAKRVTIMPKDIQLARRIRGERA
;
A,E
2 'polypeptide(L)'
;SGRGKGGKGLGKGGAKRHRKVLRDNIQGITKPAIRRLARRGGVKRISGLIYEETRGVLKVFLENVIRDAVTYTEHAKRKT
VTAMDVVYALKRQGRTLYGFGG
;
B,F
3 'polypeptide(L)'
;SGRGKQGGKTRAKAKTRSSRAGLQFPVGRVHRLLRKGNYAERVGAGAPVYLAAVLEYLTAEILELAGNAARDNKKTRIIP
RHLQLAVRNDEELNKLLGRVTIAQGGVLPNIQSVLLPKKTESSKSAKSK
;
C,G
4 'polypeptide(L)'
;AKSAPAPKKGSKKAVTKTQKKDGKKRRKTRKESYAIYVYKVLKQVHPDTGISSKAMSIMNSFVNDVFERIAGEASRLAHY
NKRSTITSREIQTAVRLLLPGELAKHAVSEGTKAVTKYTSAK
;
D,H
5 'polydeoxyribonucleotide'
;(DT)(DC)(DG)(DA)(DG)(DA)(DA)(DT)(DC)(DC)(DC)(DG)(DG)(DT)(DG)(DC)(DC)(DG)(DA)(DG)
(DG)(DC)(DC)(DG)(DC)(DT)(DC)(DA)(DA)(DT)(DT)(DG)(DG)(DT)(DC)(DG)(DT)(DA)(DG)(DA)
(DC)(DA)(DG)(DC)(DT)(DC)(DT)(DA)(DG)(DC)(DA)(DC)(DC)(DG)(DC)(DT)(DT)(DA)(DA)(DA)
(DC)(DG)(DC)(DA)(DC)(DG)(DT)(DA)(DC)(DG)(DC)(DG)(DC)(DT)(DG)(DT)(DC)(DC)(DC)(DC)
(DC)(DG)(DC)(DG)(DT)(DT)(DT)(DT)(DA)(DA)(DC)(DC)(DG)(DC)(DC)(DA)(DA)(DG)(DG)(DG)
(DG)(DA)(DT)(DT)(DA)(DC)(DT)(DC)(DC)(DC)(DT)(DA)(DG)(DT)(DC)(DT)(DC)(DC)(DA)(DG)
(DG)(DC)(DA)(DC)(DG)(DT)(DG)(DT)(DC)(DA)(DG)(DA)(DT)(DA)(DT)(DA)(DT)(DA)(DC)(DA)
(DT)(DC)(DC)(DG)(DA)(DT)
;
I
6 'polydeoxyribonucleotide'
;(DA)(DT)(DC)(DG)(DG)(DA)(DT)(DG)(DT)(DA)(DT)(DA)(DT)(DA)(DT)(DC)(DT)(DG)(DA)(DC)
(DA)(DC)(DG)(DT)(DG)(DC)(DC)(DT)(DG)(DG)(DA)(DG)(DA)(DC)(DT)(DA)(DG)(DG)(DG)(DA)
(DG)(DT)(DA)(DA)(DT)(DC)(DC)(DC)(DC)(DT)(DT)(DG)(DG)(DC)(DG)(DG)(DT)(DT)(DA)(DA)
(DA)(DA)(DC)(DG)(DC)(DG)(DG)(DG)(DG)(DG)(DA)(DC)(DA)(DG)(DC)(DG)(DC)(DG)(DT)(DA)
(DC)(DG)(DT)(DG)(DC)(DG)(DT)(DT)(DT)(DA)(DA)(DG)(DC)(DG)(DG)(DT)(DG)(DC)(DT)(DA)
(DG)(DA)(DG)(DC)(DT)(DG)(DT)(DC)(DT)(DA)(DC)(DG)(DA)(DC)(DC)(DA)(DA)(DT)(DT)(DG)
(DA)(DG)(DC)(DG)(DG)(DC)(DC)(DT)(DC)(DG)(DG)(DC)(DA)(DC)(DC)(DG)(DG)(DG)(DA)(DT)
(DT)(DC)(DT)(DC)(DG)(DA)
;
J
7 'polypeptide(L)'
;ENLKPFQVGLPPHDPESNKKRYLLKDANGKKFDLEGTTKRFEHLLSLSGLFKHFIESKAAKDPKFRQVLDVLEENKANGK
GKGKHQDVRRRKTEHEEDAELLKEEDSDDDESIEFQFRESPAYVNGQLRPYQIQGVNWLVSLHKNKIAGILADEMGLGKT
LQTISFLGYLRYIEKIPGPFLVIAPKSTLNNWLREINRWTPDVNAFILQGDKEERAELIQKKLLGCDFDVVIASYEIIIR
EKSPLKKINWEYIIIDEAHRIKNEESMLSQVLREFTSRNRLLITGTPLQNNLHELWALLNFLLPDIFSDAQDFDDWFSSE
STEEDQDKIVKQLHTVLQPFLLRRIKSDVETSLLPKKELNLYVGMSSMQKKWYKKILEKDLDAVNGSNGSKESKTRLLNI
MMQLRKCCNHPYLFDGAEPGPPYTTDEHLVYNAAKLQVLDKLLKKLKEEGSRVLIFSQMSRLLDILEDYCYFRNYEYCRI
DGSTAHEDRIQAIDDYNAPDSKKFVFLLTTRAGGLGINLTSADVVVLYDSDWNPQADLQAMDRAHRIGQKKQVKVFRLVT
DNSVEEKILERATQKLRLDQLVIQQNRTSLKKKENKADSKDALLSMIQHGAADVFKSGTSTGSAGTPEPGSGEKGDDIDL
DELLLKSENKTKSLNAKYETLGLDDLQKFNQDSAYEWNGQDFKKKIQRDIISPLLLNPTKRERKENYSIDNYYKDVLNTG
RSSTPSHPRMPKPHVFHSHQLQPPQLKVLYEKERMWTAKKTGYVPTMDDVKAAYGDISDEEEKKQKLELLKLSVNNSQPL
TEEEEKMKADWESEGFTNWNKLEFRKFITVSGKYGRNSIQAIARELAPGKTLEEVRAYAKAFWSNIERIEDYEKYLKIIE
NEEEKIKRVKMQQEALRRKLSEYKNPFFDLKLKHPPSSNNKRTYSEEEDRFILLMLFKYGLDRDDVYELVRDEIRDCPLF
ELDFYFRSRTPVELARRGNTLLQCLEKEFNAGIVLDDATKDRMKKEDENGKRIREEFADQTANEKENVDGVESKKAKIED
TSNVGTEQLVAEKIPENETTH
;
K
#
loop_
_chem_comp.id
_chem_comp.type
_chem_comp.name
_chem_comp.formula
ADP non-polymer ADENOSINE-5'-DIPHOSPHATE 'C10 H15 N5 O10 P2'
DA DNA linking 2'-DEOXYADENOSINE-5'-MONOPHOSPHATE 'C10 H14 N5 O6 P'
DC DNA linking 2'-DEOXYCYTIDINE-5'-MONOPHOSPHATE 'C9 H14 N3 O7 P'
DG DNA linking 2'-DEOXYGUANOSINE-5'-MONOPHOSPHATE 'C10 H14 N5 O7 P'
DT DNA linking THYMIDINE-5'-MONOPHOSPHATE 'C10 H15 N2 O8 P'
MG non-polymer 'MAGNESIUM ION' 'Mg 2'
#
# COMPACT_ATOMS: atom_id res chain seq x y z
N LYS A 37 30.60 27.13 -26.76
CA LYS A 37 29.42 26.60 -27.44
C LYS A 37 29.14 25.16 -27.01
N PRO A 38 28.55 24.99 -25.83
CA PRO A 38 28.22 23.64 -25.36
C PRO A 38 27.19 22.97 -26.25
N HIS A 39 26.97 21.69 -25.98
CA HIS A 39 26.08 20.88 -26.79
C HIS A 39 24.69 20.88 -26.17
N ARG A 40 23.71 21.31 -26.96
CA ARG A 40 22.31 21.28 -26.57
C ARG A 40 21.54 20.53 -27.64
N TYR A 41 20.71 19.59 -27.21
CA TYR A 41 19.86 18.88 -28.15
C TYR A 41 18.65 19.73 -28.46
N ARG A 42 18.28 19.79 -29.73
CA ARG A 42 17.17 20.63 -30.13
C ARG A 42 15.87 20.10 -29.56
N PRO A 43 14.88 20.98 -29.34
CA PRO A 43 13.66 20.56 -28.66
C PRO A 43 12.97 19.41 -29.37
N GLY A 44 12.52 18.43 -28.59
CA GLY A 44 11.87 17.26 -29.10
C GLY A 44 12.75 16.04 -29.16
N THR A 45 14.07 16.20 -29.10
CA THR A 45 14.95 15.04 -29.21
C THR A 45 14.97 14.23 -27.93
N VAL A 46 15.27 14.88 -26.81
CA VAL A 46 15.30 14.17 -25.54
C VAL A 46 13.92 13.64 -25.21
N ALA A 47 12.87 14.34 -25.65
CA ALA A 47 11.52 13.87 -25.37
C ALA A 47 11.12 12.67 -26.20
N LEU A 48 11.86 12.37 -27.27
CA LEU A 48 11.61 11.12 -27.96
C LEU A 48 12.48 10.01 -27.39
N ARG A 49 13.69 10.36 -26.99
CA ARG A 49 14.53 9.40 -26.30
C ARG A 49 13.84 8.87 -25.05
N GLU A 50 13.18 9.76 -24.29
CA GLU A 50 12.49 9.33 -23.07
C GLU A 50 11.27 8.47 -23.38
N ILE A 51 10.52 8.82 -24.43
CA ILE A 51 9.41 7.97 -24.82
C ILE A 51 9.90 6.57 -25.12
N ARG A 52 11.02 6.47 -25.83
CA ARG A 52 11.54 5.15 -26.14
C ARG A 52 12.00 4.41 -24.90
N ARG A 53 12.59 5.11 -23.94
CA ARG A 53 13.06 4.36 -22.79
C ARG A 53 11.94 4.01 -21.83
N TYR A 54 10.80 4.67 -21.91
CA TYR A 54 9.71 4.34 -21.00
C TYR A 54 8.66 3.43 -21.60
N GLN A 55 8.60 3.31 -22.92
CA GLN A 55 7.72 2.33 -23.51
C GLN A 55 8.36 0.97 -23.62
N LYS A 56 9.59 0.82 -23.16
CA LYS A 56 10.32 -0.44 -23.25
C LYS A 56 10.80 -0.86 -21.88
N SER A 57 9.95 -0.66 -20.88
CA SER A 57 10.26 -1.01 -19.51
C SER A 57 8.96 -1.36 -18.82
N THR A 58 9.06 -1.79 -17.56
CA THR A 58 7.89 -2.28 -16.85
C THR A 58 7.73 -1.73 -15.44
N GLU A 59 8.72 -1.05 -14.88
CA GLU A 59 8.64 -0.66 -13.48
C GLU A 59 7.50 0.31 -13.26
N LEU A 60 7.23 0.60 -11.99
CA LEU A 60 6.24 1.60 -11.64
C LEU A 60 6.84 2.99 -11.75
N LEU A 61 6.04 3.93 -12.23
CA LEU A 61 6.55 5.25 -12.56
C LEU A 61 6.41 6.22 -11.39
N ILE A 62 5.36 6.08 -10.60
CA ILE A 62 5.17 6.91 -9.42
C ILE A 62 6.01 6.36 -8.28
N ARG A 63 6.42 7.26 -7.38
CA ARG A 63 7.07 6.83 -6.17
C ARG A 63 6.11 5.96 -5.36
N LYS A 64 6.66 5.24 -4.38
CA LYS A 64 5.80 4.34 -3.64
C LYS A 64 5.25 4.95 -2.35
N LEU A 65 6.11 5.57 -1.56
CA LEU A 65 5.62 6.16 -0.33
C LEU A 65 4.64 7.31 -0.55
N PRO A 66 4.86 8.24 -1.48
CA PRO A 66 3.83 9.25 -1.73
C PRO A 66 2.48 8.66 -2.11
N PHE A 67 2.48 7.63 -2.94
CA PHE A 67 1.22 6.99 -3.30
C PHE A 67 0.57 6.33 -2.11
N GLN A 68 1.37 5.70 -1.25
CA GLN A 68 0.80 5.06 -0.08
C GLN A 68 0.19 6.08 0.87
N ARG A 69 0.86 7.22 1.07
CA ARG A 69 0.28 8.26 1.90
C ARG A 69 -1.02 8.77 1.32
N LEU A 70 -1.06 8.97 0.02
CA LEU A 70 -2.30 9.41 -0.60
C LEU A 70 -3.41 8.41 -0.38
N VAL A 71 -3.09 7.13 -0.52
CA VAL A 71 -4.10 6.09 -0.37
C VAL A 71 -4.67 6.10 1.04
N ARG A 72 -3.81 6.16 2.04
CA ARG A 72 -4.31 6.15 3.40
C ARG A 72 -5.12 7.38 3.72
N GLU A 73 -4.70 8.54 3.24
CA GLU A 73 -5.48 9.74 3.50
C GLU A 73 -6.85 9.67 2.85
N ILE A 74 -6.92 9.19 1.62
CA ILE A 74 -8.23 9.08 0.97
C ILE A 74 -9.10 8.11 1.74
N ALA A 75 -8.52 6.99 2.18
CA ALA A 75 -9.32 5.99 2.88
C ALA A 75 -9.78 6.46 4.25
N GLN A 76 -9.09 7.43 4.84
CA GLN A 76 -9.47 7.91 6.16
C GLN A 76 -10.90 8.43 6.20
N ASP A 77 -11.46 8.80 5.06
CA ASP A 77 -12.78 9.40 5.01
C ASP A 77 -13.91 8.39 4.91
N PHE A 78 -13.60 7.10 4.96
CA PHE A 78 -14.62 6.06 4.88
C PHE A 78 -14.72 5.25 6.15
N LYS A 79 -13.63 4.69 6.63
CA LYS A 79 -13.57 4.11 7.96
C LYS A 79 -12.36 4.68 8.67
N THR A 80 -12.54 5.01 9.94
CA THR A 80 -11.39 5.40 10.73
C THR A 80 -10.64 4.15 11.18
N ASP A 81 -9.32 4.29 11.32
CA ASP A 81 -8.48 3.27 11.92
C ASP A 81 -8.41 2.01 11.05
N LEU A 82 -8.00 2.19 9.81
CA LEU A 82 -7.88 1.09 8.87
C LEU A 82 -6.43 0.64 8.76
N ARG A 83 -6.25 -0.67 8.72
CA ARG A 83 -4.96 -1.27 8.43
C ARG A 83 -4.94 -1.71 6.99
N PHE A 84 -3.79 -1.58 6.35
CA PHE A 84 -3.63 -1.99 4.97
C PHE A 84 -2.57 -3.07 4.89
N GLN A 85 -2.71 -3.96 3.93
CA GLN A 85 -1.66 -4.92 3.66
C GLN A 85 -0.57 -4.21 2.88
N SER A 86 0.31 -4.96 2.24
CA SER A 86 1.24 -4.35 1.29
C SER A 86 0.83 -4.62 -0.15
N SER A 87 0.40 -5.83 -0.45
CA SER A 87 -0.08 -6.13 -1.78
C SER A 87 -1.35 -5.36 -2.10
N ALA A 88 -2.09 -4.92 -1.09
CA ALA A 88 -3.24 -4.06 -1.36
C ALA A 88 -2.79 -2.75 -1.99
N VAL A 89 -1.78 -2.10 -1.39
CA VAL A 89 -1.31 -0.85 -1.93
C VAL A 89 -0.61 -1.06 -3.26
N MET A 90 0.11 -2.16 -3.42
CA MET A 90 0.72 -2.43 -4.72
C MET A 90 -0.33 -2.61 -5.81
N ALA A 91 -1.42 -3.32 -5.50
CA ALA A 91 -2.49 -3.48 -6.47
C ALA A 91 -3.09 -2.13 -6.83
N LEU A 92 -3.27 -1.28 -5.82
CA LEU A 92 -3.80 0.05 -6.10
C LEU A 92 -2.88 0.81 -7.03
N GLN A 93 -1.58 0.74 -6.81
CA GLN A 93 -0.66 1.48 -7.66
C GLN A 93 -0.65 0.94 -9.07
N GLU A 94 -0.69 -0.38 -9.24
CA GLU A 94 -0.71 -0.95 -10.58
C GLU A 94 -1.93 -0.49 -11.34
N ALA A 95 -3.11 -0.62 -10.73
CA ALA A 95 -4.32 -0.19 -11.41
C ALA A 95 -4.28 1.30 -11.71
N SER A 96 -3.82 2.09 -10.76
CA SER A 96 -3.76 3.54 -10.93
C SER A 96 -2.87 3.93 -12.10
N GLU A 97 -1.67 3.36 -12.15
CA GLU A 97 -0.73 3.75 -13.19
C GLU A 97 -1.20 3.30 -14.55
N ALA A 98 -1.78 2.11 -14.64
CA ALA A 98 -2.33 1.69 -15.91
C ALA A 98 -3.42 2.63 -16.38
N TYR A 99 -4.26 3.07 -15.44
CA TYR A 99 -5.33 4.00 -15.80
C TYR A 99 -4.78 5.29 -16.37
N LEU A 100 -3.82 5.88 -15.68
CA LEU A 100 -3.29 7.15 -16.14
C LEU A 100 -2.56 7.01 -17.46
N VAL A 101 -1.84 5.91 -17.66
CA VAL A 101 -1.11 5.73 -18.90
C VAL A 101 -2.06 5.65 -20.08
N ALA A 102 -3.14 4.88 -19.93
CA ALA A 102 -4.11 4.83 -21.03
C ALA A 102 -4.77 6.18 -21.24
N LEU A 103 -5.02 6.91 -20.16
CA LEU A 103 -5.65 8.21 -20.31
C LEU A 103 -4.76 9.17 -21.10
N PHE A 104 -3.47 9.19 -20.78
CA PHE A 104 -2.57 10.05 -21.53
C PHE A 104 -2.45 9.61 -22.97
N GLU A 105 -2.52 8.30 -23.21
CA GLU A 105 -2.46 7.82 -24.57
C GLU A 105 -3.66 8.28 -25.40
N ASP A 106 -4.82 8.46 -24.77
CA ASP A 106 -5.96 9.02 -25.50
C ASP A 106 -5.89 10.54 -25.63
N THR A 107 -5.40 11.21 -24.59
CA THR A 107 -5.16 12.64 -24.67
C THR A 107 -4.25 12.99 -25.83
N ASN A 108 -3.25 12.16 -26.08
CA ASN A 108 -2.35 12.43 -27.19
C ASN A 108 -3.10 12.43 -28.51
N LEU A 109 -3.98 11.46 -28.71
CA LEU A 109 -4.72 11.42 -29.96
C LEU A 109 -5.61 12.64 -30.09
N CYS A 110 -6.24 13.06 -29.00
CA CYS A 110 -7.07 14.26 -29.06
C CYS A 110 -6.25 15.47 -29.45
N ALA A 111 -5.06 15.61 -28.86
CA ALA A 111 -4.22 16.77 -29.17
C ALA A 111 -3.77 16.76 -30.62
N ILE A 112 -3.37 15.59 -31.12
CA ILE A 112 -2.91 15.50 -32.50
C ILE A 112 -4.05 15.79 -33.45
N HIS A 113 -5.26 15.38 -33.08
CA HIS A 113 -6.42 15.59 -33.94
C HIS A 113 -6.70 17.06 -34.16
N ALA A 114 -6.30 17.92 -33.23
CA ALA A 114 -6.46 19.35 -33.34
C ALA A 114 -5.28 20.02 -34.02
N LYS A 115 -4.39 19.22 -34.62
CA LYS A 115 -3.22 19.71 -35.32
C LYS A 115 -2.25 20.44 -34.39
N ARG A 116 -2.13 19.93 -33.17
CA ARG A 116 -1.13 20.37 -32.21
C ARG A 116 -0.23 19.19 -31.87
N VAL A 117 0.79 19.46 -31.07
CA VAL A 117 1.63 18.39 -30.54
C VAL A 117 1.77 18.61 -29.05
N THR A 118 0.98 19.52 -28.50
CA THR A 118 0.97 19.85 -27.09
C THR A 118 -0.36 19.44 -26.51
N ILE A 119 -0.35 18.79 -25.35
CA ILE A 119 -1.58 18.36 -24.70
C ILE A 119 -1.94 19.36 -23.63
N MET A 120 -3.20 19.78 -23.62
CA MET A 120 -3.72 20.80 -22.74
C MET A 120 -4.93 20.26 -22.00
N PRO A 121 -5.30 20.86 -20.87
CA PRO A 121 -6.40 20.32 -20.06
C PRO A 121 -7.65 20.01 -20.85
N LYS A 122 -7.96 20.82 -21.84
CA LYS A 122 -9.12 20.56 -22.67
C LYS A 122 -9.05 19.18 -23.32
N ASP A 123 -7.83 18.69 -23.59
CA ASP A 123 -7.72 17.37 -24.21
C ASP A 123 -8.10 16.26 -23.24
N ILE A 124 -7.65 16.34 -21.99
CA ILE A 124 -8.07 15.33 -21.02
C ILE A 124 -9.57 15.41 -20.79
N GLN A 125 -10.11 16.62 -20.71
CA GLN A 125 -11.55 16.72 -20.50
C GLN A 125 -12.30 16.08 -21.65
N LEU A 126 -11.87 16.32 -22.89
CA LEU A 126 -12.53 15.69 -24.02
C LEU A 126 -12.39 14.19 -23.97
N ALA A 127 -11.20 13.69 -23.63
CA ALA A 127 -10.98 12.24 -23.60
C ALA A 127 -11.88 11.57 -22.58
N ARG A 128 -11.89 12.09 -21.35
CA ARG A 128 -12.72 11.50 -20.32
C ARG A 128 -14.19 11.63 -20.66
N ARG A 129 -14.61 12.78 -21.20
CA ARG A 129 -15.99 12.94 -21.60
C ARG A 129 -16.40 11.89 -22.62
N ILE A 130 -15.52 11.59 -23.57
CA ILE A 130 -15.88 10.60 -24.57
C ILE A 130 -15.88 9.20 -23.98
N ARG A 131 -14.91 8.89 -23.11
CA ARG A 131 -14.85 7.54 -22.54
C ARG A 131 -16.04 7.23 -21.65
N GLY A 132 -16.78 8.24 -21.22
CA GLY A 132 -17.93 8.03 -20.38
C GLY A 132 -17.67 8.21 -18.91
N GLU A 133 -16.49 8.69 -18.54
CA GLU A 133 -16.11 8.86 -17.14
C GLU A 133 -16.50 10.22 -16.59
N ARG A 134 -17.15 11.05 -17.38
CA ARG A 134 -17.49 12.41 -16.95
C ARG A 134 -18.41 12.39 -15.73
N GLY B 14 16.91 34.99 11.69
CA GLY B 14 16.28 34.57 12.93
C GLY B 14 14.88 35.13 13.07
N ALA B 15 14.53 36.05 12.18
CA ALA B 15 13.21 36.66 12.18
C ALA B 15 12.14 35.79 11.53
N LYS B 16 12.53 34.68 10.90
CA LYS B 16 11.58 33.78 10.28
C LYS B 16 10.94 32.92 11.37
N ARG B 17 9.65 33.12 11.59
CA ARG B 17 8.96 32.38 12.64
C ARG B 17 8.68 30.96 12.18
N HIS B 18 8.51 30.07 13.16
CA HIS B 18 8.16 28.70 12.85
C HIS B 18 6.77 28.65 12.23
N ARG B 19 6.67 28.03 11.06
CA ARG B 19 5.42 27.94 10.31
C ARG B 19 4.94 26.51 10.18
N LYS B 20 5.81 25.60 9.75
CA LYS B 20 5.50 24.17 9.68
C LYS B 20 4.34 23.89 8.75
N VAL B 21 4.30 24.59 7.61
CA VAL B 21 3.32 24.27 6.58
C VAL B 21 3.73 22.97 5.90
N LEU B 22 2.74 22.16 5.54
CA LEU B 22 3.01 20.89 4.90
C LEU B 22 2.16 20.77 3.63
N ARG B 23 2.71 20.04 2.66
CA ARG B 23 2.06 19.90 1.37
C ARG B 23 0.84 19.00 1.48
N ASP B 24 -0.12 19.22 0.59
CA ASP B 24 -1.16 18.23 0.40
C ASP B 24 -0.55 16.95 -0.11
N ASN B 25 -1.19 15.82 0.19
CA ASN B 25 -0.64 14.55 -0.25
C ASN B 25 -0.78 14.36 -1.75
N ILE B 26 -1.77 15.01 -2.37
CA ILE B 26 -1.90 14.92 -3.81
C ILE B 26 -0.71 15.58 -4.50
N GLN B 27 -0.07 16.55 -3.85
CA GLN B 27 1.14 17.16 -4.39
C GLN B 27 2.33 16.22 -4.33
N GLY B 28 2.20 15.08 -3.67
CA GLY B 28 3.22 14.06 -3.74
C GLY B 28 3.27 13.34 -5.06
N ILE B 29 2.27 13.56 -5.92
CA ILE B 29 2.35 13.10 -7.32
C ILE B 29 3.07 14.21 -8.07
N THR B 30 4.40 14.17 -7.99
CA THR B 30 5.22 15.27 -8.42
C THR B 30 5.16 15.42 -9.92
N LYS B 31 5.48 16.63 -10.40
CA LYS B 31 5.42 16.91 -11.83
C LYS B 31 6.20 15.92 -12.69
N PRO B 32 7.43 15.54 -12.34
CA PRO B 32 8.12 14.54 -13.16
C PRO B 32 7.42 13.22 -13.24
N ALA B 33 6.68 12.81 -12.21
CA ALA B 33 5.96 11.54 -12.30
C ALA B 33 4.88 11.61 -13.37
N ILE B 34 4.16 12.72 -13.44
CA ILE B 34 3.19 12.87 -14.52
C ILE B 34 3.91 12.91 -15.85
N ARG B 35 5.09 13.52 -15.91
CA ARG B 35 5.81 13.52 -17.18
C ARG B 35 6.19 12.11 -17.60
N ARG B 36 6.64 11.27 -16.66
CA ARG B 36 6.98 9.90 -17.00
C ARG B 36 5.76 9.12 -17.48
N LEU B 37 4.64 9.28 -16.78
CA LEU B 37 3.43 8.61 -17.23
C LEU B 37 3.04 9.08 -18.62
N ALA B 38 3.22 10.36 -18.89
CA ALA B 38 2.91 10.88 -20.21
C ALA B 38 3.81 10.28 -21.27
N ARG B 39 5.10 10.17 -20.96
CA ARG B 39 6.04 9.59 -21.92
C ARG B 39 5.64 8.16 -22.24
N ARG B 40 5.37 7.35 -21.22
CA ARG B 40 4.89 6.02 -21.50
C ARG B 40 3.56 6.05 -22.25
N GLY B 41 2.81 7.12 -22.13
CA GLY B 41 1.67 7.25 -23.03
C GLY B 41 2.04 7.66 -24.43
N GLY B 42 3.30 7.99 -24.67
CA GLY B 42 3.73 8.38 -25.99
C GLY B 42 3.53 9.84 -26.30
N VAL B 43 3.48 10.70 -25.30
CA VAL B 43 3.18 12.11 -25.45
C VAL B 43 4.48 12.89 -25.48
N LYS B 44 4.65 13.75 -26.47
CA LYS B 44 5.93 14.41 -26.67
C LYS B 44 6.02 15.75 -25.93
N ARG B 45 5.14 16.69 -26.26
CA ARG B 45 5.19 18.03 -25.69
C ARG B 45 4.02 18.20 -24.74
N ILE B 46 4.30 18.72 -23.55
CA ILE B 46 3.34 18.75 -22.47
C ILE B 46 3.07 20.20 -22.10
N SER B 47 1.81 20.51 -21.82
CA SER B 47 1.44 21.85 -21.37
C SER B 47 1.90 22.03 -19.94
N GLY B 48 1.48 23.11 -19.31
CA GLY B 48 1.92 23.39 -17.97
C GLY B 48 0.75 23.38 -17.02
N LEU B 49 -0.43 23.47 -17.59
CA LEU B 49 -1.66 23.43 -16.82
C LEU B 49 -2.17 22.02 -16.67
N ILE B 50 -1.43 21.02 -17.12
CA ILE B 50 -1.99 19.69 -17.26
C ILE B 50 -1.79 18.90 -15.97
N TYR B 51 -0.85 19.31 -15.13
CA TYR B 51 -0.57 18.61 -13.89
C TYR B 51 -1.69 18.73 -12.88
N GLU B 52 -2.40 19.84 -12.82
CA GLU B 52 -3.56 19.89 -11.95
C GLU B 52 -4.70 19.01 -12.43
N GLU B 53 -4.92 18.92 -13.74
CA GLU B 53 -5.91 17.97 -14.23
C GLU B 53 -5.53 16.55 -13.88
N THR B 54 -4.25 16.21 -14.00
CA THR B 54 -3.84 14.85 -13.63
C THR B 54 -4.06 14.59 -12.15
N ARG B 55 -3.63 15.53 -11.31
CA ARG B 55 -3.83 15.35 -9.89
C ARG B 55 -5.30 15.28 -9.53
N GLY B 56 -6.16 15.89 -10.33
CA GLY B 56 -7.58 15.84 -10.04
C GLY B 56 -8.25 14.58 -10.51
N VAL B 57 -7.78 13.98 -11.60
CA VAL B 57 -8.42 12.76 -12.06
C VAL B 57 -7.91 11.56 -11.27
N LEU B 58 -6.66 11.59 -10.82
CA LEU B 58 -6.15 10.51 -10.01
C LEU B 58 -6.94 10.39 -8.71
N LYS B 59 -7.24 11.50 -8.07
CA LYS B 59 -7.95 11.44 -6.80
C LYS B 59 -9.35 10.87 -6.98
N VAL B 60 -10.03 11.22 -8.06
CA VAL B 60 -11.35 10.67 -8.31
C VAL B 60 -11.26 9.16 -8.48
N PHE B 61 -10.30 8.71 -9.28
CA PHE B 61 -10.16 7.27 -9.49
C PHE B 61 -9.93 6.56 -8.16
N LEU B 62 -9.01 7.08 -7.36
CA LEU B 62 -8.67 6.43 -6.10
C LEU B 62 -9.84 6.40 -5.15
N GLU B 63 -10.60 7.48 -5.06
CA GLU B 63 -11.75 7.45 -4.16
C GLU B 63 -12.76 6.41 -4.60
N ASN B 64 -13.06 6.36 -5.89
CA ASN B 64 -14.04 5.37 -6.34
C ASN B 64 -13.59 3.95 -6.06
N VAL B 65 -12.29 3.67 -6.14
CA VAL B 65 -11.86 2.30 -5.87
C VAL B 65 -11.83 2.01 -4.38
N ILE B 66 -11.26 2.94 -3.61
CA ILE B 66 -11.05 2.69 -2.19
C ILE B 66 -12.37 2.59 -1.47
N ARG B 67 -13.39 3.30 -1.91
CA ARG B 67 -14.69 3.19 -1.24
C ARG B 67 -15.18 1.74 -1.27
N ASP B 68 -15.15 1.12 -2.44
CA ASP B 68 -15.61 -0.27 -2.54
C ASP B 68 -14.70 -1.22 -1.82
N ALA B 69 -13.39 -1.01 -1.87
CA ALA B 69 -12.50 -1.88 -1.11
C ALA B 69 -12.83 -1.84 0.37
N VAL B 70 -13.08 -0.64 0.90
CA VAL B 70 -13.41 -0.54 2.31
C VAL B 70 -14.76 -1.17 2.59
N THR B 71 -15.72 -1.07 1.67
CA THR B 71 -16.99 -1.73 1.89
C THR B 71 -16.82 -3.24 2.01
N TYR B 72 -16.07 -3.83 1.09
CA TYR B 72 -15.80 -5.26 1.15
C TYR B 72 -15.13 -5.63 2.45
N THR B 73 -14.22 -4.78 2.93
CA THR B 73 -13.57 -5.06 4.20
C THR B 73 -14.55 -5.01 5.35
N GLU B 74 -15.44 -4.01 5.36
CA GLU B 74 -16.47 -3.92 6.40
C GLU B 74 -17.25 -5.19 6.49
N HIS B 75 -17.67 -5.73 5.35
CA HIS B 75 -18.59 -6.85 5.37
C HIS B 75 -17.99 -8.05 6.08
N ALA B 76 -16.72 -8.33 5.85
CA ALA B 76 -16.09 -9.47 6.50
C ALA B 76 -15.81 -9.23 7.96
N LYS B 77 -16.21 -8.08 8.51
CA LYS B 77 -15.88 -7.70 9.88
C LYS B 77 -14.39 -7.71 10.12
N ARG B 78 -13.62 -7.22 9.15
CA ARG B 78 -12.19 -7.09 9.30
C ARG B 78 -11.82 -5.63 9.52
N LYS B 79 -10.55 -5.41 9.83
CA LYS B 79 -10.00 -4.07 9.92
C LYS B 79 -8.76 -3.94 9.05
N THR B 80 -8.53 -4.93 8.19
CA THR B 80 -7.41 -4.96 7.28
C THR B 80 -7.95 -4.99 5.87
N VAL B 81 -7.44 -4.15 5.00
CA VAL B 81 -7.82 -4.15 3.59
C VAL B 81 -6.83 -5.03 2.87
N THR B 82 -7.23 -6.27 2.58
CA THR B 82 -6.36 -7.21 1.91
C THR B 82 -6.35 -6.95 0.41
N ALA B 83 -5.32 -7.46 -0.25
CA ALA B 83 -5.23 -7.28 -1.70
C ALA B 83 -6.39 -7.90 -2.42
N MET B 84 -7.02 -8.91 -1.83
CA MET B 84 -8.13 -9.52 -2.52
C MET B 84 -9.34 -8.58 -2.52
N ASP B 85 -9.47 -7.75 -1.49
CA ASP B 85 -10.50 -6.73 -1.50
C ASP B 85 -10.30 -5.75 -2.63
N VAL B 86 -9.07 -5.30 -2.84
CA VAL B 86 -8.80 -4.36 -3.93
C VAL B 86 -9.06 -5.02 -5.27
N VAL B 87 -8.67 -6.28 -5.40
CA VAL B 87 -8.91 -6.97 -6.67
C VAL B 87 -10.41 -7.08 -6.92
N TYR B 88 -11.18 -7.41 -5.89
CA TYR B 88 -12.62 -7.44 -6.02
C TYR B 88 -13.19 -6.08 -6.39
N ALA B 89 -12.71 -5.03 -5.75
CA ALA B 89 -13.22 -3.69 -6.02
C ALA B 89 -12.94 -3.28 -7.45
N LEU B 90 -11.73 -3.54 -7.93
CA LEU B 90 -11.39 -3.23 -9.31
C LEU B 90 -12.26 -4.01 -10.27
N LYS B 91 -12.34 -5.33 -10.07
CA LYS B 91 -13.14 -6.17 -10.93
C LYS B 91 -14.59 -5.72 -10.96
N ARG B 92 -15.06 -5.12 -9.86
CA ARG B 92 -16.42 -4.62 -9.84
C ARG B 92 -16.62 -3.49 -10.83
N GLN B 93 -15.56 -2.70 -11.09
CA GLN B 93 -15.65 -1.55 -11.98
C GLN B 93 -15.19 -1.86 -13.39
N GLY B 94 -15.11 -3.13 -13.76
CA GLY B 94 -14.63 -3.49 -15.07
C GLY B 94 -13.19 -3.11 -15.31
N ARG B 95 -12.32 -3.42 -14.35
CA ARG B 95 -10.90 -3.15 -14.48
C ARG B 95 -10.09 -4.33 -13.96
N THR B 96 -10.43 -5.53 -14.43
CA THR B 96 -9.83 -6.75 -13.91
C THR B 96 -8.31 -6.65 -13.86
N LEU B 97 -7.74 -7.07 -12.74
CA LEU B 97 -6.31 -7.03 -12.51
C LEU B 97 -5.80 -8.45 -12.32
N TYR B 98 -4.77 -8.81 -13.07
CA TYR B 98 -4.15 -10.11 -12.97
C TYR B 98 -2.86 -10.01 -12.21
N GLY B 99 -2.67 -10.89 -11.24
CA GLY B 99 -1.37 -10.98 -10.60
C GLY B 99 -1.39 -10.88 -9.11
N PHE B 100 -2.58 -10.85 -8.51
CA PHE B 100 -2.67 -10.83 -7.05
C PHE B 100 -3.70 -11.80 -6.51
N GLY B 101 -4.31 -12.62 -7.35
CA GLY B 101 -5.32 -13.55 -6.90
C GLY B 101 -6.67 -13.28 -7.53
N ALA C 12 -54.97 -19.69 12.96
CA ALA C 12 -54.87 -18.23 12.94
C ALA C 12 -55.06 -17.69 11.53
N LYS C 13 -55.60 -16.47 11.43
CA LYS C 13 -55.75 -15.83 10.12
C LYS C 13 -54.37 -15.44 9.58
N ALA C 14 -54.15 -15.75 8.31
CA ALA C 14 -52.85 -15.52 7.69
C ALA C 14 -52.63 -14.04 7.44
N LYS C 15 -51.39 -13.59 7.59
CA LYS C 15 -51.00 -12.24 7.24
C LYS C 15 -49.74 -12.27 6.39
N THR C 16 -49.77 -11.58 5.26
CA THR C 16 -48.62 -11.56 4.37
C THR C 16 -47.42 -10.97 5.08
N ARG C 17 -46.24 -11.38 4.66
CA ARG C 17 -45.04 -10.80 5.22
C ARG C 17 -44.88 -9.35 4.80
N SER C 18 -45.42 -8.96 3.65
CA SER C 18 -45.33 -7.56 3.24
C SER C 18 -46.02 -6.66 4.24
N SER C 19 -47.27 -6.97 4.56
CA SER C 19 -48.00 -6.14 5.51
C SER C 19 -47.33 -6.18 6.87
N ARG C 20 -46.88 -7.35 7.29
CA ARG C 20 -46.18 -7.45 8.57
C ARG C 20 -44.92 -6.60 8.59
N ALA C 21 -44.32 -6.35 7.43
CA ALA C 21 -43.19 -5.45 7.35
C ALA C 21 -43.59 -4.03 7.00
N GLY C 22 -44.79 -3.83 6.51
CA GLY C 22 -45.26 -2.49 6.16
C GLY C 22 -44.92 -2.04 4.77
N LEU C 23 -44.50 -2.95 3.89
CA LEU C 23 -44.11 -2.58 2.54
C LEU C 23 -45.26 -2.81 1.57
N GLN C 24 -45.04 -2.45 0.32
CA GLN C 24 -45.98 -2.75 -0.75
C GLN C 24 -45.49 -3.81 -1.70
N PHE C 25 -44.19 -3.99 -1.82
CA PHE C 25 -43.68 -5.02 -2.71
C PHE C 25 -43.84 -6.40 -2.09
N PRO C 26 -43.92 -7.45 -2.89
CA PRO C 26 -44.19 -8.78 -2.36
C PRO C 26 -42.94 -9.41 -1.76
N VAL C 27 -43.00 -9.73 -0.48
CA VAL C 27 -41.86 -10.33 0.17
C VAL C 27 -41.80 -11.83 -0.09
N GLY C 28 -42.93 -12.49 -0.24
CA GLY C 28 -42.91 -13.90 -0.55
C GLY C 28 -42.32 -14.18 -1.92
N ARG C 29 -42.68 -13.38 -2.91
CA ARG C 29 -42.15 -13.59 -4.25
C ARG C 29 -40.66 -13.31 -4.29
N VAL C 30 -40.20 -12.28 -3.61
CA VAL C 30 -38.76 -12.00 -3.56
C VAL C 30 -38.04 -13.17 -2.90
N HIS C 31 -38.63 -13.72 -1.84
CA HIS C 31 -38.03 -14.88 -1.19
C HIS C 31 -37.92 -16.05 -2.15
N ARG C 32 -38.99 -16.32 -2.88
CA ARG C 32 -38.99 -17.44 -3.79
C ARG C 32 -37.94 -17.27 -4.88
N LEU C 33 -37.80 -16.06 -5.39
CA LEU C 33 -36.81 -15.83 -6.44
C LEU C 33 -35.39 -15.96 -5.90
N LEU C 34 -35.13 -15.40 -4.74
CA LEU C 34 -33.82 -15.57 -4.13
C LEU C 34 -33.50 -17.04 -3.92
N ARG C 35 -34.49 -17.84 -3.53
CA ARG C 35 -34.22 -19.24 -3.30
C ARG C 35 -33.99 -19.96 -4.61
N LYS C 36 -34.98 -19.98 -5.49
CA LYS C 36 -34.85 -20.70 -6.75
C LYS C 36 -34.26 -19.80 -7.83
N GLY C 37 -33.18 -19.11 -7.49
CA GLY C 37 -32.45 -18.35 -8.47
C GLY C 37 -30.98 -18.72 -8.56
N ASN C 38 -30.56 -19.70 -7.78
CA ASN C 38 -29.17 -20.16 -7.74
C ASN C 38 -28.23 -19.06 -7.27
N TYR C 39 -28.56 -18.46 -6.14
CA TYR C 39 -27.72 -17.42 -5.58
C TYR C 39 -26.89 -17.90 -4.42
N ALA C 40 -27.49 -18.66 -3.52
CA ALA C 40 -26.77 -19.27 -2.42
C ALA C 40 -27.54 -20.50 -1.99
N GLU C 41 -26.92 -21.29 -1.13
CA GLU C 41 -27.57 -22.52 -0.72
C GLU C 41 -28.76 -22.26 0.19
N ARG C 42 -28.61 -21.35 1.14
CA ARG C 42 -29.68 -21.06 2.10
C ARG C 42 -29.97 -19.57 2.10
N VAL C 43 -31.24 -19.22 2.26
CA VAL C 43 -31.70 -17.84 2.20
C VAL C 43 -32.22 -17.45 3.56
N GLY C 44 -31.71 -16.35 4.11
CA GLY C 44 -32.12 -15.89 5.41
C GLY C 44 -33.59 -15.50 5.42
N ALA C 45 -33.99 -14.92 6.55
CA ALA C 45 -35.38 -14.50 6.71
C ALA C 45 -35.56 -13.01 6.55
N GLY C 46 -34.52 -12.22 6.76
CA GLY C 46 -34.64 -10.78 6.60
C GLY C 46 -34.30 -10.34 5.19
N ALA C 47 -33.60 -11.19 4.44
CA ALA C 47 -33.17 -10.78 3.10
C ALA C 47 -34.32 -10.42 2.18
N PRO C 48 -35.38 -11.21 2.07
CA PRO C 48 -36.50 -10.77 1.23
C PRO C 48 -37.09 -9.45 1.66
N VAL C 49 -37.18 -9.21 2.97
CA VAL C 49 -37.75 -7.97 3.48
C VAL C 49 -36.88 -6.78 3.06
N TYR C 50 -35.59 -6.88 3.32
CA TYR C 50 -34.67 -5.82 2.95
C TYR C 50 -34.69 -5.56 1.46
N LEU C 51 -34.64 -6.60 0.66
CA LEU C 51 -34.60 -6.41 -0.78
C LEU C 51 -35.88 -5.76 -1.27
N ALA C 52 -37.02 -6.19 -0.77
CA ALA C 52 -38.28 -5.59 -1.21
C ALA C 52 -38.33 -4.12 -0.82
N ALA C 53 -37.87 -3.79 0.37
CA ALA C 53 -37.88 -2.39 0.79
C ALA C 53 -37.01 -1.54 -0.13
N VAL C 54 -35.83 -2.04 -0.49
CA VAL C 54 -34.94 -1.26 -1.35
C VAL C 54 -35.55 -1.09 -2.73
N LEU C 55 -36.08 -2.16 -3.31
CA LEU C 55 -36.70 -2.02 -4.63
C LEU C 55 -37.86 -1.05 -4.59
N GLU C 56 -38.67 -1.10 -3.53
CA GLU C 56 -39.78 -0.17 -3.42
C GLU C 56 -39.29 1.25 -3.35
N TYR C 57 -38.22 1.50 -2.60
CA TYR C 57 -37.72 2.86 -2.50
C TYR C 57 -37.26 3.37 -3.85
N LEU C 58 -36.51 2.56 -4.60
CA LEU C 58 -36.02 3.02 -5.89
C LEU C 58 -37.17 3.31 -6.85
N THR C 59 -38.16 2.42 -6.87
CA THR C 59 -39.31 2.66 -7.73
C THR C 59 -40.03 3.95 -7.37
N ALA C 60 -40.22 4.20 -6.08
CA ALA C 60 -40.89 5.43 -5.68
C ALA C 60 -40.10 6.64 -6.11
N GLU C 61 -38.78 6.60 -5.97
CA GLU C 61 -37.95 7.72 -6.36
C GLU C 61 -38.11 8.04 -7.84
N ILE C 62 -37.89 7.05 -8.69
CA ILE C 62 -37.94 7.31 -10.12
C ILE C 62 -39.35 7.72 -10.53
N LEU C 63 -40.37 7.12 -9.93
CA LEU C 63 -41.73 7.43 -10.35
C LEU C 63 -42.13 8.83 -9.94
N GLU C 64 -41.69 9.29 -8.78
CA GLU C 64 -41.98 10.66 -8.40
C GLU C 64 -41.35 11.64 -9.37
N LEU C 65 -40.09 11.40 -9.74
CA LEU C 65 -39.47 12.31 -10.71
C LEU C 65 -40.21 12.28 -12.05
N ALA C 66 -40.57 11.10 -12.52
CA ALA C 66 -41.26 11.01 -13.79
C ALA C 66 -42.62 11.69 -13.73
N GLY C 67 -43.32 11.60 -12.61
CA GLY C 67 -44.59 12.29 -12.49
C GLY C 67 -44.43 13.80 -12.50
N ASN C 68 -43.41 14.30 -11.82
CA ASN C 68 -43.10 15.72 -11.92
C ASN C 68 -42.94 16.12 -13.38
N ALA C 69 -42.13 15.35 -14.10
CA ALA C 69 -41.87 15.70 -15.49
C ALA C 69 -43.15 15.65 -16.32
N ALA C 70 -44.00 14.65 -16.09
CA ALA C 70 -45.24 14.54 -16.85
C ALA C 70 -46.15 15.71 -16.59
N ARG C 71 -46.24 16.15 -15.35
CA ARG C 71 -47.03 17.34 -15.04
C ARG C 71 -46.43 18.58 -15.68
N ASP C 72 -45.10 18.58 -15.89
CA ASP C 72 -44.47 19.69 -16.58
C ASP C 72 -44.91 19.83 -18.03
N ASN C 73 -45.50 18.79 -18.62
CA ASN C 73 -46.03 18.85 -19.98
C ASN C 73 -47.55 18.82 -20.02
N LYS C 74 -48.20 19.12 -18.89
CA LYS C 74 -49.66 19.15 -18.84
C LYS C 74 -50.26 17.82 -19.26
N LYS C 75 -49.73 16.74 -18.70
CA LYS C 75 -50.20 15.40 -18.99
C LYS C 75 -50.34 14.62 -17.70
N THR C 76 -51.29 13.68 -17.69
CA THR C 76 -51.58 12.89 -16.50
C THR C 76 -51.19 11.43 -16.68
N ARG C 77 -50.22 11.17 -17.55
CA ARG C 77 -49.67 9.83 -17.67
C ARG C 77 -48.17 9.93 -17.87
N ILE C 78 -47.46 8.92 -17.37
CA ILE C 78 -46.03 8.85 -17.49
C ILE C 78 -45.72 8.01 -18.71
N ILE C 79 -45.14 8.62 -19.73
CA ILE C 79 -44.76 7.91 -20.94
C ILE C 79 -43.24 7.72 -20.91
N PRO C 80 -42.67 6.86 -21.74
CA PRO C 80 -41.23 6.63 -21.65
C PRO C 80 -40.40 7.87 -21.80
N ARG C 81 -40.89 8.90 -22.50
CA ARG C 81 -40.13 10.14 -22.58
C ARG C 81 -39.95 10.77 -21.21
N HIS C 82 -40.97 10.69 -20.36
CA HIS C 82 -40.84 11.27 -19.03
C HIS C 82 -39.90 10.46 -18.16
N LEU C 83 -39.93 9.14 -18.28
CA LEU C 83 -38.94 8.33 -17.59
C LEU C 83 -37.54 8.73 -18.04
N GLN C 84 -37.35 8.93 -19.34
CA GLN C 84 -36.07 9.37 -19.84
C GLN C 84 -35.66 10.70 -19.25
N LEU C 85 -36.57 11.67 -19.25
CA LEU C 85 -36.23 13.00 -18.76
C LEU C 85 -35.87 12.96 -17.28
N ALA C 86 -36.66 12.24 -16.49
CA ALA C 86 -36.36 12.14 -15.07
C ALA C 86 -35.03 11.46 -14.82
N VAL C 87 -34.76 10.38 -15.53
CA VAL C 87 -33.51 9.68 -15.32
C VAL C 87 -32.33 10.54 -15.72
N ARG C 88 -32.41 11.22 -16.85
CA ARG C 88 -31.27 11.95 -17.36
C ARG C 88 -31.07 13.30 -16.70
N ASN C 89 -32.09 13.84 -16.05
CA ASN C 89 -31.92 15.12 -15.37
C ASN C 89 -31.53 14.98 -13.92
N ASP C 90 -31.41 13.76 -13.41
CA ASP C 90 -30.99 13.52 -12.04
C ASP C 90 -29.63 12.85 -12.09
N GLU C 91 -28.67 13.43 -11.39
CA GLU C 91 -27.28 12.98 -11.50
C GLU C 91 -27.08 11.60 -10.89
N GLU C 92 -27.96 11.13 -10.02
CA GLU C 92 -27.78 9.83 -9.41
C GLU C 92 -28.34 8.72 -10.29
N LEU C 93 -29.60 8.83 -10.66
CA LEU C 93 -30.18 7.85 -11.56
C LEU C 93 -29.51 7.89 -12.93
N ASN C 94 -28.82 8.96 -13.25
CA ASN C 94 -28.05 8.97 -14.48
C ASN C 94 -26.76 8.18 -14.34
N LYS C 95 -26.29 7.93 -13.13
CA LYS C 95 -25.15 7.05 -12.93
C LYS C 95 -25.60 5.61 -12.80
N LEU C 96 -26.69 5.38 -12.08
CA LEU C 96 -27.19 4.02 -11.91
C LEU C 96 -27.62 3.43 -13.23
N LEU C 97 -28.09 4.25 -14.15
CA LEU C 97 -28.55 3.78 -15.43
C LEU C 97 -27.76 4.42 -16.56
N GLY C 98 -26.44 4.47 -16.42
CA GLY C 98 -25.62 5.08 -17.44
C GLY C 98 -25.51 4.25 -18.70
N ARG C 99 -25.41 2.94 -18.56
CA ARG C 99 -25.24 2.05 -19.69
C ARG C 99 -26.56 1.56 -20.24
N VAL C 100 -27.67 2.06 -19.73
CA VAL C 100 -28.99 1.57 -20.05
C VAL C 100 -29.62 2.43 -21.13
N THR C 101 -30.28 1.79 -22.09
CA THR C 101 -31.00 2.47 -23.15
C THR C 101 -32.49 2.28 -22.91
N ILE C 102 -33.21 3.38 -22.84
CA ILE C 102 -34.65 3.35 -22.60
C ILE C 102 -35.33 3.50 -23.95
N ALA C 103 -36.08 2.47 -24.35
CA ALA C 103 -36.73 2.50 -25.65
C ALA C 103 -37.71 3.65 -25.72
N GLN C 104 -37.76 4.32 -26.87
CA GLN C 104 -38.65 5.46 -27.08
C GLN C 104 -38.42 6.56 -26.07
N GLY C 105 -37.17 6.73 -25.65
CA GLY C 105 -36.88 7.75 -24.68
C GLY C 105 -36.46 9.06 -25.33
N GLY C 106 -35.81 8.98 -26.46
CA GLY C 106 -35.36 10.20 -27.10
C GLY C 106 -34.11 10.73 -26.44
N VAL C 107 -33.89 12.02 -26.63
CA VAL C 107 -32.66 12.67 -26.21
C VAL C 107 -32.99 13.91 -25.38
N LEU C 108 -32.16 14.16 -24.41
CA LEU C 108 -32.27 15.37 -23.61
C LEU C 108 -31.88 16.58 -24.46
N PRO C 109 -32.66 17.65 -24.49
CA PRO C 109 -32.36 18.76 -25.38
C PRO C 109 -31.07 19.46 -25.01
N ASN C 110 -30.18 19.62 -25.99
CA ASN C 110 -28.87 20.21 -25.74
C ASN C 110 -28.23 20.55 -27.07
N ILE C 111 -27.85 21.82 -27.26
CA ILE C 111 -27.07 22.23 -28.42
C ILE C 111 -25.90 23.08 -27.93
N GLN C 112 -24.74 22.87 -28.53
CA GLN C 112 -23.53 23.51 -28.05
C GLN C 112 -23.58 25.02 -28.28
N SER C 113 -23.03 25.77 -27.33
CA SER C 113 -23.07 27.22 -27.39
C SER C 113 -22.27 27.76 -28.55
N VAL C 114 -21.23 27.05 -28.97
CA VAL C 114 -20.41 27.51 -30.08
C VAL C 114 -21.20 27.50 -31.37
N LEU C 115 -22.26 26.70 -31.46
CA LEU C 115 -23.04 26.63 -32.68
C LEU C 115 -24.11 27.70 -32.79
N LEU C 116 -24.42 28.41 -31.73
CA LEU C 116 -25.50 29.39 -31.79
C LEU C 116 -25.07 30.62 -32.58
N PRO C 117 -25.99 31.24 -33.32
CA PRO C 117 -25.59 32.30 -34.23
C PRO C 117 -25.22 33.56 -33.49
N LYS C 118 -24.39 34.37 -34.14
CA LYS C 118 -23.96 35.63 -33.55
C LYS C 118 -25.06 36.69 -33.68
N THR D 29 -51.20 -18.40 -20.21
CA THR D 29 -50.33 -18.83 -19.11
C THR D 29 -50.03 -17.67 -18.18
N ARG D 30 -49.45 -17.95 -17.03
CA ARG D 30 -49.16 -16.93 -16.03
C ARG D 30 -47.72 -16.47 -16.20
N LYS D 31 -47.55 -15.19 -16.50
CA LYS D 31 -46.25 -14.54 -16.53
C LYS D 31 -46.31 -13.42 -15.50
N GLU D 32 -45.80 -13.69 -14.30
CA GLU D 32 -45.91 -12.72 -13.23
C GLU D 32 -44.88 -11.61 -13.39
N SER D 33 -45.20 -10.46 -12.80
CA SER D 33 -44.41 -9.26 -12.99
C SER D 33 -44.71 -8.29 -11.87
N TYR D 34 -43.88 -7.25 -11.77
CA TYR D 34 -44.05 -6.22 -10.76
C TYR D 34 -44.94 -5.08 -11.24
N ALA D 35 -46.08 -5.39 -11.82
CA ALA D 35 -46.91 -4.31 -12.30
C ALA D 35 -47.75 -3.71 -11.18
N ILE D 36 -48.47 -4.56 -10.46
CA ILE D 36 -49.43 -4.03 -9.50
C ILE D 36 -48.72 -3.34 -8.36
N TYR D 37 -47.53 -3.80 -7.98
CA TYR D 37 -46.81 -3.15 -6.91
C TYR D 37 -46.28 -1.79 -7.33
N VAL D 38 -45.79 -1.68 -8.56
CA VAL D 38 -45.38 -0.39 -9.08
C VAL D 38 -46.54 0.56 -9.12
N TYR D 39 -47.70 0.10 -9.56
CA TYR D 39 -48.85 0.98 -9.60
C TYR D 39 -49.29 1.39 -8.21
N LYS D 40 -49.15 0.49 -7.24
CA LYS D 40 -49.49 0.84 -5.87
C LYS D 40 -48.57 1.93 -5.34
N VAL D 41 -47.27 1.82 -5.62
CA VAL D 41 -46.34 2.87 -5.20
C VAL D 41 -46.66 4.18 -5.90
N LEU D 42 -46.97 4.12 -7.20
CA LEU D 42 -47.31 5.33 -7.92
C LEU D 42 -48.50 6.02 -7.30
N LYS D 43 -49.59 5.29 -7.11
CA LYS D 43 -50.75 5.91 -6.50
C LYS D 43 -50.51 6.29 -5.06
N GLN D 44 -49.40 5.85 -4.48
CA GLN D 44 -49.03 6.39 -3.18
C GLN D 44 -48.33 7.74 -3.31
N VAL D 45 -47.48 7.91 -4.32
CA VAL D 45 -46.65 9.12 -4.42
C VAL D 45 -47.38 10.24 -5.16
N HIS D 46 -47.88 9.98 -6.36
CA HIS D 46 -48.66 10.94 -7.14
C HIS D 46 -50.06 10.40 -7.22
N PRO D 47 -50.96 10.77 -6.31
CA PRO D 47 -52.23 10.06 -6.20
C PRO D 47 -53.11 10.16 -7.42
N ASP D 48 -52.90 11.14 -8.28
CA ASP D 48 -53.79 11.40 -9.40
C ASP D 48 -53.09 11.33 -10.75
N THR D 49 -52.09 10.46 -10.87
CA THR D 49 -51.33 10.29 -12.09
C THR D 49 -51.40 8.85 -12.54
N GLY D 50 -51.55 8.63 -13.85
CA GLY D 50 -51.56 7.31 -14.41
C GLY D 50 -50.21 6.91 -14.95
N ILE D 51 -50.20 5.83 -15.72
CA ILE D 51 -48.97 5.38 -16.36
C ILE D 51 -49.33 4.46 -17.52
N SER D 52 -48.71 4.68 -18.66
CA SER D 52 -49.04 3.94 -19.87
C SER D 52 -48.46 2.53 -19.78
N SER D 53 -48.63 1.77 -20.86
CA SER D 53 -48.19 0.38 -20.82
C SER D 53 -46.68 0.25 -21.02
N LYS D 54 -46.14 0.92 -22.03
CA LYS D 54 -44.71 0.82 -22.29
C LYS D 54 -43.90 1.34 -21.12
N ALA D 55 -44.39 2.40 -20.48
CA ALA D 55 -43.74 2.89 -19.28
C ALA D 55 -43.72 1.83 -18.20
N MET D 56 -44.83 1.11 -18.04
CA MET D 56 -44.86 0.06 -17.04
C MET D 56 -43.90 -1.07 -17.39
N SER D 57 -43.80 -1.43 -18.67
CA SER D 57 -42.85 -2.45 -19.05
C SER D 57 -41.43 -2.02 -18.75
N ILE D 58 -41.12 -0.76 -19.00
CA ILE D 58 -39.79 -0.26 -18.68
C ILE D 58 -39.56 -0.30 -17.18
N MET D 59 -40.58 0.01 -16.39
CA MET D 59 -40.39 -0.02 -14.94
C MET D 59 -40.20 -1.45 -14.44
N ASN D 60 -40.95 -2.39 -15.00
CA ASN D 60 -40.79 -3.77 -14.64
C ASN D 60 -39.39 -4.28 -14.99
N SER D 61 -38.90 -3.93 -16.17
CA SER D 61 -37.55 -4.30 -16.56
C SER D 61 -36.53 -3.65 -15.64
N PHE D 62 -36.78 -2.43 -15.23
CA PHE D 62 -35.86 -1.76 -14.31
C PHE D 62 -35.79 -2.50 -12.98
N VAL D 63 -36.95 -2.89 -12.44
CA VAL D 63 -36.95 -3.59 -11.17
C VAL D 63 -36.24 -4.92 -11.29
N ASN D 64 -36.48 -5.65 -12.38
CA ASN D 64 -35.78 -6.92 -12.56
C ASN D 64 -34.27 -6.71 -12.64
N ASP D 65 -33.84 -5.69 -13.37
CA ASP D 65 -32.40 -5.45 -13.52
C ASP D 65 -31.78 -5.13 -12.18
N VAL D 66 -32.43 -4.29 -11.38
CA VAL D 66 -31.86 -3.93 -10.09
C VAL D 66 -31.85 -5.12 -9.15
N PHE D 67 -32.91 -5.92 -9.16
CA PHE D 67 -32.95 -7.12 -8.34
C PHE D 67 -31.81 -8.04 -8.71
N GLU D 68 -31.60 -8.23 -10.00
CA GLU D 68 -30.53 -9.12 -10.45
C GLU D 68 -29.17 -8.60 -10.05
N ARG D 69 -28.93 -7.29 -10.17
CA ARG D 69 -27.63 -6.75 -9.79
C ARG D 69 -27.39 -6.95 -8.30
N ILE D 70 -28.35 -6.59 -7.48
CA ILE D 70 -28.17 -6.71 -6.02
C ILE D 70 -27.99 -8.17 -5.64
N ALA D 71 -28.82 -9.05 -6.17
CA ALA D 71 -28.75 -10.44 -5.79
C ALA D 71 -27.43 -11.07 -6.24
N GLY D 72 -26.97 -10.76 -7.44
CA GLY D 72 -25.70 -11.29 -7.89
C GLY D 72 -24.54 -10.80 -7.05
N GLU D 73 -24.55 -9.52 -6.71
CA GLU D 73 -23.45 -9.00 -5.90
C GLU D 73 -23.48 -9.60 -4.51
N ALA D 74 -24.66 -9.79 -3.94
CA ALA D 74 -24.74 -10.43 -2.63
C ALA D 74 -24.33 -11.89 -2.70
N SER D 75 -24.64 -12.56 -3.81
CA SER D 75 -24.22 -13.94 -3.96
C SER D 75 -22.71 -14.04 -3.99
N ARG D 76 -22.06 -13.14 -4.73
CA ARG D 76 -20.61 -13.14 -4.71
C ARG D 76 -20.07 -12.74 -3.34
N LEU D 77 -20.76 -11.87 -2.63
CA LEU D 77 -20.30 -11.51 -1.30
C LEU D 77 -20.32 -12.69 -0.36
N ALA D 78 -21.38 -13.49 -0.42
CA ALA D 78 -21.42 -14.71 0.37
C ALA D 78 -20.34 -15.68 -0.07
N HIS D 79 -20.11 -15.80 -1.37
CA HIS D 79 -19.12 -16.76 -1.83
C HIS D 79 -17.71 -16.35 -1.45
N TYR D 80 -17.43 -15.04 -1.42
CA TYR D 80 -16.08 -14.59 -1.06
C TYR D 80 -15.75 -14.93 0.37
N ASN D 81 -16.73 -14.82 1.26
CA ASN D 81 -16.51 -15.04 2.68
C ASN D 81 -16.82 -16.46 3.11
N LYS D 82 -17.09 -17.34 2.18
CA LYS D 82 -17.29 -18.77 2.44
C LYS D 82 -18.52 -18.99 3.32
N ARG D 83 -19.62 -18.40 2.88
CA ARG D 83 -20.91 -18.55 3.52
C ARG D 83 -21.88 -19.17 2.56
N SER D 84 -22.77 -20.00 3.10
CA SER D 84 -23.80 -20.64 2.30
C SER D 84 -25.14 -19.95 2.43
N THR D 85 -25.20 -18.82 3.10
CA THR D 85 -26.46 -18.16 3.42
C THR D 85 -26.44 -16.73 2.94
N ILE D 86 -27.56 -16.29 2.37
CA ILE D 86 -27.78 -14.89 2.07
C ILE D 86 -28.66 -14.31 3.17
N THR D 87 -28.17 -13.26 3.82
CA THR D 87 -28.90 -12.62 4.90
C THR D 87 -29.18 -11.18 4.54
N SER D 88 -29.78 -10.44 5.46
CA SER D 88 -30.00 -9.03 5.24
C SER D 88 -28.69 -8.26 5.23
N ARG D 89 -27.69 -8.75 5.92
CA ARG D 89 -26.42 -8.04 5.93
C ARG D 89 -25.75 -8.08 4.56
N GLU D 90 -25.87 -9.20 3.84
CA GLU D 90 -25.36 -9.25 2.48
C GLU D 90 -26.11 -8.29 1.57
N ILE D 91 -27.42 -8.21 1.71
CA ILE D 91 -28.19 -7.31 0.87
C ILE D 91 -27.80 -5.87 1.15
N GLN D 92 -27.61 -5.52 2.40
CA GLN D 92 -27.22 -4.15 2.73
C GLN D 92 -25.86 -3.83 2.15
N THR D 93 -24.91 -4.74 2.26
CA THR D 93 -23.61 -4.46 1.66
C THR D 93 -23.71 -4.33 0.15
N ALA D 94 -24.50 -5.18 -0.49
CA ALA D 94 -24.64 -5.08 -1.94
C ALA D 94 -25.26 -3.77 -2.35
N VAL D 95 -26.27 -3.30 -1.62
CA VAL D 95 -26.88 -2.04 -2.04
C VAL D 95 -25.93 -0.88 -1.81
N ARG D 96 -25.12 -0.92 -0.74
CA ARG D 96 -24.08 0.09 -0.65
C ARG D 96 -23.06 0.00 -1.77
N LEU D 97 -22.84 -1.18 -2.34
CA LEU D 97 -21.88 -1.28 -3.42
C LEU D 97 -22.45 -0.78 -4.73
N LEU D 98 -23.73 -1.06 -5.00
CA LEU D 98 -24.30 -0.68 -6.29
C LEU D 98 -24.71 0.79 -6.34
N LEU D 99 -25.53 1.23 -5.41
CA LEU D 99 -26.18 2.51 -5.59
C LEU D 99 -25.22 3.66 -5.32
N PRO D 100 -25.36 4.76 -6.04
CA PRO D 100 -24.48 5.91 -5.82
C PRO D 100 -24.96 6.88 -4.76
N GLY D 101 -24.14 7.11 -3.74
CA GLY D 101 -24.32 8.20 -2.80
C GLY D 101 -25.64 8.31 -2.08
N GLU D 102 -26.42 9.33 -2.43
CA GLU D 102 -27.67 9.61 -1.73
C GLU D 102 -28.65 8.46 -1.87
N LEU D 103 -28.75 7.89 -3.07
CA LEU D 103 -29.63 6.73 -3.25
C LEU D 103 -29.26 5.63 -2.28
N ALA D 104 -27.98 5.31 -2.18
CA ALA D 104 -27.55 4.25 -1.29
C ALA D 104 -27.91 4.58 0.15
N LYS D 105 -27.66 5.81 0.57
CA LYS D 105 -27.94 6.18 1.95
C LYS D 105 -29.41 6.01 2.27
N HIS D 106 -30.27 6.54 1.42
CA HIS D 106 -31.70 6.52 1.73
C HIS D 106 -32.26 5.11 1.62
N ALA D 107 -31.78 4.32 0.67
CA ALA D 107 -32.28 2.96 0.53
C ALA D 107 -31.85 2.11 1.72
N VAL D 108 -30.62 2.29 2.20
CA VAL D 108 -30.19 1.58 3.40
C VAL D 108 -31.09 1.94 4.57
N SER D 109 -31.40 3.23 4.71
CA SER D 109 -32.31 3.64 5.77
C SER D 109 -33.65 2.94 5.66
N GLU D 110 -34.22 2.91 4.45
CA GLU D 110 -35.53 2.29 4.27
C GLU D 110 -35.51 0.81 4.61
N GLY D 111 -34.49 0.10 4.14
CA GLY D 111 -34.41 -1.33 4.39
C GLY D 111 -34.25 -1.64 5.86
N THR D 112 -33.39 -0.90 6.55
CA THR D 112 -33.25 -1.10 7.98
C THR D 112 -34.58 -0.89 8.68
N LYS D 113 -35.31 0.16 8.30
CA LYS D 113 -36.60 0.42 8.89
C LYS D 113 -37.56 -0.74 8.70
N ALA D 114 -37.65 -1.26 7.47
CA ALA D 114 -38.63 -2.32 7.19
C ALA D 114 -38.27 -3.60 7.91
N VAL D 115 -36.98 -3.96 7.95
CA VAL D 115 -36.60 -5.20 8.61
C VAL D 115 -36.82 -5.10 10.10
N THR D 116 -36.54 -3.93 10.69
CA THR D 116 -36.83 -3.76 12.11
C THR D 116 -38.31 -3.91 12.39
N LYS D 117 -39.14 -3.28 11.58
CA LYS D 117 -40.57 -3.38 11.80
C LYS D 117 -41.05 -4.81 11.67
N TYR D 118 -40.52 -5.54 10.69
CA TYR D 118 -40.91 -6.93 10.49
C TYR D 118 -40.53 -7.79 11.66
N THR D 119 -39.30 -7.65 12.16
CA THR D 119 -38.88 -8.44 13.31
C THR D 119 -39.77 -8.13 14.52
N SER D 120 -40.05 -6.86 14.76
CA SER D 120 -40.88 -6.48 15.90
C SER D 120 -42.36 -6.70 15.55
N ALA D 121 -42.67 -7.93 15.17
CA ALA D 121 -44.05 -8.29 14.81
C ALA D 121 -44.25 -9.79 14.86
N ARG E 40 -34.34 34.70 -48.31
CA ARG E 40 -33.94 33.36 -47.88
C ARG E 40 -33.39 33.40 -46.46
N TYR E 41 -33.23 32.22 -45.88
CA TYR E 41 -32.62 32.07 -44.56
C TYR E 41 -31.13 31.92 -44.71
N ARG E 42 -30.38 32.68 -43.93
CA ARG E 42 -28.94 32.57 -44.05
C ARG E 42 -28.49 31.20 -43.59
N PRO E 43 -27.43 30.67 -44.20
CA PRO E 43 -27.02 29.30 -43.91
C PRO E 43 -26.76 29.08 -42.43
N GLY E 44 -27.28 27.97 -41.91
CA GLY E 44 -27.24 27.65 -40.51
C GLY E 44 -28.52 27.93 -39.76
N THR E 45 -29.34 28.85 -40.27
CA THR E 45 -30.61 29.13 -39.61
C THR E 45 -31.51 27.90 -39.61
N VAL E 46 -31.58 27.20 -40.74
CA VAL E 46 -32.45 26.05 -40.81
C VAL E 46 -31.86 24.89 -40.03
N ALA E 47 -30.54 24.87 -39.86
CA ALA E 47 -29.92 23.74 -39.19
C ALA E 47 -30.26 23.72 -37.71
N LEU E 48 -30.14 24.86 -37.04
CA LEU E 48 -30.45 24.87 -35.62
C LEU E 48 -31.91 24.58 -35.37
N ARG E 49 -32.79 25.13 -36.19
CA ARG E 49 -34.20 24.82 -36.08
C ARG E 49 -34.44 23.33 -36.27
N GLU E 50 -33.67 22.72 -37.16
CA GLU E 50 -33.83 21.31 -37.45
C GLU E 50 -33.40 20.48 -36.24
N ILE E 51 -32.29 20.88 -35.62
CA ILE E 51 -31.82 20.23 -34.39
C ILE E 51 -32.86 20.36 -33.30
N ARG E 52 -33.47 21.53 -33.15
CA ARG E 52 -34.51 21.67 -32.15
C ARG E 52 -35.66 20.73 -32.42
N ARG E 53 -36.04 20.58 -33.68
CA ARG E 53 -37.09 19.64 -34.02
C ARG E 53 -36.74 18.25 -33.54
N TYR E 54 -35.50 17.84 -33.75
CA TYR E 54 -35.19 16.43 -33.51
C TYR E 54 -34.73 16.10 -32.11
N GLN E 55 -34.26 17.06 -31.35
CA GLN E 55 -33.92 16.77 -29.96
C GLN E 55 -35.12 16.86 -29.06
N LYS E 56 -36.30 16.98 -29.62
CA LYS E 56 -37.54 17.09 -28.89
C LYS E 56 -38.49 15.93 -29.13
N SER E 57 -38.46 15.32 -30.30
CA SER E 57 -39.31 14.19 -30.60
C SER E 57 -38.67 12.91 -30.07
N THR E 58 -39.33 11.77 -30.30
CA THR E 58 -38.82 10.49 -29.84
C THR E 58 -38.82 9.40 -30.88
N GLU E 59 -39.54 9.55 -31.99
CA GLU E 59 -39.77 8.45 -32.89
C GLU E 59 -38.46 7.98 -33.54
N LEU E 60 -38.56 6.88 -34.27
CA LEU E 60 -37.42 6.34 -34.98
C LEU E 60 -37.12 7.19 -36.20
N LEU E 61 -35.83 7.39 -36.46
CA LEU E 61 -35.39 8.23 -37.56
C LEU E 61 -35.05 7.46 -38.81
N ILE E 62 -34.62 6.22 -38.69
CA ILE E 62 -34.37 5.38 -39.85
C ILE E 62 -35.68 4.73 -40.27
N ARG E 63 -35.85 4.50 -41.56
CA ARG E 63 -37.08 3.89 -42.04
C ARG E 63 -37.12 2.43 -41.60
N LYS E 64 -38.23 1.77 -41.89
CA LYS E 64 -38.42 0.42 -41.36
C LYS E 64 -37.92 -0.67 -42.30
N LEU E 65 -38.48 -0.75 -43.51
CA LEU E 65 -38.02 -1.75 -44.46
C LEU E 65 -36.54 -1.62 -44.79
N PRO E 66 -35.97 -0.44 -45.03
CA PRO E 66 -34.55 -0.39 -45.33
C PRO E 66 -33.67 -0.93 -44.23
N PHE E 67 -34.15 -0.95 -43.00
CA PHE E 67 -33.38 -1.52 -41.91
C PHE E 67 -33.63 -3.01 -41.75
N GLN E 68 -34.86 -3.46 -41.90
CA GLN E 68 -35.15 -4.88 -41.78
C GLN E 68 -34.49 -5.67 -42.89
N ARG E 69 -34.47 -5.14 -44.11
CA ARG E 69 -33.75 -5.81 -45.19
C ARG E 69 -32.29 -5.97 -44.83
N LEU E 70 -31.69 -4.93 -44.27
CA LEU E 70 -30.29 -4.99 -43.90
C LEU E 70 -30.07 -6.04 -42.84
N VAL E 71 -30.94 -6.09 -41.84
CA VAL E 71 -30.77 -7.05 -40.76
C VAL E 71 -30.82 -8.48 -41.30
N ARG E 72 -31.83 -8.78 -42.11
CA ARG E 72 -31.95 -10.13 -42.63
C ARG E 72 -30.76 -10.50 -43.49
N GLU E 73 -30.33 -9.63 -44.40
CA GLU E 73 -29.26 -10.09 -45.25
C GLU E 73 -27.91 -10.05 -44.56
N ILE E 74 -27.81 -9.39 -43.40
CA ILE E 74 -26.57 -9.41 -42.65
C ILE E 74 -26.51 -10.60 -41.71
N ALA E 75 -27.65 -11.18 -41.36
CA ALA E 75 -27.69 -12.44 -40.64
C ALA E 75 -27.73 -13.63 -41.58
N GLN E 76 -27.89 -13.39 -42.87
CA GLN E 76 -27.94 -14.49 -43.84
C GLN E 76 -26.69 -15.33 -43.78
N ASP E 77 -25.57 -14.77 -43.35
CA ASP E 77 -24.31 -15.49 -43.45
C ASP E 77 -23.97 -16.32 -42.22
N PHE E 78 -24.33 -15.87 -41.01
CA PHE E 78 -24.08 -16.67 -39.83
C PHE E 78 -24.84 -17.98 -39.87
N LYS E 79 -26.12 -17.92 -40.20
CA LYS E 79 -26.93 -19.11 -40.37
C LYS E 79 -27.99 -18.86 -41.42
N THR E 80 -28.11 -19.76 -42.37
CA THR E 80 -29.18 -19.66 -43.34
C THR E 80 -30.49 -20.15 -42.72
N ASP E 81 -31.59 -19.88 -43.40
CA ASP E 81 -32.90 -20.34 -42.99
C ASP E 81 -33.24 -19.80 -41.60
N LEU E 82 -33.13 -18.49 -41.44
CA LEU E 82 -33.42 -17.82 -40.18
C LEU E 82 -34.73 -17.04 -40.27
N ARG E 83 -35.35 -16.87 -39.12
CA ARG E 83 -36.59 -16.14 -39.00
C ARG E 83 -36.43 -15.11 -37.90
N PHE E 84 -37.25 -14.07 -37.96
CA PHE E 84 -37.17 -12.99 -36.98
C PHE E 84 -38.57 -12.64 -36.50
N GLN E 85 -38.72 -12.48 -35.20
CA GLN E 85 -39.91 -11.85 -34.69
C GLN E 85 -39.84 -10.36 -34.94
N SER E 86 -40.99 -9.73 -35.11
CA SER E 86 -41.00 -8.31 -35.42
C SER E 86 -40.37 -7.50 -34.30
N SER E 87 -40.70 -7.82 -33.06
CA SER E 87 -40.14 -7.09 -31.94
C SER E 87 -38.64 -7.27 -31.85
N ALA E 88 -38.10 -8.36 -32.37
CA ALA E 88 -36.65 -8.49 -32.44
C ALA E 88 -36.05 -7.42 -33.33
N VAL E 89 -36.66 -7.18 -34.49
CA VAL E 89 -36.16 -6.16 -35.39
C VAL E 89 -36.35 -4.78 -34.78
N MET E 90 -37.46 -4.56 -34.06
CA MET E 90 -37.66 -3.28 -33.41
C MET E 90 -36.60 -3.02 -32.35
N ALA E 91 -36.26 -4.04 -31.57
CA ALA E 91 -35.21 -3.90 -30.59
C ALA E 91 -33.89 -3.58 -31.25
N LEU E 92 -33.62 -4.23 -32.37
CA LEU E 92 -32.38 -3.95 -33.08
C LEU E 92 -32.34 -2.50 -33.54
N GLN E 93 -33.45 -1.99 -34.06
CA GLN E 93 -33.43 -0.61 -34.53
C GLN E 93 -33.28 0.37 -33.39
N GLU E 94 -33.94 0.11 -32.27
CA GLU E 94 -33.79 0.97 -31.11
C GLU E 94 -32.34 1.06 -30.67
N ALA E 95 -31.70 -0.09 -30.52
CA ALA E 95 -30.30 -0.11 -30.11
C ALA E 95 -29.42 0.58 -31.14
N SER E 96 -29.69 0.34 -32.42
CA SER E 96 -28.84 0.91 -33.47
C SER E 96 -28.90 2.43 -33.47
N GLU E 97 -30.11 2.98 -33.42
CA GLU E 97 -30.20 4.44 -33.44
C GLU E 97 -29.65 5.04 -32.17
N ALA E 98 -29.85 4.40 -31.02
CA ALA E 98 -29.24 4.94 -29.81
C ALA E 98 -27.74 4.99 -29.95
N TYR E 99 -27.15 3.93 -30.50
CA TYR E 99 -25.71 3.88 -30.67
C TYR E 99 -25.24 4.99 -31.60
N LEU E 100 -25.93 5.18 -32.72
CA LEU E 100 -25.48 6.19 -33.67
C LEU E 100 -25.66 7.59 -33.13
N VAL E 101 -26.73 7.84 -32.38
CA VAL E 101 -26.93 9.16 -31.82
C VAL E 101 -25.82 9.49 -30.81
N ALA E 102 -25.48 8.54 -29.95
CA ALA E 102 -24.38 8.79 -29.03
C ALA E 102 -23.07 9.00 -29.77
N LEU E 103 -22.85 8.23 -30.83
CA LEU E 103 -21.63 8.40 -31.59
C LEU E 103 -21.56 9.77 -32.23
N PHE E 104 -22.69 10.26 -32.73
CA PHE E 104 -22.67 11.58 -33.36
C PHE E 104 -22.51 12.68 -32.34
N GLU E 105 -23.00 12.51 -31.12
CA GLU E 105 -22.68 13.51 -30.10
C GLU E 105 -21.19 13.55 -29.81
N ASP E 106 -20.56 12.38 -29.67
CA ASP E 106 -19.12 12.38 -29.45
C ASP E 106 -18.36 12.95 -30.65
N THR E 107 -18.81 12.64 -31.84
CA THR E 107 -18.21 13.20 -33.05
C THR E 107 -18.32 14.71 -33.06
N ASN E 108 -19.48 15.24 -32.67
CA ASN E 108 -19.65 16.67 -32.64
C ASN E 108 -18.69 17.31 -31.66
N LEU E 109 -18.51 16.68 -30.51
CA LEU E 109 -17.54 17.22 -29.56
C LEU E 109 -16.14 17.21 -30.15
N CYS E 110 -15.78 16.14 -30.85
CA CYS E 110 -14.45 16.08 -31.46
C CYS E 110 -14.27 17.19 -32.49
N ALA E 111 -15.27 17.38 -33.33
CA ALA E 111 -15.17 18.41 -34.36
C ALA E 111 -15.06 19.79 -33.76
N ILE E 112 -15.82 20.05 -32.70
CA ILE E 112 -15.73 21.36 -32.04
C ILE E 112 -14.35 21.54 -31.42
N HIS E 113 -13.77 20.47 -30.89
CA HIS E 113 -12.48 20.58 -30.23
C HIS E 113 -11.36 20.93 -31.21
N ALA E 114 -11.58 20.75 -32.50
CA ALA E 114 -10.60 21.09 -33.52
C ALA E 114 -10.85 22.46 -34.12
N LYS E 115 -11.65 23.29 -33.47
CA LYS E 115 -12.00 24.62 -33.95
C LYS E 115 -12.79 24.54 -35.26
N ARG E 116 -13.81 23.68 -35.27
CA ARG E 116 -14.61 23.51 -36.46
C ARG E 116 -16.07 23.36 -36.06
N VAL E 117 -16.95 23.35 -37.05
CA VAL E 117 -18.37 23.13 -36.84
C VAL E 117 -18.84 22.07 -37.82
N THR E 118 -17.95 21.70 -38.74
CA THR E 118 -18.22 20.65 -39.70
C THR E 118 -17.64 19.35 -39.18
N ILE E 119 -18.41 18.29 -39.20
CA ILE E 119 -17.89 16.98 -38.81
C ILE E 119 -17.35 16.29 -40.03
N MET E 120 -16.24 15.58 -39.88
CA MET E 120 -15.55 14.89 -40.95
C MET E 120 -15.20 13.49 -40.48
N PRO E 121 -14.93 12.56 -41.40
CA PRO E 121 -14.69 11.17 -40.98
C PRO E 121 -13.54 11.01 -40.00
N LYS E 122 -12.59 11.94 -40.03
CA LYS E 122 -11.60 12.06 -38.97
C LYS E 122 -12.25 11.93 -37.61
N ASP E 123 -13.35 12.64 -37.40
CA ASP E 123 -13.96 12.72 -36.08
C ASP E 123 -14.61 11.41 -35.68
N ILE E 124 -15.29 10.74 -36.61
CA ILE E 124 -15.87 9.44 -36.32
C ILE E 124 -14.77 8.47 -35.91
N GLN E 125 -13.69 8.46 -36.68
CA GLN E 125 -12.60 7.54 -36.38
C GLN E 125 -12.02 7.82 -35.01
N LEU E 126 -11.82 9.09 -34.68
CA LEU E 126 -11.26 9.40 -33.38
C LEU E 126 -12.20 9.00 -32.27
N ALA E 127 -13.50 9.24 -32.42
CA ALA E 127 -14.44 8.92 -31.36
C ALA E 127 -14.48 7.42 -31.10
N ARG E 128 -14.56 6.63 -32.17
CA ARG E 128 -14.59 5.20 -31.95
C ARG E 128 -13.27 4.67 -31.40
N ARG E 129 -12.15 5.27 -31.79
CA ARG E 129 -10.88 4.85 -31.22
C ARG E 129 -10.81 5.15 -29.74
N ILE E 130 -11.30 6.31 -29.32
CA ILE E 130 -11.29 6.64 -27.91
C ILE E 130 -12.20 5.71 -27.13
N ARG E 131 -13.38 5.43 -27.65
CA ARG E 131 -14.33 4.59 -26.95
C ARG E 131 -13.97 3.12 -26.97
N GLY E 132 -12.81 2.75 -27.48
CA GLY E 132 -12.33 1.39 -27.39
C GLY E 132 -12.84 0.47 -28.46
N GLU E 133 -13.74 0.92 -29.32
CA GLU E 133 -14.35 0.05 -30.31
C GLU E 133 -13.43 -0.24 -31.49
N ARG E 134 -12.28 0.42 -31.58
CA ARG E 134 -11.38 0.21 -32.70
C ARG E 134 -9.93 0.32 -32.26
N GLY F 13 -31.25 -7.97 -77.91
CA GLY F 13 -31.13 -7.15 -76.72
C GLY F 13 -31.79 -7.77 -75.50
N GLY F 14 -31.83 -9.10 -75.48
CA GLY F 14 -32.49 -9.80 -74.40
C GLY F 14 -31.65 -9.92 -73.15
N ALA F 15 -31.61 -11.11 -72.57
CA ALA F 15 -30.84 -11.40 -71.35
C ALA F 15 -31.24 -10.49 -70.20
N LYS F 16 -32.52 -10.16 -70.10
CA LYS F 16 -33.03 -9.38 -68.98
C LYS F 16 -33.43 -10.24 -67.80
N ARG F 17 -33.46 -11.56 -67.96
CA ARG F 17 -33.86 -12.44 -66.87
C ARG F 17 -32.91 -12.36 -65.69
N HIS F 18 -31.70 -11.91 -65.90
CA HIS F 18 -30.75 -11.76 -64.81
C HIS F 18 -31.04 -10.48 -64.04
N ARG F 19 -30.92 -10.55 -62.72
CA ARG F 19 -31.48 -9.54 -61.83
C ARG F 19 -30.85 -8.17 -62.09
N LYS F 20 -29.52 -8.07 -61.97
CA LYS F 20 -28.72 -6.88 -62.32
C LYS F 20 -29.28 -5.59 -61.75
N VAL F 21 -30.03 -5.66 -60.65
CA VAL F 21 -30.71 -4.53 -60.04
C VAL F 21 -30.55 -4.65 -58.52
N LEU F 22 -31.30 -3.85 -57.76
CA LEU F 22 -31.30 -3.95 -56.30
C LEU F 22 -29.93 -3.61 -55.70
N ARG F 23 -29.58 -2.32 -55.72
CA ARG F 23 -28.35 -1.81 -55.14
C ARG F 23 -28.19 -2.27 -53.70
N ASP F 24 -26.96 -2.16 -53.19
CA ASP F 24 -26.62 -2.79 -51.91
C ASP F 24 -27.56 -2.34 -50.81
N ASN F 25 -27.76 -3.23 -49.85
CA ASN F 25 -28.73 -2.96 -48.78
C ASN F 25 -28.25 -1.87 -47.83
N ILE F 26 -26.94 -1.70 -47.67
CA ILE F 26 -26.46 -0.67 -46.76
C ILE F 26 -26.73 0.73 -47.31
N GLN F 27 -27.02 0.84 -48.60
CA GLN F 27 -27.44 2.10 -49.20
C GLN F 27 -28.88 2.44 -48.87
N GLY F 28 -29.61 1.55 -48.22
CA GLY F 28 -30.91 1.89 -47.72
C GLY F 28 -30.89 2.80 -46.51
N ILE F 29 -29.72 2.99 -45.91
CA ILE F 29 -29.53 4.01 -44.87
C ILE F 29 -29.17 5.29 -45.62
N THR F 30 -30.19 6.05 -45.99
CA THR F 30 -30.01 7.09 -46.96
C THR F 30 -29.28 8.28 -46.36
N LYS F 31 -28.95 9.24 -47.22
CA LYS F 31 -28.26 10.45 -46.78
C LYS F 31 -29.09 11.27 -45.80
N PRO F 32 -30.36 11.58 -46.05
CA PRO F 32 -31.12 12.37 -45.08
C PRO F 32 -31.39 11.65 -43.77
N ALA F 33 -31.48 10.32 -43.76
CA ALA F 33 -31.67 9.64 -42.48
C ALA F 33 -30.45 9.82 -41.59
N ILE F 34 -29.27 9.73 -42.18
CA ILE F 34 -28.06 10.02 -41.42
C ILE F 34 -28.04 11.47 -41.00
N ARG F 35 -28.57 12.38 -41.83
CA ARG F 35 -28.67 13.76 -41.40
C ARG F 35 -29.58 13.89 -40.19
N ARG F 36 -30.71 13.18 -40.18
CA ARG F 36 -31.62 13.24 -39.05
C ARG F 36 -30.94 12.76 -37.78
N LEU F 37 -30.24 11.65 -37.87
CA LEU F 37 -29.52 11.15 -36.71
C LEU F 37 -28.48 12.15 -36.25
N ALA F 38 -27.79 12.78 -37.19
CA ALA F 38 -26.79 13.77 -36.82
C ALA F 38 -27.42 14.96 -36.10
N ARG F 39 -28.56 15.42 -36.60
CA ARG F 39 -29.22 16.55 -35.95
C ARG F 39 -29.70 16.19 -34.57
N ARG F 40 -30.30 15.01 -34.40
CA ARG F 40 -30.63 14.58 -33.05
C ARG F 40 -29.40 14.51 -32.16
N GLY F 41 -28.25 14.19 -32.74
CA GLY F 41 -27.02 14.32 -31.99
C GLY F 41 -26.55 15.74 -31.79
N GLY F 42 -27.15 16.70 -32.48
CA GLY F 42 -26.83 18.10 -32.26
C GLY F 42 -25.77 18.65 -33.17
N VAL F 43 -25.77 18.24 -34.44
CA VAL F 43 -24.70 18.57 -35.37
C VAL F 43 -25.23 19.53 -36.42
N LYS F 44 -24.54 20.65 -36.61
CA LYS F 44 -25.00 21.67 -37.54
C LYS F 44 -24.59 21.35 -38.98
N ARG F 45 -23.29 21.34 -39.26
CA ARG F 45 -22.81 21.14 -40.62
C ARG F 45 -22.13 19.79 -40.76
N ILE F 46 -22.40 19.12 -41.87
CA ILE F 46 -22.01 17.74 -42.08
C ILE F 46 -21.12 17.66 -43.32
N SER F 47 -20.00 16.96 -43.20
CA SER F 47 -19.15 16.74 -44.37
C SER F 47 -19.84 15.79 -45.35
N GLY F 48 -19.23 15.65 -46.51
CA GLY F 48 -19.82 14.82 -47.55
C GLY F 48 -19.42 13.38 -47.43
N LEU F 49 -18.35 13.11 -46.71
CA LEU F 49 -17.83 11.76 -46.60
C LEU F 49 -18.31 11.05 -45.34
N ILE F 50 -19.05 11.72 -44.48
CA ILE F 50 -19.58 11.09 -43.28
C ILE F 50 -20.52 9.95 -43.60
N TYR F 51 -21.17 10.00 -44.76
CA TYR F 51 -22.20 9.01 -45.04
C TYR F 51 -21.61 7.61 -45.11
N GLU F 52 -20.53 7.42 -45.87
CA GLU F 52 -19.97 6.08 -46.02
C GLU F 52 -19.38 5.58 -44.72
N GLU F 53 -18.72 6.46 -43.97
CA GLU F 53 -18.18 6.07 -42.67
C GLU F 53 -19.30 5.62 -41.73
N THR F 54 -20.41 6.34 -41.73
CA THR F 54 -21.55 5.96 -40.90
C THR F 54 -22.08 4.60 -41.30
N ARG F 55 -22.19 4.35 -42.59
CA ARG F 55 -22.68 3.06 -43.03
C ARG F 55 -21.77 1.94 -42.55
N GLY F 56 -20.46 2.16 -42.63
CA GLY F 56 -19.54 1.14 -42.14
C GLY F 56 -19.69 0.88 -40.66
N VAL F 57 -19.79 1.94 -39.87
CA VAL F 57 -19.90 1.78 -38.42
C VAL F 57 -21.17 1.02 -38.06
N LEU F 58 -22.29 1.41 -38.66
CA LEU F 58 -23.55 0.73 -38.38
C LEU F 58 -23.46 -0.73 -38.75
N LYS F 59 -22.83 -1.05 -39.88
CA LYS F 59 -22.76 -2.44 -40.29
C LYS F 59 -21.96 -3.26 -39.29
N VAL F 60 -20.86 -2.72 -38.78
CA VAL F 60 -20.07 -3.45 -37.79
C VAL F 60 -20.90 -3.74 -36.55
N PHE F 61 -21.59 -2.72 -36.04
CA PHE F 61 -22.37 -2.89 -34.81
C PHE F 61 -23.44 -3.96 -35.00
N LEU F 62 -24.15 -3.90 -36.11
CA LEU F 62 -25.19 -4.88 -36.36
C LEU F 62 -24.61 -6.28 -36.47
N GLU F 63 -23.45 -6.43 -37.11
CA GLU F 63 -22.87 -7.76 -37.25
C GLU F 63 -22.57 -8.37 -35.89
N ASN F 64 -21.96 -7.59 -35.00
CA ASN F 64 -21.64 -8.15 -33.69
C ASN F 64 -22.90 -8.59 -32.94
N VAL F 65 -23.87 -7.68 -32.83
CA VAL F 65 -25.06 -8.00 -32.04
C VAL F 65 -25.79 -9.20 -32.65
N ILE F 66 -25.93 -9.23 -33.97
CA ILE F 66 -26.69 -10.28 -34.59
C ILE F 66 -25.97 -11.62 -34.44
N ARG F 67 -24.65 -11.62 -34.50
CA ARG F 67 -23.93 -12.88 -34.28
C ARG F 67 -24.26 -13.44 -32.91
N ASP F 68 -24.19 -12.61 -31.87
CA ASP F 68 -24.49 -13.14 -30.55
C ASP F 68 -25.94 -13.61 -30.42
N ALA F 69 -26.87 -12.84 -30.98
CA ALA F 69 -28.27 -13.22 -30.88
C ALA F 69 -28.54 -14.56 -31.58
N VAL F 70 -27.95 -14.76 -32.75
CA VAL F 70 -28.15 -16.02 -33.45
C VAL F 70 -27.53 -17.15 -32.66
N THR F 71 -26.39 -16.92 -32.01
CA THR F 71 -25.84 -17.96 -31.15
C THR F 71 -26.83 -18.36 -30.08
N TYR F 72 -27.39 -17.37 -29.37
CA TYR F 72 -28.35 -17.68 -28.33
C TYR F 72 -29.52 -18.46 -28.88
N THR F 73 -30.00 -18.10 -30.08
CA THR F 73 -31.23 -18.70 -30.55
C THR F 73 -31.01 -20.11 -31.07
N GLU F 74 -29.83 -20.39 -31.65
CA GLU F 74 -29.62 -21.75 -32.11
C GLU F 74 -29.16 -22.67 -31.00
N HIS F 75 -28.71 -22.12 -29.87
CA HIS F 75 -28.49 -22.98 -28.72
C HIS F 75 -29.79 -23.64 -28.30
N ALA F 76 -30.87 -22.88 -28.24
CA ALA F 76 -32.12 -23.38 -27.72
C ALA F 76 -32.90 -24.21 -28.70
N LYS F 77 -32.30 -24.67 -29.80
CA LYS F 77 -32.88 -25.51 -30.84
C LYS F 77 -33.80 -24.75 -31.78
N ARG F 78 -34.13 -23.49 -31.52
CA ARG F 78 -35.08 -22.80 -32.37
C ARG F 78 -34.43 -22.38 -33.68
N LYS F 79 -35.26 -21.90 -34.60
CA LYS F 79 -34.79 -21.31 -35.84
C LYS F 79 -35.45 -19.96 -36.06
N THR F 80 -35.79 -19.27 -34.97
CA THR F 80 -36.41 -17.95 -35.05
C THR F 80 -35.85 -17.09 -33.93
N VAL F 81 -35.35 -15.91 -34.28
CA VAL F 81 -34.70 -15.03 -33.34
C VAL F 81 -35.76 -14.16 -32.69
N THR F 82 -35.94 -14.31 -31.40
CA THR F 82 -36.95 -13.58 -30.66
C THR F 82 -36.34 -12.41 -29.90
N ALA F 83 -37.21 -11.49 -29.47
CA ALA F 83 -36.74 -10.25 -28.87
C ALA F 83 -35.87 -10.52 -27.64
N MET F 84 -36.19 -11.58 -26.90
CA MET F 84 -35.39 -11.92 -25.74
C MET F 84 -33.97 -12.25 -26.12
N ASP F 85 -33.77 -12.90 -27.27
CA ASP F 85 -32.42 -13.21 -27.71
C ASP F 85 -31.64 -11.94 -27.98
N VAL F 86 -32.26 -10.97 -28.64
CA VAL F 86 -31.60 -9.71 -28.91
C VAL F 86 -31.29 -8.97 -27.62
N VAL F 87 -32.23 -8.98 -26.67
CA VAL F 87 -32.00 -8.31 -25.40
C VAL F 87 -30.83 -8.94 -24.67
N TYR F 88 -30.79 -10.27 -24.65
CA TYR F 88 -29.67 -10.96 -24.00
C TYR F 88 -28.37 -10.62 -24.69
N ALA F 89 -28.36 -10.62 -26.02
CA ALA F 89 -27.15 -10.32 -26.75
C ALA F 89 -26.66 -8.91 -26.45
N LEU F 90 -27.58 -7.94 -26.40
CA LEU F 90 -27.19 -6.58 -26.07
C LEU F 90 -26.64 -6.50 -24.66
N LYS F 91 -27.32 -7.11 -23.70
CA LYS F 91 -26.82 -7.13 -22.34
C LYS F 91 -25.41 -7.70 -22.30
N ARG F 92 -25.17 -8.77 -23.05
CA ARG F 92 -23.85 -9.36 -23.10
C ARG F 92 -22.85 -8.42 -23.74
N GLN F 93 -23.28 -7.60 -24.71
CA GLN F 93 -22.42 -6.59 -25.31
C GLN F 93 -22.10 -5.45 -24.37
N GLY F 94 -22.87 -5.29 -23.31
CA GLY F 94 -22.72 -4.16 -22.41
C GLY F 94 -23.71 -3.04 -22.60
N ARG F 95 -24.76 -3.25 -23.38
CA ARG F 95 -25.74 -2.21 -23.67
C ARG F 95 -27.11 -2.72 -23.27
N THR F 96 -27.45 -2.54 -22.00
CA THR F 96 -28.76 -2.98 -21.53
C THR F 96 -29.85 -2.18 -22.26
N LEU F 97 -30.94 -2.84 -22.58
CA LEU F 97 -32.05 -2.18 -23.24
C LEU F 97 -33.32 -2.48 -22.48
N TYR F 98 -34.04 -1.43 -22.11
CA TYR F 98 -35.29 -1.55 -21.38
C TYR F 98 -36.47 -1.43 -22.33
N GLY F 99 -37.51 -2.19 -22.06
CA GLY F 99 -38.74 -2.01 -22.81
C GLY F 99 -39.28 -3.22 -23.51
N PHE F 100 -38.41 -4.05 -24.07
CA PHE F 100 -38.87 -5.21 -24.83
C PHE F 100 -38.90 -6.46 -23.98
N GLY F 101 -39.46 -6.36 -22.79
CA GLY F 101 -39.38 -7.47 -21.88
C GLY F 101 -37.97 -7.59 -21.33
N GLY F 102 -37.77 -8.68 -20.58
CA GLY F 102 -36.50 -8.89 -19.91
C GLY F 102 -36.57 -8.51 -18.45
N ALA G 12 -10.81 -52.41 -7.99
CA ALA G 12 -10.08 -52.19 -9.23
C ALA G 12 -9.19 -50.96 -9.14
N LYS G 13 -8.09 -50.98 -9.89
CA LYS G 13 -7.17 -49.84 -9.88
C LYS G 13 -7.84 -48.63 -10.52
N ALA G 14 -7.68 -47.48 -9.88
CA ALA G 14 -8.37 -46.27 -10.31
C ALA G 14 -7.76 -45.71 -11.59
N LYS G 15 -8.54 -44.89 -12.28
CA LYS G 15 -8.06 -44.18 -13.46
C LYS G 15 -8.65 -42.78 -13.44
N THR G 16 -7.79 -41.77 -13.39
CA THR G 16 -8.27 -40.39 -13.39
C THR G 16 -9.06 -40.10 -14.65
N ARG G 17 -10.12 -39.32 -14.51
CA ARG G 17 -10.85 -38.87 -15.69
C ARG G 17 -9.97 -38.01 -16.58
N SER G 18 -8.96 -37.36 -16.01
CA SER G 18 -8.00 -36.63 -16.83
C SER G 18 -7.26 -37.58 -17.75
N SER G 19 -6.85 -38.74 -17.24
CA SER G 19 -6.18 -39.71 -18.09
C SER G 19 -7.12 -40.22 -19.16
N ARG G 20 -8.36 -40.53 -18.79
CA ARG G 20 -9.30 -41.06 -19.76
C ARG G 20 -9.52 -40.07 -20.89
N ALA G 21 -9.79 -38.82 -20.55
CA ALA G 21 -10.05 -37.81 -21.56
C ALA G 21 -8.81 -37.48 -22.38
N GLY G 22 -7.62 -37.79 -21.87
CA GLY G 22 -6.41 -37.41 -22.55
C GLY G 22 -5.97 -35.99 -22.30
N LEU G 23 -6.58 -35.30 -21.36
CA LEU G 23 -6.25 -33.92 -21.07
C LEU G 23 -5.13 -33.84 -20.04
N GLN G 24 -4.74 -32.61 -19.71
CA GLN G 24 -3.77 -32.38 -18.66
C GLN G 24 -4.32 -31.62 -17.48
N PHE G 25 -5.31 -30.76 -17.67
CA PHE G 25 -5.93 -30.11 -16.53
C PHE G 25 -6.78 -31.09 -15.74
N PRO G 26 -7.01 -30.80 -14.46
CA PRO G 26 -7.81 -31.72 -13.65
C PRO G 26 -9.27 -31.68 -14.05
N VAL G 27 -9.91 -32.83 -13.98
CA VAL G 27 -11.33 -32.91 -14.23
C VAL G 27 -12.13 -33.10 -12.96
N GLY G 28 -11.59 -33.81 -11.97
CA GLY G 28 -12.26 -33.88 -10.69
C GLY G 28 -12.38 -32.52 -10.03
N ARG G 29 -11.31 -31.73 -10.10
CA ARG G 29 -11.36 -30.39 -9.52
C ARG G 29 -12.37 -29.52 -10.24
N VAL G 30 -12.40 -29.58 -11.57
CA VAL G 30 -13.36 -28.77 -12.31
C VAL G 30 -14.77 -29.20 -12.00
N HIS G 31 -14.99 -30.51 -11.86
CA HIS G 31 -16.32 -30.98 -11.50
C HIS G 31 -16.74 -30.44 -10.15
N ARG G 32 -15.83 -30.48 -9.18
CA ARG G 32 -16.19 -29.97 -7.86
C ARG G 32 -16.50 -28.48 -7.92
N LEU G 33 -15.67 -27.70 -8.61
CA LEU G 33 -15.91 -26.27 -8.66
C LEU G 33 -17.20 -25.94 -9.39
N LEU G 34 -17.60 -26.77 -10.35
CA LEU G 34 -18.89 -26.57 -10.98
C LEU G 34 -20.02 -26.96 -10.05
N ARG G 35 -19.80 -27.93 -9.17
CA ARG G 35 -20.86 -28.35 -8.27
C ARG G 35 -21.01 -27.45 -7.07
N LYS G 36 -19.95 -26.80 -6.62
CA LYS G 36 -20.00 -25.99 -5.43
C LYS G 36 -19.75 -24.53 -5.75
N GLY G 37 -20.39 -24.04 -6.80
CA GLY G 37 -20.25 -22.67 -7.19
C GLY G 37 -21.58 -22.04 -7.47
N ASN G 38 -22.65 -22.78 -7.18
CA ASN G 38 -24.02 -22.33 -7.42
C ASN G 38 -24.22 -21.97 -8.88
N TYR G 39 -23.57 -22.70 -9.77
CA TYR G 39 -23.78 -22.43 -11.18
C TYR G 39 -25.04 -23.10 -11.67
N ALA G 40 -25.38 -24.26 -11.12
CA ALA G 40 -26.63 -24.91 -11.44
C ALA G 40 -26.87 -25.99 -10.39
N GLU G 41 -28.09 -26.51 -10.39
CA GLU G 41 -28.45 -27.55 -9.44
C GLU G 41 -27.76 -28.88 -9.76
N ARG G 42 -27.57 -29.18 -11.03
CA ARG G 42 -26.95 -30.43 -11.45
C ARG G 42 -25.93 -30.16 -12.53
N VAL G 43 -24.88 -30.96 -12.55
CA VAL G 43 -23.79 -30.82 -13.50
C VAL G 43 -23.66 -32.11 -14.29
N GLY G 44 -23.73 -31.99 -15.62
CA GLY G 44 -23.60 -33.17 -16.45
C GLY G 44 -22.24 -33.81 -16.31
N ALA G 45 -22.15 -35.05 -16.79
CA ALA G 45 -20.90 -35.78 -16.65
C ALA G 45 -19.84 -35.35 -17.64
N GLY G 46 -20.23 -34.82 -18.79
CA GLY G 46 -19.26 -34.40 -19.77
C GLY G 46 -18.83 -32.96 -19.68
N ALA G 47 -19.52 -32.14 -18.90
CA ALA G 47 -19.17 -30.74 -18.80
C ALA G 47 -17.78 -30.52 -18.23
N PRO G 48 -17.36 -31.17 -17.14
CA PRO G 48 -15.99 -30.96 -16.66
C PRO G 48 -14.95 -31.29 -17.70
N VAL G 49 -15.17 -32.36 -18.47
CA VAL G 49 -14.23 -32.74 -19.50
C VAL G 49 -14.11 -31.65 -20.55
N TYR G 50 -15.25 -31.16 -21.02
CA TYR G 50 -15.23 -30.14 -22.06
C TYR G 50 -14.56 -28.87 -21.58
N LEU G 51 -14.91 -28.44 -20.38
CA LEU G 51 -14.35 -27.21 -19.85
C LEU G 51 -12.86 -27.34 -19.61
N ALA G 52 -12.42 -28.50 -19.12
CA ALA G 52 -11.00 -28.72 -18.94
C ALA G 52 -10.28 -28.66 -20.26
N ALA G 53 -10.88 -29.21 -21.31
CA ALA G 53 -10.24 -29.15 -22.62
C ALA G 53 -10.10 -27.72 -23.12
N VAL G 54 -11.14 -26.91 -22.92
CA VAL G 54 -11.07 -25.52 -23.39
C VAL G 54 -10.01 -24.73 -22.63
N LEU G 55 -9.98 -24.87 -21.31
CA LEU G 55 -8.94 -24.19 -20.54
C LEU G 55 -7.56 -24.67 -20.95
N GLU G 56 -7.41 -25.97 -21.17
CA GLU G 56 -6.21 -26.56 -21.74
C GLU G 56 -5.77 -25.81 -22.98
N TYR G 57 -6.67 -25.70 -23.95
CA TYR G 57 -6.31 -25.12 -25.24
C TYR G 57 -5.90 -23.67 -25.09
N LEU G 58 -6.66 -22.90 -24.33
CA LEU G 58 -6.33 -21.48 -24.20
C LEU G 58 -4.99 -21.29 -23.52
N THR G 59 -4.72 -22.07 -22.47
CA THR G 59 -3.44 -21.94 -21.80
C THR G 59 -2.30 -22.28 -22.73
N ALA G 60 -2.45 -23.34 -23.52
CA ALA G 60 -1.37 -23.71 -24.43
C ALA G 60 -1.15 -22.63 -25.48
N GLU G 61 -2.23 -22.04 -25.99
CA GLU G 61 -2.09 -20.97 -26.97
C GLU G 61 -1.29 -19.81 -26.41
N ILE G 62 -1.72 -19.28 -25.28
CA ILE G 62 -1.06 -18.10 -24.74
C ILE G 62 0.36 -18.43 -24.35
N LEU G 63 0.61 -19.65 -23.87
CA LEU G 63 1.96 -19.98 -23.44
C LEU G 63 2.91 -20.14 -24.61
N GLU G 64 2.45 -20.68 -25.75
CA GLU G 64 3.39 -20.79 -26.84
C GLU G 64 3.68 -19.43 -27.44
N LEU G 65 2.69 -18.53 -27.44
CA LEU G 65 3.00 -17.16 -27.85
C LEU G 65 4.01 -16.51 -26.91
N ALA G 66 3.83 -16.70 -25.60
CA ALA G 66 4.75 -16.12 -24.64
C ALA G 66 6.15 -16.71 -24.78
N GLY G 67 6.25 -18.00 -25.06
CA GLY G 67 7.56 -18.60 -25.27
C GLY G 67 8.24 -18.08 -26.51
N ASN G 68 7.47 -17.87 -27.58
CA ASN G 68 8.02 -17.24 -28.76
C ASN G 68 8.60 -15.87 -28.42
N ALA G 69 7.84 -15.08 -27.65
CA ALA G 69 8.33 -13.77 -27.28
C ALA G 69 9.57 -13.86 -26.42
N ALA G 70 9.61 -14.83 -25.52
CA ALA G 70 10.78 -14.97 -24.65
C ALA G 70 12.02 -15.28 -25.44
N ARG G 71 11.92 -16.15 -26.44
CA ARG G 71 13.07 -16.38 -27.32
C ARG G 71 13.43 -15.13 -28.09
N ASP G 72 12.44 -14.42 -28.63
CA ASP G 72 12.73 -13.19 -29.35
C ASP G 72 13.42 -12.18 -28.47
N ASN G 73 13.25 -12.27 -27.16
CA ASN G 73 14.01 -11.46 -26.22
C ASN G 73 15.26 -12.15 -25.73
N LYS G 74 15.54 -13.35 -26.21
CA LYS G 74 16.75 -14.10 -25.86
C LYS G 74 16.79 -14.43 -24.36
N LYS G 75 15.70 -15.00 -23.86
CA LYS G 75 15.62 -15.50 -22.50
C LYS G 75 14.86 -16.81 -22.52
N THR G 76 15.09 -17.65 -21.52
CA THR G 76 14.47 -18.97 -21.46
C THR G 76 13.53 -19.10 -20.28
N ARG G 77 12.71 -18.09 -20.04
CA ARG G 77 11.81 -18.10 -18.90
C ARG G 77 10.76 -17.01 -19.04
N ILE G 78 9.49 -17.38 -19.18
CA ILE G 78 8.45 -16.38 -19.33
C ILE G 78 8.36 -15.50 -18.10
N ILE G 79 8.21 -14.20 -18.33
CA ILE G 79 7.94 -13.21 -17.28
C ILE G 79 6.74 -12.39 -17.72
N PRO G 80 6.10 -11.69 -16.79
CA PRO G 80 4.85 -10.99 -17.15
C PRO G 80 4.95 -10.12 -18.39
N ARG G 81 6.11 -9.53 -18.64
CA ARG G 81 6.27 -8.70 -19.84
C ARG G 81 6.05 -9.51 -21.10
N HIS G 82 6.52 -10.75 -21.12
CA HIS G 82 6.32 -11.59 -22.29
C HIS G 82 4.86 -11.96 -22.48
N LEU G 83 4.14 -12.20 -21.40
CA LEU G 83 2.70 -12.41 -21.53
C LEU G 83 2.03 -11.17 -22.08
N GLN G 84 2.46 -9.99 -21.61
CA GLN G 84 1.91 -8.74 -22.14
C GLN G 84 2.13 -8.63 -23.63
N LEU G 85 3.35 -8.89 -24.08
CA LEU G 85 3.65 -8.80 -25.51
C LEU G 85 2.84 -9.82 -26.29
N ALA G 86 2.72 -11.04 -25.79
CA ALA G 86 1.99 -12.05 -26.51
C ALA G 86 0.53 -11.66 -26.67
N VAL G 87 -0.10 -11.16 -25.61
CA VAL G 87 -1.52 -10.84 -25.73
C VAL G 87 -1.72 -9.58 -26.56
N ARG G 88 -0.89 -8.57 -26.37
CA ARG G 88 -1.11 -7.31 -27.07
C ARG G 88 -0.78 -7.43 -28.55
N ASN G 89 0.35 -8.03 -28.87
CA ASN G 89 0.72 -8.20 -30.27
C ASN G 89 -0.27 -9.07 -31.01
N ASP G 90 -0.74 -10.13 -30.37
CA ASP G 90 -1.71 -10.99 -31.02
C ASP G 90 -3.05 -10.28 -31.07
N GLU G 91 -3.56 -10.08 -32.28
CA GLU G 91 -4.78 -9.32 -32.48
C GLU G 91 -5.99 -10.03 -31.88
N GLU G 92 -5.89 -11.32 -31.62
CA GLU G 92 -7.06 -12.13 -31.35
C GLU G 92 -7.30 -12.34 -29.85
N LEU G 93 -6.25 -12.65 -29.11
CA LEU G 93 -6.35 -12.70 -27.66
C LEU G 93 -6.51 -11.31 -27.07
N ASN G 94 -6.14 -10.28 -27.82
CA ASN G 94 -6.23 -8.93 -27.30
C ASN G 94 -7.68 -8.53 -27.04
N LYS G 95 -8.61 -9.01 -27.85
CA LYS G 95 -10.01 -8.73 -27.58
C LYS G 95 -10.46 -9.43 -26.31
N LEU G 96 -9.99 -10.66 -26.09
CA LEU G 96 -10.39 -11.39 -24.90
C LEU G 96 -9.93 -10.69 -23.64
N LEU G 97 -8.67 -10.32 -23.58
CA LEU G 97 -8.15 -9.56 -22.45
C LEU G 97 -8.15 -8.06 -22.73
N GLY G 98 -9.30 -7.54 -23.16
CA GLY G 98 -9.38 -6.12 -23.47
C GLY G 98 -9.40 -5.25 -22.23
N ARG G 99 -10.21 -5.62 -21.24
CA ARG G 99 -10.36 -4.87 -20.02
C ARG G 99 -9.41 -5.32 -18.93
N VAL G 100 -8.51 -6.21 -19.25
CA VAL G 100 -7.61 -6.78 -18.27
C VAL G 100 -6.31 -5.99 -18.26
N THR G 101 -5.85 -5.65 -17.07
CA THR G 101 -4.53 -5.05 -16.90
C THR G 101 -3.62 -6.07 -16.24
N ILE G 102 -2.52 -6.39 -16.92
CA ILE G 102 -1.57 -7.40 -16.45
C ILE G 102 -0.48 -6.69 -15.68
N ALA G 103 -0.30 -7.06 -14.42
CA ALA G 103 0.68 -6.40 -13.59
C ALA G 103 2.07 -6.58 -14.17
N GLN G 104 2.87 -5.51 -14.11
CA GLN G 104 4.25 -5.54 -14.57
C GLN G 104 4.35 -5.87 -16.06
N GLY G 105 3.40 -5.41 -16.84
CA GLY G 105 3.41 -5.69 -18.25
C GLY G 105 4.02 -4.60 -19.11
N GLY G 106 3.92 -3.36 -18.67
CA GLY G 106 4.35 -2.30 -19.55
C GLY G 106 3.36 -2.14 -20.70
N VAL G 107 3.84 -1.54 -21.79
CA VAL G 107 3.02 -1.30 -22.97
C VAL G 107 3.81 -1.65 -24.21
N LEU G 108 3.10 -1.71 -25.34
CA LEU G 108 3.76 -1.90 -26.62
C LEU G 108 4.49 -0.64 -27.04
N PRO G 109 5.64 -0.76 -27.69
CA PRO G 109 6.30 0.42 -28.26
C PRO G 109 5.45 1.01 -29.38
N ASN G 110 5.18 2.30 -29.29
CA ASN G 110 4.33 2.96 -30.26
C ASN G 110 4.47 4.47 -30.17
N ILE G 111 4.96 5.11 -31.22
CA ILE G 111 5.08 6.57 -31.28
C ILE G 111 4.32 7.06 -32.49
N GLN G 112 3.45 8.04 -32.29
CA GLN G 112 2.69 8.61 -33.40
C GLN G 112 3.64 9.23 -34.41
N SER G 113 3.40 8.93 -35.69
CA SER G 113 4.33 9.37 -36.72
C SER G 113 4.41 10.87 -36.83
N VAL G 114 3.37 11.58 -36.38
CA VAL G 114 3.36 13.03 -36.48
C VAL G 114 4.44 13.63 -35.61
N LEU G 115 4.81 12.95 -34.53
CA LEU G 115 5.82 13.46 -33.62
C LEU G 115 7.23 13.18 -34.08
N LEU G 116 7.42 12.38 -35.10
CA LEU G 116 8.78 12.06 -35.52
C LEU G 116 9.37 13.23 -36.29
N PRO G 117 10.68 13.47 -36.15
CA PRO G 117 11.27 14.65 -36.79
C PRO G 117 11.29 14.50 -38.30
N LYS G 118 11.34 15.65 -38.96
CA LYS G 118 11.36 15.68 -40.42
C LYS G 118 12.76 15.42 -40.95
N THR H 29 -2.57 -23.88 4.78
CA THR H 29 -3.63 -24.86 4.60
C THR H 29 -3.87 -25.16 3.13
N ARG H 30 -4.87 -26.01 2.87
CA ARG H 30 -5.19 -26.44 1.51
C ARG H 30 -5.49 -25.22 0.66
N LYS H 31 -4.63 -24.92 -0.31
CA LYS H 31 -4.84 -23.82 -1.25
C LYS H 31 -4.60 -24.34 -2.66
N GLU H 32 -5.63 -24.91 -3.27
CA GLU H 32 -5.47 -25.49 -4.58
C GLU H 32 -5.25 -24.41 -5.63
N SER H 33 -4.54 -24.78 -6.69
CA SER H 33 -4.25 -23.86 -7.79
C SER H 33 -3.88 -24.69 -9.01
N TYR H 34 -3.79 -24.01 -10.16
CA TYR H 34 -3.45 -24.68 -11.41
C TYR H 34 -1.99 -24.58 -11.77
N ALA H 35 -1.08 -24.33 -10.83
CA ALA H 35 0.31 -24.17 -11.22
C ALA H 35 0.87 -25.47 -11.79
N ILE H 36 0.54 -26.59 -11.18
CA ILE H 36 1.07 -27.87 -11.62
C ILE H 36 0.64 -28.17 -13.05
N TYR H 37 -0.63 -27.92 -13.37
CA TYR H 37 -1.12 -28.27 -14.68
C TYR H 37 -0.65 -27.29 -15.75
N VAL H 38 -0.55 -26.02 -15.39
CA VAL H 38 0.03 -25.05 -16.29
C VAL H 38 1.45 -25.46 -16.64
N TYR H 39 2.20 -25.92 -15.65
CA TYR H 39 3.55 -26.40 -15.94
C TYR H 39 3.55 -27.61 -16.85
N LYS H 40 2.62 -28.53 -16.63
CA LYS H 40 2.52 -29.68 -17.52
C LYS H 40 2.34 -29.24 -18.96
N VAL H 41 1.39 -28.32 -19.19
CA VAL H 41 1.10 -27.85 -20.54
C VAL H 41 2.31 -27.12 -21.12
N LEU H 42 2.96 -26.29 -20.32
CA LEU H 42 4.10 -25.54 -20.82
C LEU H 42 5.20 -26.48 -21.26
N LYS H 43 5.54 -27.46 -20.44
CA LYS H 43 6.55 -28.41 -20.86
C LYS H 43 6.10 -29.20 -22.06
N GLN H 44 4.79 -29.35 -22.25
CA GLN H 44 4.32 -30.01 -23.45
C GLN H 44 4.59 -29.18 -24.70
N VAL H 45 4.40 -27.87 -24.61
CA VAL H 45 4.50 -27.01 -25.79
C VAL H 45 5.93 -26.57 -26.05
N HIS H 46 6.54 -25.86 -25.11
CA HIS H 46 7.92 -25.42 -25.21
C HIS H 46 8.75 -26.24 -24.24
N PRO H 47 9.33 -27.35 -24.68
CA PRO H 47 9.84 -28.33 -23.72
C PRO H 47 10.97 -27.85 -22.84
N ASP H 48 11.67 -26.78 -23.21
CA ASP H 48 12.83 -26.38 -22.45
C ASP H 48 12.79 -24.91 -22.02
N THR H 49 11.61 -24.33 -21.91
CA THR H 49 11.48 -23.00 -21.32
C THR H 49 11.09 -23.16 -19.85
N GLY H 50 10.99 -22.05 -19.14
CA GLY H 50 10.58 -22.09 -17.76
C GLY H 50 9.48 -21.09 -17.53
N ILE H 51 9.20 -20.75 -16.28
CA ILE H 51 8.25 -19.68 -16.01
C ILE H 51 8.46 -19.19 -14.59
N SER H 52 8.58 -17.88 -14.41
CA SER H 52 8.79 -17.35 -13.08
C SER H 52 7.48 -17.35 -12.31
N SER H 53 7.60 -17.10 -11.00
CA SER H 53 6.43 -17.23 -10.13
C SER H 53 5.35 -16.23 -10.49
N LYS H 54 5.71 -14.98 -10.75
CA LYS H 54 4.72 -13.97 -11.04
C LYS H 54 3.93 -14.29 -12.29
N ALA H 55 4.61 -14.78 -13.32
CA ALA H 55 3.91 -15.21 -14.52
C ALA H 55 2.98 -16.36 -14.22
N MET H 56 3.40 -17.27 -13.34
CA MET H 56 2.54 -18.38 -12.98
C MET H 56 1.28 -17.88 -12.26
N SER H 57 1.44 -16.89 -11.38
CA SER H 57 0.28 -16.32 -10.71
C SER H 57 -0.66 -15.65 -11.70
N ILE H 58 -0.09 -14.94 -12.68
CA ILE H 58 -0.91 -14.32 -13.71
C ILE H 58 -1.66 -15.37 -14.49
N MET H 59 -0.99 -16.48 -14.84
CA MET H 59 -1.65 -17.54 -15.58
C MET H 59 -2.76 -18.18 -14.76
N ASN H 60 -2.54 -18.31 -13.46
CA ASN H 60 -3.57 -18.83 -12.58
C ASN H 60 -4.79 -17.93 -12.58
N SER H 61 -4.58 -16.62 -12.40
CA SER H 61 -5.69 -15.69 -12.46
C SER H 61 -6.38 -15.77 -13.80
N PHE H 62 -5.62 -15.93 -14.87
CA PHE H 62 -6.20 -16.05 -16.19
C PHE H 62 -7.13 -17.24 -16.27
N VAL H 63 -6.67 -18.40 -15.79
CA VAL H 63 -7.49 -19.61 -15.86
C VAL H 63 -8.75 -19.44 -15.02
N ASN H 64 -8.61 -18.91 -13.81
CA ASN H 64 -9.80 -18.73 -12.98
C ASN H 64 -10.76 -17.75 -13.60
N ASP H 65 -10.26 -16.68 -14.19
CA ASP H 65 -11.11 -15.67 -14.81
C ASP H 65 -11.88 -16.29 -15.96
N VAL H 66 -11.21 -17.02 -16.83
CA VAL H 66 -11.90 -17.63 -17.96
C VAL H 66 -12.89 -18.67 -17.47
N PHE H 67 -12.53 -19.40 -16.42
CA PHE H 67 -13.44 -20.40 -15.87
C PHE H 67 -14.71 -19.74 -15.35
N GLU H 68 -14.56 -18.64 -14.61
CA GLU H 68 -15.74 -17.94 -14.11
C GLU H 68 -16.57 -17.38 -15.24
N ARG H 69 -15.93 -16.80 -16.24
CA ARG H 69 -16.69 -16.27 -17.37
C ARG H 69 -17.50 -17.34 -18.03
N ILE H 70 -16.87 -18.47 -18.35
CA ILE H 70 -17.57 -19.53 -19.07
C ILE H 70 -18.66 -20.14 -18.20
N ALA H 71 -18.35 -20.42 -16.93
CA ALA H 71 -19.33 -21.03 -16.06
C ALA H 71 -20.51 -20.12 -15.81
N GLY H 72 -20.25 -18.83 -15.59
CA GLY H 72 -21.35 -17.90 -15.39
C GLY H 72 -22.22 -17.77 -16.61
N GLU H 73 -21.60 -17.72 -17.79
CA GLU H 73 -22.42 -17.64 -18.99
C GLU H 73 -23.22 -18.91 -19.19
N ALA H 74 -22.65 -20.07 -18.86
CA ALA H 74 -23.40 -21.31 -19.01
C ALA H 74 -24.53 -21.39 -17.99
N SER H 75 -24.30 -20.88 -16.79
CA SER H 75 -25.36 -20.82 -15.80
C SER H 75 -26.51 -19.98 -16.29
N ARG H 76 -26.20 -18.82 -16.86
CA ARG H 76 -27.25 -17.97 -17.40
C ARG H 76 -27.93 -18.63 -18.59
N LEU H 77 -27.18 -19.38 -19.40
CA LEU H 77 -27.78 -20.07 -20.53
C LEU H 77 -28.76 -21.12 -20.07
N ALA H 78 -28.42 -21.86 -19.03
CA ALA H 78 -29.36 -22.84 -18.49
C ALA H 78 -30.57 -22.16 -17.91
N HIS H 79 -30.35 -21.08 -17.17
CA HIS H 79 -31.48 -20.38 -16.56
C HIS H 79 -32.43 -19.83 -17.60
N TYR H 80 -31.89 -19.29 -18.68
CA TYR H 80 -32.74 -18.75 -19.74
C TYR H 80 -33.62 -19.81 -20.35
N ASN H 81 -33.13 -21.05 -20.44
CA ASN H 81 -33.83 -22.11 -21.13
C ASN H 81 -34.58 -23.03 -20.18
N LYS H 82 -34.72 -22.65 -18.92
CA LYS H 82 -35.48 -23.36 -17.90
C LYS H 82 -34.82 -24.67 -17.50
N ARG H 83 -33.67 -25.00 -18.05
CA ARG H 83 -32.99 -26.22 -17.66
C ARG H 83 -32.43 -26.11 -16.25
N SER H 84 -32.03 -27.24 -15.70
CA SER H 84 -31.45 -27.25 -14.36
C SER H 84 -30.10 -27.94 -14.35
N THR H 85 -29.51 -28.18 -15.50
CA THR H 85 -28.26 -28.93 -15.59
C THR H 85 -27.29 -28.22 -16.51
N ILE H 86 -26.03 -28.18 -16.11
CA ILE H 86 -24.97 -27.66 -16.98
C ILE H 86 -24.37 -28.86 -17.71
N THR H 87 -24.54 -28.90 -19.01
CA THR H 87 -24.11 -30.02 -19.84
C THR H 87 -22.95 -29.58 -20.74
N SER H 88 -22.60 -30.44 -21.69
CA SER H 88 -21.57 -30.08 -22.65
C SER H 88 -22.06 -29.01 -23.60
N ARG H 89 -23.35 -29.01 -23.90
CA ARG H 89 -23.87 -28.04 -24.84
C ARG H 89 -23.75 -26.62 -24.31
N GLU H 90 -24.04 -26.42 -23.02
CA GLU H 90 -23.93 -25.10 -22.45
C GLU H 90 -22.50 -24.60 -22.46
N ILE H 91 -21.55 -25.47 -22.14
CA ILE H 91 -20.16 -25.03 -22.19
C ILE H 91 -19.77 -24.68 -23.61
N GLN H 92 -20.22 -25.47 -24.59
CA GLN H 92 -19.89 -25.15 -25.96
C GLN H 92 -20.48 -23.81 -26.40
N THR H 93 -21.73 -23.55 -26.03
CA THR H 93 -22.33 -22.28 -26.42
C THR H 93 -21.69 -21.11 -25.71
N ALA H 94 -21.33 -21.26 -24.44
CA ALA H 94 -20.64 -20.19 -23.77
C ALA H 94 -19.27 -19.95 -24.38
N VAL H 95 -18.63 -21.00 -24.89
CA VAL H 95 -17.37 -20.81 -25.60
C VAL H 95 -17.60 -20.00 -26.86
N ARG H 96 -18.63 -20.36 -27.63
CA ARG H 96 -18.95 -19.58 -28.82
C ARG H 96 -19.18 -18.12 -28.48
N LEU H 97 -19.89 -17.85 -27.39
CA LEU H 97 -20.22 -16.48 -27.04
C LEU H 97 -18.99 -15.70 -26.60
N LEU H 98 -18.18 -16.27 -25.71
CA LEU H 98 -17.13 -15.50 -25.09
C LEU H 98 -15.93 -15.33 -26.00
N LEU H 99 -15.35 -16.44 -26.45
CA LEU H 99 -14.13 -16.35 -27.23
C LEU H 99 -14.40 -15.71 -28.58
N PRO H 100 -13.46 -14.96 -29.11
CA PRO H 100 -13.64 -14.36 -30.43
C PRO H 100 -13.17 -15.25 -31.56
N GLY H 101 -14.01 -15.41 -32.58
CA GLY H 101 -13.61 -15.95 -33.86
C GLY H 101 -12.78 -17.22 -33.88
N GLU H 102 -11.53 -17.06 -34.31
CA GLU H 102 -10.68 -18.19 -34.61
C GLU H 102 -10.40 -19.01 -33.34
N LEU H 103 -10.22 -18.32 -32.21
CA LEU H 103 -10.08 -19.00 -30.93
C LEU H 103 -11.30 -19.84 -30.65
N ALA H 104 -12.49 -19.29 -30.84
CA ALA H 104 -13.70 -20.04 -30.55
C ALA H 104 -13.74 -21.31 -31.39
N LYS H 105 -13.40 -21.19 -32.67
CA LYS H 105 -13.45 -22.33 -33.55
C LYS H 105 -12.51 -23.44 -33.07
N HIS H 106 -11.27 -23.08 -32.79
CA HIS H 106 -10.32 -24.11 -32.39
C HIS H 106 -10.67 -24.71 -31.03
N ALA H 107 -11.11 -23.87 -30.09
CA ALA H 107 -11.39 -24.37 -28.75
C ALA H 107 -12.59 -25.30 -28.76
N VAL H 108 -13.59 -25.00 -29.59
CA VAL H 108 -14.71 -25.92 -29.74
C VAL H 108 -14.24 -27.26 -30.29
N SER H 109 -13.36 -27.21 -31.29
CA SER H 109 -12.83 -28.47 -31.82
C SER H 109 -12.12 -29.27 -30.72
N GLU H 110 -11.30 -28.60 -29.91
CA GLU H 110 -10.61 -29.28 -28.82
C GLU H 110 -11.59 -29.93 -27.86
N GLY H 111 -12.62 -29.18 -27.47
CA GLY H 111 -13.56 -29.70 -26.49
C GLY H 111 -14.28 -30.93 -26.99
N THR H 112 -14.80 -30.88 -28.23
CA THR H 112 -15.51 -32.04 -28.73
C THR H 112 -14.59 -33.24 -28.84
N LYS H 113 -13.36 -33.02 -29.30
CA LYS H 113 -12.44 -34.14 -29.44
C LYS H 113 -12.19 -34.81 -28.10
N ALA H 114 -11.93 -34.01 -27.06
CA ALA H 114 -11.68 -34.57 -25.75
C ALA H 114 -12.89 -35.30 -25.21
N VAL H 115 -14.09 -34.74 -25.39
CA VAL H 115 -15.25 -35.38 -24.80
C VAL H 115 -15.57 -36.69 -25.50
N THR H 116 -15.39 -36.76 -26.82
CA THR H 116 -15.64 -38.04 -27.49
C THR H 116 -14.61 -39.06 -27.08
N LYS H 117 -13.35 -38.66 -26.95
CA LYS H 117 -12.34 -39.61 -26.51
C LYS H 117 -12.66 -40.15 -25.12
N TYR H 118 -13.11 -39.28 -24.23
CA TYR H 118 -13.48 -39.72 -22.88
C TYR H 118 -14.67 -40.66 -22.93
N THR H 119 -15.72 -40.29 -23.65
CA THR H 119 -16.94 -41.09 -23.68
C THR H 119 -16.69 -42.47 -24.25
N SER H 120 -15.95 -42.55 -25.35
CA SER H 120 -15.62 -43.85 -25.92
C SER H 120 -14.69 -44.66 -25.03
N ALA H 121 -14.10 -44.05 -24.01
CA ALA H 121 -13.22 -44.79 -23.12
C ALA H 121 -13.73 -44.73 -21.68
N ASP K 14 55.31 1.42 3.19
CA ASP K 14 55.97 1.01 1.95
C ASP K 14 54.99 0.40 0.97
N PRO K 15 54.62 1.15 -0.07
CA PRO K 15 53.60 0.68 -1.00
C PRO K 15 53.93 -0.67 -1.64
N GLU K 16 55.22 -0.97 -1.83
CA GLU K 16 55.58 -2.23 -2.44
C GLU K 16 55.31 -3.40 -1.49
N SER K 17 55.87 -3.34 -0.28
CA SER K 17 55.63 -4.39 0.69
C SER K 17 54.15 -4.45 1.09
N ASN K 18 53.52 -3.29 1.22
CA ASN K 18 52.09 -3.26 1.52
C ASN K 18 51.30 -3.94 0.42
N LYS K 19 51.69 -3.71 -0.84
CA LYS K 19 51.04 -4.40 -1.95
C LYS K 19 51.27 -5.89 -1.86
N LYS K 20 52.49 -6.30 -1.51
CA LYS K 20 52.80 -7.72 -1.47
C LYS K 20 52.00 -8.44 -0.40
N ARG K 21 51.83 -7.80 0.76
CA ARG K 21 51.19 -8.44 1.90
C ARG K 21 49.67 -8.33 1.89
N TYR K 22 49.16 -7.13 1.60
CA TYR K 22 47.73 -6.87 1.77
C TYR K 22 46.89 -7.74 0.84
N LEU K 23 47.22 -7.74 -0.44
CA LEU K 23 46.34 -8.34 -1.44
C LEU K 23 46.21 -9.83 -1.23
N LEU K 24 45.06 -10.37 -1.61
CA LEU K 24 44.82 -11.81 -1.57
C LEU K 24 45.58 -12.45 -2.72
N LYS K 25 46.88 -12.69 -2.49
CA LYS K 25 47.69 -13.36 -3.50
C LYS K 25 47.14 -14.75 -3.81
N ASP K 26 46.74 -15.48 -2.77
CA ASP K 26 46.21 -16.81 -2.91
C ASP K 26 44.70 -16.80 -2.67
N ALA K 27 43.96 -17.43 -3.57
CA ALA K 27 42.51 -17.53 -3.47
C ALA K 27 42.16 -18.92 -2.98
N ASN K 28 41.38 -18.99 -1.90
CA ASN K 28 41.03 -20.27 -1.29
C ASN K 28 39.79 -20.08 -0.43
N GLY K 29 39.22 -21.20 0.01
CA GLY K 29 38.07 -21.18 0.88
C GLY K 29 38.46 -21.34 2.33
N LYS K 30 38.28 -22.54 2.88
CA LYS K 30 38.74 -22.84 4.23
C LYS K 30 40.15 -23.40 4.16
N LYS K 31 41.01 -22.93 5.05
CA LYS K 31 42.44 -23.21 4.96
C LYS K 31 42.96 -24.07 6.10
N PHE K 32 42.64 -23.73 7.35
CA PHE K 32 43.18 -24.49 8.47
C PHE K 32 42.60 -25.90 8.46
N ASP K 33 43.38 -26.84 8.98
CA ASP K 33 42.84 -28.14 9.29
C ASP K 33 42.93 -28.46 10.78
N LEU K 34 44.10 -28.34 11.37
CA LEU K 34 44.29 -28.79 12.73
C LEU K 34 44.94 -27.74 13.62
N GLU K 35 45.86 -26.95 13.09
CA GLU K 35 46.72 -26.12 13.94
C GLU K 35 45.92 -25.11 14.74
N GLY K 36 45.28 -24.15 14.05
CA GLY K 36 44.63 -23.06 14.75
C GLY K 36 43.46 -23.54 15.60
N THR K 37 42.60 -24.38 15.02
CA THR K 37 41.45 -24.87 15.75
C THR K 37 41.88 -25.64 17.00
N THR K 38 42.84 -26.55 16.83
CA THR K 38 43.29 -27.36 17.95
C THR K 38 43.95 -26.50 19.02
N LYS K 39 44.77 -25.52 18.62
CA LYS K 39 45.44 -24.69 19.61
C LYS K 39 44.43 -23.85 20.38
N ARG K 40 43.45 -23.26 19.69
CA ARG K 40 42.40 -22.55 20.38
C ARG K 40 41.69 -23.46 21.37
N PHE K 41 41.34 -24.67 20.92
CA PHE K 41 40.58 -25.56 21.78
C PHE K 41 41.38 -25.94 23.01
N GLU K 42 42.66 -26.27 22.85
CA GLU K 42 43.46 -26.68 24.00
C GLU K 42 43.69 -25.50 24.95
N HIS K 43 43.89 -24.30 24.40
CA HIS K 43 44.06 -23.14 25.28
C HIS K 43 42.79 -22.88 26.08
N LEU K 44 41.64 -22.96 25.43
CA LEU K 44 40.39 -22.75 26.15
C LEU K 44 40.14 -23.87 27.16
N LEU K 45 40.56 -25.10 26.83
CA LEU K 45 40.47 -26.19 27.78
C LEU K 45 41.33 -25.91 29.00
N SER K 46 42.53 -25.39 28.78
CA SER K 46 43.40 -25.01 29.88
C SER K 46 42.76 -23.96 30.75
N LEU K 47 42.14 -22.96 30.12
CA LEU K 47 41.40 -21.94 30.88
C LEU K 47 39.96 -22.43 31.11
N SER K 48 39.83 -23.37 32.05
CA SER K 48 38.54 -23.88 32.51
C SER K 48 37.75 -24.49 31.36
N GLY K 49 38.29 -25.57 30.82
CA GLY K 49 37.68 -26.22 29.67
C GLY K 49 36.44 -27.02 30.00
N LEU K 50 35.33 -26.32 30.22
CA LEU K 50 34.04 -26.94 30.51
C LEU K 50 33.18 -27.06 29.27
N PHE K 51 33.78 -26.94 28.09
CA PHE K 51 33.07 -26.74 26.84
C PHE K 51 33.15 -27.94 25.90
N LYS K 52 33.28 -29.14 26.45
CA LYS K 52 33.45 -30.32 25.62
C LYS K 52 32.23 -30.57 24.74
N HIS K 53 31.04 -30.49 25.33
CA HIS K 53 29.79 -30.82 24.64
C HIS K 53 29.79 -30.38 23.19
N PHE K 54 30.12 -29.11 22.95
CA PHE K 54 30.24 -28.62 21.58
C PHE K 54 31.28 -29.42 20.81
N ILE K 55 32.43 -29.68 21.43
CA ILE K 55 33.55 -30.28 20.72
C ILE K 55 33.16 -31.66 20.21
N GLU K 56 32.75 -32.55 21.12
CA GLU K 56 32.38 -33.88 20.64
C GLU K 56 31.10 -33.87 19.82
N SER K 57 30.16 -32.96 20.07
CA SER K 57 28.96 -32.93 19.24
C SER K 57 29.31 -32.65 17.79
N LYS K 58 30.12 -31.62 17.54
CA LYS K 58 30.47 -31.32 16.15
C LYS K 58 31.46 -32.33 15.58
N ALA K 59 32.32 -32.91 16.42
CA ALA K 59 33.20 -33.96 15.91
C ALA K 59 32.39 -35.16 15.44
N ALA K 60 31.39 -35.55 16.21
CA ALA K 60 30.50 -36.64 15.79
C ALA K 60 29.74 -36.27 14.54
N LYS K 61 29.19 -35.06 14.47
CA LYS K 61 28.39 -34.67 13.31
C LYS K 61 29.23 -34.11 12.17
N ASP K 62 30.55 -33.95 12.36
CA ASP K 62 31.40 -33.50 11.27
C ASP K 62 32.68 -34.31 11.22
N PRO K 63 32.96 -34.98 10.09
CA PRO K 63 34.21 -35.75 9.99
C PRO K 63 35.45 -34.89 10.12
N LYS K 64 35.41 -33.65 9.62
CA LYS K 64 36.59 -32.80 9.69
C LYS K 64 36.97 -32.50 11.13
N PHE K 65 36.02 -32.02 11.93
CA PHE K 65 36.34 -31.86 13.34
C PHE K 65 36.35 -33.18 14.09
N ARG K 66 35.84 -34.26 13.51
CA ARG K 66 36.10 -35.57 14.10
C ARG K 66 37.58 -35.88 14.10
N GLN K 67 38.23 -35.76 12.94
CA GLN K 67 39.67 -35.98 12.88
C GLN K 67 40.45 -34.84 13.53
N VAL K 68 39.84 -33.67 13.69
CA VAL K 68 40.45 -32.64 14.52
C VAL K 68 40.50 -33.09 15.97
N LEU K 69 39.37 -33.56 16.49
CA LEU K 69 39.32 -34.10 17.85
C LEU K 69 40.20 -35.33 17.99
N ASP K 70 40.46 -36.02 16.90
CA ASP K 70 41.30 -37.22 16.94
C ASP K 70 42.70 -36.95 17.47
N VAL K 71 43.16 -35.69 17.41
CA VAL K 71 44.40 -35.34 18.09
C VAL K 71 44.13 -34.83 19.51
N LEU K 72 42.89 -34.49 19.83
CA LEU K 72 42.56 -33.92 21.13
C LEU K 72 42.66 -34.92 22.27
N GLU K 73 42.71 -36.22 21.98
CA GLU K 73 42.79 -37.20 23.06
C GLU K 73 44.14 -37.14 23.76
N GLU K 74 45.23 -37.12 22.99
CA GLU K 74 46.59 -37.17 23.54
C GLU K 74 47.44 -36.14 22.81
N ASN K 75 47.61 -34.98 23.42
CA ASN K 75 48.40 -33.91 22.84
C ASN K 75 48.81 -32.88 23.88
N PHE K 115 55.30 -7.75 25.76
CA PHE K 115 55.25 -6.60 26.65
C PHE K 115 53.91 -6.59 27.36
N GLN K 116 53.96 -6.60 28.69
CA GLN K 116 52.76 -6.75 29.50
C GLN K 116 52.13 -5.42 29.88
N PHE K 117 52.64 -4.32 29.36
CA PHE K 117 52.07 -2.99 29.55
C PHE K 117 51.97 -2.63 31.03
N ARG K 118 53.13 -2.53 31.67
CA ARG K 118 53.16 -2.09 33.06
C ARG K 118 52.91 -0.60 33.20
N GLU K 119 52.84 0.13 32.09
CA GLU K 119 52.60 1.55 32.11
C GLU K 119 51.92 1.95 30.80
N SER K 120 51.55 3.22 30.70
CA SER K 120 51.05 3.74 29.44
C SER K 120 52.14 3.70 28.39
N PRO K 121 51.84 3.24 27.17
CA PRO K 121 52.87 3.14 26.14
C PRO K 121 53.45 4.51 25.80
N ALA K 122 54.74 4.52 25.49
CA ALA K 122 55.45 5.78 25.26
C ALA K 122 54.96 6.47 24.01
N TYR K 123 54.75 5.72 22.92
CA TYR K 123 54.52 6.34 21.62
C TYR K 123 53.19 7.09 21.58
N VAL K 124 52.12 6.46 22.09
CA VAL K 124 50.82 7.11 22.04
C VAL K 124 50.85 8.37 22.90
N ASN K 125 50.29 9.45 22.37
CA ASN K 125 50.31 10.73 23.05
C ASN K 125 49.56 10.64 24.38
N GLY K 126 50.12 11.28 25.40
CA GLY K 126 49.48 11.31 26.70
C GLY K 126 49.66 10.02 27.48
N GLN K 127 48.72 9.79 28.41
CA GLN K 127 48.73 8.62 29.27
C GLN K 127 47.38 7.93 29.18
N LEU K 128 47.27 6.79 29.87
CA LEU K 128 46.07 5.98 29.87
C LEU K 128 45.58 5.82 31.29
N ARG K 129 44.27 5.62 31.43
CA ARG K 129 43.73 5.29 32.74
C ARG K 129 44.20 3.89 33.15
N PRO K 130 44.30 3.64 34.46
CA PRO K 130 44.74 2.31 34.89
C PRO K 130 43.88 1.19 34.35
N TYR K 131 42.57 1.38 34.33
CA TYR K 131 41.71 0.37 33.73
C TYR K 131 41.93 0.30 32.23
N GLN K 132 42.29 1.43 31.60
CA GLN K 132 42.62 1.40 30.17
C GLN K 132 43.88 0.58 29.92
N ILE K 133 44.90 0.77 30.76
CA ILE K 133 46.12 -0.02 30.60
C ILE K 133 45.81 -1.49 30.83
N GLN K 134 44.94 -1.78 31.79
CA GLN K 134 44.52 -3.16 32.01
C GLN K 134 43.83 -3.72 30.77
N GLY K 135 42.97 -2.93 30.14
CA GLY K 135 42.29 -3.39 28.94
C GLY K 135 43.25 -3.65 27.79
N VAL K 136 44.23 -2.77 27.61
CA VAL K 136 45.17 -2.98 26.51
C VAL K 136 46.04 -4.20 26.80
N ASN K 137 46.40 -4.42 28.06
CA ASN K 137 47.07 -5.66 28.41
C ASN K 137 46.19 -6.86 28.12
N TRP K 138 44.90 -6.74 28.41
CA TRP K 138 43.97 -7.84 28.15
C TRP K 138 43.94 -8.19 26.68
N LEU K 139 43.84 -7.17 25.84
CA LEU K 139 43.81 -7.40 24.39
C LEU K 139 45.13 -7.98 23.91
N VAL K 140 46.25 -7.49 24.43
CA VAL K 140 47.55 -8.04 24.05
C VAL K 140 47.63 -9.51 24.41
N SER K 141 47.19 -9.85 25.62
CA SER K 141 47.22 -11.24 26.07
C SER K 141 46.33 -12.11 25.18
N LEU K 142 45.14 -11.61 24.84
CA LEU K 142 44.26 -12.35 23.95
C LEU K 142 44.91 -12.54 22.59
N HIS K 143 45.64 -11.53 22.12
CA HIS K 143 46.35 -11.64 20.87
C HIS K 143 47.41 -12.73 20.94
N LYS K 144 48.17 -12.78 22.04
CA LYS K 144 49.21 -13.77 22.19
C LYS K 144 48.64 -15.18 22.14
N ASN K 145 47.42 -15.36 22.65
CA ASN K 145 46.78 -16.67 22.68
C ASN K 145 45.97 -16.94 21.42
N LYS K 146 46.04 -16.04 20.44
CA LYS K 146 45.37 -16.23 19.15
C LYS K 146 43.87 -16.44 19.32
N ILE K 147 43.26 -15.67 20.23
CA ILE K 147 41.82 -15.67 20.39
C ILE K 147 41.36 -14.24 20.64
N ALA K 148 40.17 -13.92 20.14
CA ALA K 148 39.67 -12.56 20.09
C ALA K 148 39.02 -12.17 21.43
N GLY K 149 38.28 -11.07 21.43
CA GLY K 149 37.57 -10.63 22.60
C GLY K 149 36.44 -9.69 22.23
N ILE K 150 35.71 -9.24 23.24
CA ILE K 150 34.64 -8.26 23.05
C ILE K 150 34.79 -7.18 24.11
N LEU K 151 35.44 -6.08 23.77
CA LEU K 151 35.55 -4.98 24.70
C LEU K 151 34.16 -4.39 24.91
N ALA K 152 33.73 -4.31 26.16
CA ALA K 152 32.35 -3.90 26.46
C ALA K 152 32.30 -3.01 27.68
N ASP K 153 33.16 -1.99 27.73
CA ASP K 153 33.08 -1.01 28.80
C ASP K 153 31.73 -0.31 28.77
N GLU K 154 31.36 0.32 29.87
CA GLU K 154 30.17 1.15 29.83
C GLU K 154 30.42 2.38 28.97
N MET K 155 29.34 2.97 28.48
CA MET K 155 29.43 4.00 27.46
C MET K 155 30.18 5.21 27.99
N GLY K 156 31.00 5.81 27.13
CA GLY K 156 31.77 6.98 27.50
C GLY K 156 33.07 6.70 28.19
N LEU K 157 33.51 5.45 28.22
CA LEU K 157 34.74 5.08 28.91
C LEU K 157 35.97 5.18 28.03
N GLY K 158 35.84 5.80 26.86
CA GLY K 158 36.98 5.98 25.97
C GLY K 158 37.52 4.70 25.38
N LYS K 159 36.63 3.74 25.09
CA LYS K 159 37.08 2.46 24.57
C LYS K 159 37.77 2.60 23.22
N THR K 160 37.40 3.62 22.45
CA THR K 160 38.06 3.87 21.18
C THR K 160 39.54 4.14 21.38
N LEU K 161 39.88 4.88 22.44
CA LEU K 161 41.28 5.10 22.75
C LEU K 161 41.97 3.78 23.09
N GLN K 162 41.25 2.87 23.72
CA GLN K 162 41.84 1.56 24.00
C GLN K 162 42.10 0.80 22.72
N THR K 163 41.16 0.85 21.77
CA THR K 163 41.38 0.18 20.48
C THR K 163 42.59 0.77 19.75
N ILE K 164 42.69 2.10 19.74
CA ILE K 164 43.83 2.70 19.06
C ILE K 164 45.12 2.33 19.77
N SER K 165 45.11 2.22 21.09
CA SER K 165 46.31 1.80 21.81
C SER K 165 46.70 0.39 21.40
N PHE K 166 45.71 -0.49 21.28
CA PHE K 166 45.96 -1.85 20.83
C PHE K 166 46.61 -1.84 19.46
N LEU K 167 46.07 -1.04 18.54
CA LEU K 167 46.64 -0.97 17.20
C LEU K 167 48.04 -0.37 17.23
N GLY K 168 48.30 0.54 18.17
CA GLY K 168 49.64 1.06 18.34
C GLY K 168 50.62 -0.01 18.78
N TYR K 169 50.19 -0.86 19.71
CA TYR K 169 50.95 -2.08 20.01
C TYR K 169 51.21 -2.90 18.77
N LEU K 170 50.16 -3.11 17.96
CA LEU K 170 50.27 -3.97 16.79
C LEU K 170 51.31 -3.45 15.81
N ARG K 171 51.25 -2.15 15.51
CA ARG K 171 52.17 -1.59 14.53
C ARG K 171 53.56 -1.44 15.10
N TYR K 172 53.67 -0.96 16.33
CA TYR K 172 54.94 -0.45 16.83
C TYR K 172 55.74 -1.49 17.61
N ILE K 173 55.11 -2.54 18.11
CA ILE K 173 55.82 -3.53 18.91
C ILE K 173 56.06 -4.78 18.11
N GLU K 174 54.98 -5.46 17.72
CA GLU K 174 55.13 -6.69 16.96
C GLU K 174 55.26 -6.44 15.46
N LYS K 175 55.10 -5.20 15.01
CA LYS K 175 55.44 -4.78 13.66
C LYS K 175 54.62 -5.55 12.60
N ILE K 176 53.31 -5.38 12.67
CA ILE K 176 52.43 -5.84 11.59
C ILE K 176 51.54 -4.68 11.18
N PRO K 177 52.01 -3.79 10.32
CA PRO K 177 51.16 -2.66 9.90
C PRO K 177 50.10 -3.10 8.91
N GLY K 178 49.45 -4.21 9.20
CA GLY K 178 48.59 -4.85 8.26
C GLY K 178 47.36 -4.02 7.96
N PRO K 179 46.55 -4.50 7.06
CA PRO K 179 45.33 -3.78 6.71
C PRO K 179 44.30 -3.95 7.79
N PHE K 180 44.04 -2.90 8.56
CA PHE K 180 43.02 -2.93 9.59
C PHE K 180 41.79 -2.21 9.09
N LEU K 181 40.64 -2.80 9.33
CA LEU K 181 39.36 -2.21 8.94
C LEU K 181 38.54 -1.95 10.19
N VAL K 182 37.92 -0.77 10.25
CA VAL K 182 37.19 -0.33 11.45
C VAL K 182 35.81 0.13 11.00
N ILE K 183 34.85 -0.80 10.98
CA ILE K 183 33.47 -0.42 10.72
C ILE K 183 32.98 0.45 11.86
N ALA K 184 31.96 1.27 11.57
CA ALA K 184 31.39 2.16 12.56
C ALA K 184 30.07 2.69 12.01
N PRO K 185 29.24 3.31 12.83
CA PRO K 185 28.14 4.11 12.29
C PRO K 185 28.67 5.43 11.78
N LYS K 186 27.91 6.04 10.86
CA LYS K 186 28.44 7.20 10.15
C LYS K 186 28.76 8.35 11.09
N SER K 187 27.91 8.57 12.08
CA SER K 187 28.14 9.69 12.99
C SER K 187 29.50 9.59 13.67
N THR K 188 30.01 8.39 13.84
CA THR K 188 31.23 8.17 14.61
C THR K 188 32.47 8.11 13.75
N LEU K 189 32.36 8.28 12.44
CA LEU K 189 33.54 8.16 11.58
C LEU K 189 34.54 9.26 11.86
N ASN K 190 34.06 10.51 11.92
CA ASN K 190 34.95 11.64 12.11
C ASN K 190 35.67 11.56 13.44
N ASN K 191 34.96 11.15 14.49
CA ASN K 191 35.59 11.05 15.80
C ASN K 191 36.70 10.01 15.79
N TRP K 192 36.47 8.87 15.15
CA TRP K 192 37.52 7.89 14.97
C TRP K 192 38.73 8.54 14.33
N LEU K 193 38.55 9.07 13.11
CA LEU K 193 39.68 9.63 12.38
C LEU K 193 40.42 10.66 13.20
N ARG K 194 39.69 11.49 13.95
CA ARG K 194 40.34 12.46 14.79
C ARG K 194 41.18 11.80 15.88
N GLU K 195 40.68 10.70 16.44
CA GLU K 195 41.45 10.00 17.47
C GLU K 195 42.73 9.41 16.88
N ILE K 196 42.64 8.81 15.70
CA ILE K 196 43.85 8.34 15.03
C ILE K 196 44.82 9.49 14.83
N ASN K 197 44.32 10.63 14.36
CA ASN K 197 45.20 11.77 14.16
C ASN K 197 45.70 12.37 15.46
N ARG K 198 45.09 12.04 16.59
CA ARG K 198 45.46 12.66 17.86
C ARG K 198 46.45 11.83 18.67
N TRP K 199 46.24 10.52 18.81
CA TRP K 199 47.10 9.74 19.69
C TRP K 199 48.31 9.16 18.95
N THR K 200 48.07 8.35 17.93
CA THR K 200 49.17 7.87 17.10
C THR K 200 49.26 8.78 15.89
N PRO K 201 50.07 9.84 15.94
CA PRO K 201 49.97 10.90 14.93
C PRO K 201 50.27 10.43 13.53
N ASP K 202 51.12 9.43 13.35
CA ASP K 202 51.61 9.04 12.03
C ASP K 202 50.97 7.72 11.63
N VAL K 203 49.78 7.80 11.07
CA VAL K 203 49.06 6.64 10.53
C VAL K 203 48.30 7.07 9.29
N ASN K 204 48.40 6.29 8.22
CA ASN K 204 47.64 6.57 7.00
C ASN K 204 46.25 5.99 7.17
N ALA K 205 45.43 6.70 7.92
CA ALA K 205 44.04 6.34 8.16
C ALA K 205 43.14 7.27 7.36
N PHE K 206 42.26 6.69 6.56
CA PHE K 206 41.42 7.52 5.69
C PHE K 206 40.00 7.02 5.73
N ILE K 207 39.06 7.96 5.72
CA ILE K 207 37.65 7.60 5.72
C ILE K 207 37.28 7.12 4.32
N LEU K 208 36.14 6.46 4.19
CA LEU K 208 35.67 6.05 2.88
C LEU K 208 34.30 6.68 2.65
N GLN K 209 34.31 7.93 2.21
CA GLN K 209 33.10 8.73 2.07
C GLN K 209 32.79 9.00 0.60
N GLY K 210 31.77 9.82 0.37
CA GLY K 210 31.54 10.43 -0.91
C GLY K 210 30.73 9.56 -1.86
N ASP K 211 30.32 10.18 -2.95
CA ASP K 211 29.54 9.48 -3.95
C ASP K 211 30.40 8.48 -4.69
N LYS K 212 29.77 7.70 -5.57
CA LYS K 212 30.43 6.57 -6.20
C LYS K 212 31.73 6.98 -6.88
N GLU K 213 31.77 8.18 -7.44
CA GLU K 213 32.95 8.60 -8.18
C GLU K 213 34.16 8.73 -7.28
N GLU K 214 34.03 9.47 -6.18
CA GLU K 214 35.18 9.66 -5.31
C GLU K 214 35.48 8.41 -4.49
N ARG K 215 34.46 7.62 -4.17
CA ARG K 215 34.71 6.31 -3.58
C ARG K 215 35.59 5.48 -4.50
N ALA K 216 35.20 5.37 -5.78
CA ALA K 216 35.99 4.60 -6.74
C ALA K 216 37.38 5.19 -6.88
N GLU K 217 37.47 6.51 -6.86
CA GLU K 217 38.78 7.16 -6.92
C GLU K 217 39.68 6.71 -5.80
N LEU K 218 39.20 6.81 -4.56
CA LEU K 218 40.01 6.39 -3.42
C LEU K 218 40.32 4.92 -3.48
N ILE K 219 39.34 4.10 -3.86
CA ILE K 219 39.54 2.66 -3.94
C ILE K 219 40.72 2.39 -4.85
N GLN K 220 40.55 2.74 -6.12
CA GLN K 220 41.56 2.38 -7.11
C GLN K 220 42.89 3.07 -6.86
N LYS K 221 42.89 4.22 -6.18
CA LYS K 221 44.16 4.91 -5.96
C LYS K 221 44.89 4.34 -4.75
N LYS K 222 44.32 4.49 -3.56
CA LYS K 222 44.99 4.05 -2.35
C LYS K 222 44.69 2.60 -2.02
N LEU K 223 43.40 2.24 -1.94
CA LEU K 223 43.03 0.96 -1.38
C LEU K 223 43.59 -0.18 -2.22
N LEU K 224 43.12 -0.28 -3.46
CA LEU K 224 43.70 -1.28 -4.35
C LEU K 224 45.17 -0.99 -4.63
N GLY K 225 45.61 0.25 -4.45
CA GLY K 225 47.03 0.52 -4.48
C GLY K 225 47.77 0.09 -3.25
N CYS K 226 47.05 -0.22 -2.17
CA CYS K 226 47.64 -0.63 -0.89
C CYS K 226 48.62 0.43 -0.39
N ASP K 227 48.14 1.66 -0.31
CA ASP K 227 48.95 2.79 0.09
C ASP K 227 48.43 3.44 1.36
N PHE K 228 47.78 2.67 2.21
CA PHE K 228 47.14 3.17 3.41
C PHE K 228 47.64 2.41 4.64
N ASP K 229 47.07 2.73 5.79
CA ASP K 229 47.32 2.01 7.03
C ASP K 229 46.07 1.33 7.56
N VAL K 230 44.98 2.09 7.75
CA VAL K 230 43.68 1.53 8.10
C VAL K 230 42.60 2.22 7.29
N VAL K 231 41.48 1.54 7.13
CA VAL K 231 40.33 2.06 6.40
C VAL K 231 39.20 2.25 7.40
N ILE K 232 38.33 3.20 7.11
CA ILE K 232 37.14 3.48 7.91
C ILE K 232 35.94 3.53 6.98
N ALA K 233 34.84 2.90 7.38
CA ALA K 233 33.70 2.79 6.49
C ALA K 233 32.46 2.49 7.29
N SER K 234 31.35 3.16 6.99
CA SER K 234 30.12 2.94 7.72
C SER K 234 29.60 1.54 7.46
N TYR K 235 28.46 1.21 8.04
CA TYR K 235 27.83 -0.07 7.72
C TYR K 235 27.44 -0.13 6.25
N GLU K 236 26.80 0.92 5.75
CA GLU K 236 26.35 0.90 4.37
C GLU K 236 27.52 0.94 3.39
N ILE K 237 28.56 1.70 3.70
CA ILE K 237 29.72 1.70 2.82
C ILE K 237 30.42 0.36 2.84
N ILE K 238 30.32 -0.38 3.94
CA ILE K 238 30.80 -1.76 3.94
C ILE K 238 29.95 -2.59 2.99
N ILE K 239 28.64 -2.45 3.06
CA ILE K 239 27.78 -3.31 2.24
C ILE K 239 27.96 -2.99 0.76
N ARG K 240 28.11 -1.71 0.42
CA ARG K 240 28.20 -1.34 -0.99
C ARG K 240 29.54 -1.75 -1.58
N GLU K 241 30.62 -1.55 -0.85
CA GLU K 241 31.96 -1.90 -1.31
C GLU K 241 32.33 -3.30 -0.84
N LYS K 242 31.54 -4.28 -1.24
CA LYS K 242 31.86 -5.66 -0.94
C LYS K 242 33.20 -6.03 -1.55
N SER K 243 33.26 -6.07 -2.88
CA SER K 243 34.39 -6.70 -3.56
C SER K 243 35.72 -6.03 -3.26
N PRO K 244 35.87 -4.71 -3.29
CA PRO K 244 37.20 -4.13 -3.02
C PRO K 244 37.76 -4.52 -1.67
N LEU K 245 36.93 -4.57 -0.63
CA LEU K 245 37.42 -5.00 0.67
C LEU K 245 37.53 -6.51 0.77
N LYS K 246 36.72 -7.23 0.00
CA LYS K 246 36.82 -8.68 -0.03
C LYS K 246 38.17 -9.12 -0.54
N LYS K 247 38.65 -8.47 -1.59
CA LYS K 247 39.98 -8.82 -2.09
C LYS K 247 41.04 -8.10 -1.29
N ILE K 248 41.00 -8.23 0.04
CA ILE K 248 42.07 -7.82 0.93
C ILE K 248 42.18 -8.85 2.04
N ASN K 249 43.40 -9.25 2.36
CA ASN K 249 43.64 -10.19 3.46
C ASN K 249 43.64 -9.40 4.77
N TRP K 250 42.49 -9.33 5.40
CA TRP K 250 42.29 -8.42 6.52
C TRP K 250 43.01 -8.93 7.76
N GLU K 251 43.99 -8.16 8.22
CA GLU K 251 44.67 -8.48 9.47
C GLU K 251 43.70 -8.48 10.64
N TYR K 252 42.81 -7.49 10.68
CA TYR K 252 41.79 -7.34 11.71
C TYR K 252 40.56 -6.68 11.11
N ILE K 253 39.43 -6.98 11.72
CA ILE K 253 38.19 -6.27 11.46
C ILE K 253 37.66 -5.80 12.80
N ILE K 254 37.43 -4.50 12.92
CA ILE K 254 37.02 -3.88 14.17
C ILE K 254 35.66 -3.26 13.96
N ILE K 255 34.80 -3.37 14.97
CA ILE K 255 33.45 -2.87 14.88
C ILE K 255 33.13 -2.05 16.11
N ASP K 256 32.72 -0.80 15.91
CA ASP K 256 32.20 0.01 16.98
C ASP K 256 30.69 -0.21 17.08
N GLU K 257 30.18 -0.25 18.31
CA GLU K 257 28.75 -0.43 18.57
C GLU K 257 28.21 -1.67 17.86
N ALA K 258 28.70 -2.81 18.31
CA ALA K 258 28.41 -4.07 17.64
C ALA K 258 26.97 -4.53 17.78
N HIS K 259 26.04 -3.76 18.38
CA HIS K 259 24.66 -4.21 18.45
C HIS K 259 24.14 -4.57 17.08
N ARG K 260 24.60 -3.86 16.05
CA ARG K 260 24.11 -4.04 14.70
C ARG K 260 24.34 -5.47 14.22
N ILE K 261 25.29 -6.20 14.83
CA ILE K 261 25.53 -7.59 14.50
C ILE K 261 24.62 -8.54 15.27
N LYS K 262 23.83 -8.04 16.23
CA LYS K 262 23.09 -8.91 17.13
C LYS K 262 22.19 -9.88 16.40
N ASN K 263 21.74 -9.55 15.20
CA ASN K 263 21.00 -10.49 14.38
C ASN K 263 21.99 -11.24 13.51
N GLU K 264 21.97 -12.57 13.60
CA GLU K 264 22.93 -13.37 12.88
C GLU K 264 22.66 -13.36 11.38
N GLU K 265 21.40 -13.25 10.98
CA GLU K 265 21.03 -13.31 9.58
C GLU K 265 20.94 -11.94 8.91
N SER K 266 21.33 -10.87 9.61
CA SER K 266 21.29 -9.54 9.01
C SER K 266 22.26 -9.47 7.84
N MET K 267 21.87 -8.68 6.84
CA MET K 267 22.66 -8.59 5.61
C MET K 267 24.07 -8.14 5.89
N LEU K 268 24.27 -7.26 6.86
CA LEU K 268 25.62 -6.88 7.23
C LEU K 268 26.39 -8.07 7.80
N SER K 269 25.72 -8.88 8.64
CA SER K 269 26.36 -10.08 9.15
C SER K 269 26.68 -11.05 8.02
N GLN K 270 25.72 -11.25 7.12
CA GLN K 270 25.96 -12.09 5.95
C GLN K 270 27.20 -11.66 5.22
N VAL K 271 27.33 -10.37 4.94
CA VAL K 271 28.47 -9.87 4.20
C VAL K 271 29.75 -10.08 4.99
N LEU K 272 29.71 -9.75 6.29
CA LEU K 272 30.92 -9.84 7.09
C LEU K 272 31.39 -11.27 7.29
N ARG K 273 30.53 -12.26 7.04
CA ARG K 273 30.95 -13.64 7.21
C ARG K 273 32.10 -13.99 6.30
N GLU K 274 32.05 -13.57 5.03
CA GLU K 274 33.07 -13.95 4.07
C GLU K 274 34.13 -12.87 3.84
N PHE K 275 34.38 -12.03 4.83
CA PHE K 275 35.59 -11.23 4.81
C PHE K 275 36.72 -12.07 5.36
N THR K 276 37.66 -12.45 4.50
CA THR K 276 38.77 -13.26 4.97
C THR K 276 39.62 -12.45 5.94
N SER K 277 39.90 -13.03 7.10
CA SER K 277 40.60 -12.33 8.16
C SER K 277 41.07 -13.37 9.17
N ARG K 278 41.62 -12.89 10.29
CA ARG K 278 42.15 -13.78 11.30
C ARG K 278 41.73 -13.44 12.72
N ASN K 279 41.32 -12.22 13.00
CA ASN K 279 41.08 -11.81 14.38
C ASN K 279 40.21 -10.57 14.38
N ARG K 280 39.27 -10.53 15.32
CA ARG K 280 38.24 -9.52 15.36
C ARG K 280 38.21 -8.85 16.73
N LEU K 281 37.74 -7.61 16.77
CA LEU K 281 37.76 -6.82 17.99
C LEU K 281 36.45 -6.06 18.16
N LEU K 282 35.34 -6.78 18.11
CA LEU K 282 34.04 -6.16 18.32
C LEU K 282 34.02 -5.30 19.57
N ILE K 283 33.19 -4.28 19.54
CA ILE K 283 33.05 -3.31 20.63
C ILE K 283 31.57 -3.06 20.84
N THR K 284 31.13 -3.14 22.10
CA THR K 284 29.72 -2.89 22.41
C THR K 284 29.62 -2.32 23.81
N GLY K 285 29.33 -1.02 23.89
CA GLY K 285 29.29 -0.36 25.17
C GLY K 285 28.19 -0.87 26.07
N THR K 286 27.01 -1.08 25.51
CA THR K 286 25.85 -1.42 26.31
C THR K 286 25.98 -2.82 26.88
N PRO K 287 25.31 -3.08 28.01
CA PRO K 287 25.28 -4.44 28.55
C PRO K 287 24.64 -5.40 27.56
N LEU K 288 25.12 -6.64 27.57
CA LEU K 288 24.58 -7.65 26.69
C LEU K 288 23.24 -8.13 27.21
N GLN K 289 22.25 -8.18 26.32
CA GLN K 289 20.91 -8.60 26.70
C GLN K 289 20.93 -10.04 27.21
N ASN K 290 20.08 -10.32 28.20
CA ASN K 290 20.01 -11.65 28.79
C ASN K 290 19.48 -12.70 27.82
N ASN K 291 18.93 -12.30 26.68
CA ASN K 291 18.63 -13.26 25.63
C ASN K 291 19.93 -13.90 25.15
N LEU K 292 19.86 -15.19 24.82
CA LEU K 292 21.06 -15.95 24.51
C LEU K 292 21.36 -16.02 23.02
N HIS K 293 20.35 -15.87 22.17
CA HIS K 293 20.57 -16.07 20.74
C HIS K 293 21.54 -15.05 20.19
N GLU K 294 21.40 -13.79 20.60
CA GLU K 294 22.32 -12.78 20.10
C GLU K 294 23.72 -12.96 20.66
N LEU K 295 23.83 -13.47 21.89
CA LEU K 295 25.16 -13.80 22.40
C LEU K 295 25.80 -14.88 21.56
N TRP K 296 25.01 -15.90 21.17
CA TRP K 296 25.54 -16.91 20.28
C TRP K 296 25.99 -16.29 18.96
N ALA K 297 25.19 -15.37 18.41
CA ALA K 297 25.56 -14.75 17.15
C ALA K 297 26.86 -13.98 17.27
N LEU K 298 27.00 -13.19 18.34
CA LEU K 298 28.23 -12.43 18.55
C LEU K 298 29.42 -13.36 18.66
N LEU K 299 29.32 -14.37 19.53
CA LEU K 299 30.44 -15.28 19.70
C LEU K 299 30.74 -16.02 18.41
N ASN K 300 29.71 -16.37 17.66
CA ASN K 300 29.89 -17.03 16.38
C ASN K 300 30.74 -16.17 15.47
N PHE K 301 30.43 -14.88 15.38
CA PHE K 301 31.27 -13.99 14.59
C PHE K 301 32.68 -13.93 15.15
N LEU K 302 32.81 -13.88 16.47
CA LEU K 302 34.14 -13.79 17.06
C LEU K 302 34.95 -15.04 16.79
N LEU K 303 34.40 -16.21 17.11
CA LEU K 303 35.11 -17.47 17.05
C LEU K 303 34.22 -18.49 16.37
N PRO K 304 34.20 -18.50 15.03
CA PRO K 304 33.36 -19.47 14.32
C PRO K 304 33.77 -20.91 14.56
N ASP K 305 35.02 -21.15 14.99
CA ASP K 305 35.46 -22.50 15.27
C ASP K 305 34.63 -23.14 16.37
N ILE K 306 34.34 -22.38 17.43
CA ILE K 306 33.76 -22.93 18.65
C ILE K 306 32.24 -22.90 18.57
N PHE K 307 31.67 -21.71 18.52
CA PHE K 307 30.22 -21.57 18.57
C PHE K 307 29.61 -21.76 17.20
N SER K 308 29.99 -22.86 16.55
CA SER K 308 29.63 -23.08 15.16
C SER K 308 28.20 -23.57 14.98
N ASP K 309 27.43 -23.68 16.06
CA ASP K 309 26.05 -24.15 15.96
C ASP K 309 25.18 -23.33 16.89
N ALA K 310 23.88 -23.31 16.57
CA ALA K 310 22.87 -22.67 17.40
C ALA K 310 22.04 -23.67 18.19
N GLN K 311 21.49 -24.68 17.50
CA GLN K 311 20.61 -25.63 18.17
C GLN K 311 21.35 -26.43 19.23
N ASP K 312 22.59 -26.84 18.95
CA ASP K 312 23.36 -27.56 19.95
C ASP K 312 23.65 -26.67 21.16
N PHE K 313 24.02 -25.42 20.92
CA PHE K 313 24.30 -24.50 22.01
C PHE K 313 23.06 -24.30 22.87
N ASP K 314 21.91 -24.11 22.22
CA ASP K 314 20.66 -23.94 22.94
C ASP K 314 20.32 -25.19 23.74
N ASP K 315 20.37 -26.36 23.11
CA ASP K 315 20.01 -27.60 23.79
C ASP K 315 20.96 -27.89 24.94
N TRP K 316 22.21 -27.46 24.83
CA TRP K 316 23.12 -27.62 25.96
C TRP K 316 22.74 -26.70 27.11
N PHE K 317 22.50 -25.41 26.82
CA PHE K 317 22.41 -24.44 27.89
C PHE K 317 20.98 -24.08 28.28
N SER K 318 20.19 -23.58 27.34
CA SER K 318 18.92 -22.94 27.66
C SER K 318 17.77 -23.94 27.69
N SER K 319 17.54 -24.62 26.57
CA SER K 319 16.40 -25.52 26.45
C SER K 319 16.69 -26.76 27.30
N GLU K 320 16.18 -26.76 28.53
CA GLU K 320 16.39 -27.84 29.47
C GLU K 320 15.05 -28.32 29.99
N SER K 321 15.03 -29.56 30.49
CA SER K 321 13.79 -30.12 31.04
C SER K 321 13.30 -29.32 32.23
N THR K 322 14.21 -28.94 33.13
CA THR K 322 13.88 -28.11 34.28
C THR K 322 14.62 -26.79 34.18
N GLU K 323 13.95 -25.73 34.65
CA GLU K 323 14.53 -24.39 34.54
C GLU K 323 15.67 -24.19 35.52
N GLU K 324 15.71 -24.98 36.60
CA GLU K 324 16.85 -24.92 37.51
C GLU K 324 18.14 -25.39 36.84
N ASP K 325 18.05 -26.20 35.79
CA ASP K 325 19.25 -26.57 35.04
C ASP K 325 19.93 -25.32 34.48
N GLN K 326 19.18 -24.47 33.79
CA GLN K 326 19.79 -23.26 33.27
C GLN K 326 20.08 -22.25 34.38
N ASP K 327 19.29 -22.23 35.45
CA ASP K 327 19.65 -21.37 36.58
C ASP K 327 21.01 -21.71 37.16
N LYS K 328 21.31 -23.01 37.27
CA LYS K 328 22.62 -23.40 37.79
C LYS K 328 23.71 -23.25 36.75
N ILE K 329 23.39 -23.42 35.47
CA ILE K 329 24.42 -23.32 34.45
C ILE K 329 24.65 -21.84 34.15
N VAL K 330 23.90 -20.96 34.82
CA VAL K 330 24.26 -19.54 34.80
C VAL K 330 25.71 -19.37 35.27
N LYS K 331 26.11 -20.12 36.29
CA LYS K 331 27.49 -20.04 36.76
C LYS K 331 28.45 -20.48 35.67
N GLN K 332 28.12 -21.55 34.94
CA GLN K 332 28.99 -22.00 33.86
C GLN K 332 29.01 -20.99 32.72
N LEU K 333 27.89 -20.34 32.43
CA LEU K 333 27.86 -19.24 31.49
C LEU K 333 28.86 -18.16 31.88
N HIS K 334 28.77 -17.72 33.14
CA HIS K 334 29.68 -16.71 33.64
C HIS K 334 31.12 -17.16 33.46
N THR K 335 31.39 -18.42 33.81
CA THR K 335 32.74 -18.96 33.68
C THR K 335 33.22 -18.89 32.23
N VAL K 336 32.38 -19.35 31.30
CA VAL K 336 32.79 -19.41 29.90
C VAL K 336 32.97 -18.02 29.32
N LEU K 337 32.16 -17.06 29.74
CA LEU K 337 32.24 -15.72 29.18
C LEU K 337 33.32 -14.87 29.84
N GLN K 338 33.83 -15.28 31.00
CA GLN K 338 34.85 -14.49 31.68
C GLN K 338 36.08 -14.20 30.84
N PRO K 339 36.70 -15.17 30.16
CA PRO K 339 37.99 -14.89 29.51
C PRO K 339 37.93 -13.82 28.45
N PHE K 340 36.80 -13.67 27.75
CA PHE K 340 36.76 -12.88 26.52
C PHE K 340 35.52 -12.02 26.44
N LEU K 341 35.13 -11.40 27.55
CA LEU K 341 34.08 -10.40 27.54
C LEU K 341 34.46 -9.26 28.49
N LEU K 342 35.71 -8.81 28.40
CA LEU K 342 36.22 -7.83 29.34
C LEU K 342 35.29 -6.63 29.42
N ARG K 343 34.90 -6.27 30.63
CA ARG K 343 33.99 -5.15 30.82
C ARG K 343 34.35 -4.40 32.10
N ARG K 344 34.30 -3.08 32.01
CA ARG K 344 34.50 -2.21 33.14
C ARG K 344 33.31 -1.28 33.29
N ILE K 345 33.09 -0.80 34.50
CA ILE K 345 31.94 0.03 34.83
C ILE K 345 32.45 1.39 35.30
N LYS K 346 31.85 2.46 34.81
CA LYS K 346 32.32 3.80 35.16
C LYS K 346 32.23 4.06 36.65
N SER K 347 31.32 3.37 37.33
CA SER K 347 31.13 3.63 38.77
C SER K 347 32.33 3.15 39.57
N ASP K 348 32.79 1.93 39.31
CA ASP K 348 33.79 1.28 40.15
C ASP K 348 35.21 1.39 39.59
N VAL K 349 35.46 2.36 38.72
CA VAL K 349 36.81 2.64 38.26
C VAL K 349 37.22 4.09 38.46
N GLU K 350 36.21 4.89 38.14
CA GLU K 350 36.46 6.29 38.11
C GLU K 350 35.58 7.11 38.95
N THR K 351 36.21 7.96 39.71
CA THR K 351 35.49 8.85 40.52
C THR K 351 36.03 10.15 40.06
N SER K 352 36.62 10.09 38.89
CA SER K 352 37.40 11.19 38.44
C SER K 352 36.51 12.37 38.32
N LEU K 353 35.29 12.25 38.78
CA LEU K 353 34.37 13.35 38.51
C LEU K 353 33.43 13.58 39.69
N LEU K 354 33.00 14.83 39.83
CA LEU K 354 31.92 15.13 40.77
C LEU K 354 30.68 14.36 40.34
N PRO K 355 30.00 13.67 41.25
CA PRO K 355 29.06 12.61 40.82
C PRO K 355 27.95 13.10 39.91
N LYS K 356 27.07 13.97 40.42
CA LYS K 356 25.89 14.52 39.75
C LYS K 356 25.26 15.55 40.68
N LYS K 357 24.44 16.41 40.09
CA LYS K 357 23.54 17.28 40.85
C LYS K 357 22.14 17.06 40.28
N GLU K 358 21.46 16.03 40.78
CA GLU K 358 20.15 15.65 40.26
C GLU K 358 19.09 16.47 40.98
N LEU K 359 18.75 17.61 40.40
CA LEU K 359 17.71 18.47 40.93
C LEU K 359 16.43 18.28 40.13
N ASN K 360 15.32 18.72 40.72
CA ASN K 360 14.01 18.38 40.18
C ASN K 360 13.05 19.54 40.44
N LEU K 361 12.34 19.96 39.40
CA LEU K 361 11.38 21.05 39.49
C LEU K 361 9.96 20.51 39.37
N TYR K 362 9.13 20.80 40.37
CA TYR K 362 7.70 20.47 40.32
C TYR K 362 6.95 21.74 39.96
N VAL K 363 7.00 22.10 38.68
CA VAL K 363 6.37 23.34 38.26
C VAL K 363 4.85 23.19 38.26
N GLY K 364 4.18 24.33 38.27
CA GLY K 364 2.74 24.37 38.18
C GLY K 364 2.25 24.33 36.75
N MET K 365 0.94 24.40 36.60
CA MET K 365 0.29 24.29 35.30
C MET K 365 -0.63 25.50 35.15
N SER K 366 -0.44 26.25 34.07
CA SER K 366 -0.96 27.62 33.99
C SER K 366 -2.45 27.61 33.64
N SER K 367 -3.04 28.82 33.63
CA SER K 367 -4.47 28.96 33.45
C SER K 367 -4.92 28.54 32.06
N MET K 368 -4.27 29.06 31.03
CA MET K 368 -4.55 28.59 29.68
C MET K 368 -4.05 27.16 29.48
N GLN K 369 -2.99 26.77 30.18
CA GLN K 369 -2.64 25.36 30.23
C GLN K 369 -3.80 24.54 30.76
N LYS K 370 -4.45 25.01 31.83
CA LYS K 370 -5.64 24.35 32.33
C LYS K 370 -6.77 24.37 31.32
N LYS K 371 -6.90 25.47 30.58
CA LYS K 371 -7.98 25.57 29.60
C LYS K 371 -7.84 24.52 28.52
N TRP K 372 -6.63 24.35 27.99
CA TRP K 372 -6.45 23.36 26.94
C TRP K 372 -6.43 21.94 27.50
N TYR K 373 -5.96 21.77 28.74
CA TYR K 373 -6.08 20.47 29.39
C TYR K 373 -7.54 20.06 29.54
N LYS K 374 -8.37 21.00 29.98
CA LYS K 374 -9.80 20.73 30.09
C LYS K 374 -10.42 20.48 28.72
N LYS K 375 -9.98 21.22 27.71
CA LYS K 375 -10.44 20.97 26.35
C LYS K 375 -10.17 19.53 25.94
N ILE K 376 -8.93 19.08 26.14
CA ILE K 376 -8.57 17.72 25.77
C ILE K 376 -9.38 16.71 26.57
N LEU K 377 -9.49 16.93 27.88
CA LEU K 377 -10.19 15.97 28.73
C LEU K 377 -11.67 15.88 28.36
N GLU K 378 -12.31 17.02 28.14
CA GLU K 378 -13.67 17.04 27.64
C GLU K 378 -13.77 16.28 26.33
N LYS K 379 -12.74 16.38 25.50
CA LYS K 379 -12.73 15.61 24.26
C LYS K 379 -12.44 14.14 24.50
N ASP K 380 -11.75 13.78 25.58
CA ASP K 380 -11.29 12.41 25.80
C ASP K 380 -11.62 11.91 27.21
N LEU K 381 -12.77 12.29 27.76
CA LEU K 381 -13.11 11.86 29.10
C LEU K 381 -13.57 10.40 29.14
N ASP K 382 -14.27 9.95 28.09
CA ASP K 382 -14.96 8.67 28.15
C ASP K 382 -13.98 7.51 28.30
N ALA K 383 -12.91 7.52 27.51
CA ALA K 383 -11.98 6.40 27.53
C ALA K 383 -11.20 6.29 28.83
N VAL K 384 -11.12 7.37 29.59
CA VAL K 384 -10.36 7.37 30.83
C VAL K 384 -11.24 7.39 32.07
N ASN K 385 -12.51 7.79 31.95
CA ASN K 385 -13.45 7.66 33.06
C ASN K 385 -13.73 6.17 33.20
N GLY K 386 -12.80 5.50 33.88
CA GLY K 386 -12.75 4.05 33.76
C GLY K 386 -12.55 3.70 32.30
N SER K 387 -13.45 2.89 31.77
CA SER K 387 -13.51 2.59 30.34
C SER K 387 -14.92 2.11 30.02
N ASN K 388 -15.11 1.62 28.81
CA ASN K 388 -16.35 0.95 28.43
C ASN K 388 -16.09 -0.55 28.55
N GLY K 389 -16.06 -1.03 29.79
CA GLY K 389 -15.70 -2.42 30.04
C GLY K 389 -14.31 -2.77 29.58
N SER K 390 -13.35 -1.85 29.72
CA SER K 390 -11.97 -2.04 29.27
C SER K 390 -11.89 -2.35 27.79
N LYS K 391 -12.87 -1.87 27.02
CA LYS K 391 -12.90 -2.05 25.57
C LYS K 391 -12.13 -0.97 24.82
N GLU K 392 -11.69 0.08 25.51
CA GLU K 392 -10.95 1.15 24.85
C GLU K 392 -9.69 0.60 24.19
N SER K 393 -9.44 1.03 22.97
CA SER K 393 -8.26 0.58 22.25
C SER K 393 -7.00 1.16 22.88
N LYS K 394 -5.96 0.34 22.96
CA LYS K 394 -4.69 0.81 23.51
C LYS K 394 -4.16 2.00 22.72
N THR K 395 -4.38 2.01 21.40
CA THR K 395 -3.96 3.15 20.60
C THR K 395 -4.65 4.43 21.06
N ARG K 396 -5.94 4.34 21.37
CA ARG K 396 -6.66 5.49 21.88
C ARG K 396 -6.05 5.96 23.19
N LEU K 397 -5.68 5.01 24.06
CA LEU K 397 -5.04 5.35 25.32
C LEU K 397 -3.74 6.11 25.10
N LEU K 398 -2.88 5.58 24.22
CA LEU K 398 -1.60 6.23 23.96
C LEU K 398 -1.79 7.58 23.30
N ASN K 399 -2.80 7.73 22.44
CA ASN K 399 -3.02 9.01 21.79
C ASN K 399 -3.54 10.05 22.79
N ILE K 400 -4.43 9.64 23.71
CA ILE K 400 -4.85 10.56 24.76
C ILE K 400 -3.67 10.97 25.61
N MET K 401 -2.81 10.00 25.96
CA MET K 401 -1.61 10.30 26.73
C MET K 401 -0.71 11.29 25.98
N MET K 402 -0.53 11.08 24.67
CA MET K 402 0.29 11.99 23.88
C MET K 402 -0.30 13.39 23.86
N GLN K 403 -1.62 13.49 23.68
CA GLN K 403 -2.25 14.80 23.66
C GLN K 403 -2.10 15.50 25.01
N LEU K 404 -2.23 14.75 26.09
CA LEU K 404 -1.99 15.31 27.42
C LEU K 404 -0.56 15.79 27.55
N ARG K 405 0.40 15.01 27.04
CA ARG K 405 1.79 15.41 27.12
C ARG K 405 2.04 16.68 26.33
N LYS K 406 1.45 16.79 25.15
CA LYS K 406 1.60 18.02 24.37
C LYS K 406 1.00 19.21 25.08
N CYS K 407 -0.16 19.03 25.71
CA CYS K 407 -0.76 20.14 26.46
C CYS K 407 0.12 20.55 27.63
N CYS K 408 0.64 19.58 28.38
CA CYS K 408 1.50 19.89 29.52
C CYS K 408 2.79 20.55 29.07
N ASN K 409 3.37 20.10 27.96
CA ASN K 409 4.63 20.65 27.50
C ASN K 409 4.50 22.12 27.15
N HIS K 410 3.54 22.44 26.29
CA HIS K 410 3.23 23.82 25.96
C HIS K 410 1.92 23.89 25.19
N PRO K 411 0.98 24.72 25.60
CA PRO K 411 -0.28 24.81 24.85
C PRO K 411 -0.20 25.74 23.65
N TYR K 412 0.89 25.65 22.88
CA TYR K 412 0.90 26.11 21.50
C TYR K 412 1.13 25.00 20.51
N LEU K 413 1.45 23.79 20.98
CA LEU K 413 1.61 22.65 20.09
C LEU K 413 0.33 22.35 19.36
N PHE K 414 -0.80 22.84 19.86
CA PHE K 414 -2.09 22.66 19.22
C PHE K 414 -2.41 23.92 18.44
N ASP K 415 -2.87 23.75 17.20
CA ASP K 415 -3.19 24.90 16.37
C ASP K 415 -4.43 25.62 16.90
N GLY K 416 -4.52 26.90 16.59
CA GLY K 416 -5.59 27.74 17.09
C GLY K 416 -5.40 28.21 18.51
N ALA K 417 -4.28 27.88 19.14
CA ALA K 417 -4.03 28.25 20.52
C ALA K 417 -3.35 29.61 20.63
N GLU K 418 -2.46 29.91 19.69
CA GLU K 418 -1.83 31.23 19.68
C GLU K 418 -2.89 32.29 19.38
N PRO K 419 -2.74 33.49 19.96
CA PRO K 419 -3.65 34.59 19.63
C PRO K 419 -3.71 34.87 18.14
N GLY K 420 -4.68 35.69 17.72
CA GLY K 420 -4.96 35.91 16.32
C GLY K 420 -3.77 36.27 15.47
N PRO K 421 -3.66 35.64 14.30
CA PRO K 421 -2.56 35.92 13.39
C PRO K 421 -2.72 37.30 12.77
N PRO K 422 -1.63 37.91 12.27
CA PRO K 422 -0.26 37.39 12.28
C PRO K 422 0.38 37.48 13.66
N TYR K 423 1.42 36.68 13.87
CA TYR K 423 1.98 36.51 15.20
C TYR K 423 3.13 37.48 15.45
N THR K 424 3.38 37.74 16.73
CA THR K 424 4.55 38.49 17.16
C THR K 424 5.16 37.76 18.35
N THR K 425 6.49 37.71 18.39
CA THR K 425 7.20 37.03 19.46
C THR K 425 7.37 37.97 20.63
N ASP K 426 6.95 37.52 21.81
CA ASP K 426 6.98 38.35 23.00
C ASP K 426 6.98 37.44 24.22
N GLU K 427 6.70 38.02 25.39
CA GLU K 427 6.54 37.24 26.60
C GLU K 427 5.16 36.63 26.73
N HIS K 428 4.26 36.91 25.78
CA HIS K 428 2.91 36.39 25.89
C HIS K 428 2.92 34.89 26.04
N LEU K 429 3.76 34.21 25.25
CA LEU K 429 3.87 32.76 25.35
C LEU K 429 4.80 32.30 26.47
N VAL K 430 5.62 33.18 27.05
CA VAL K 430 6.35 32.70 28.22
C VAL K 430 5.42 32.67 29.42
N TYR K 431 4.38 33.50 29.44
CA TYR K 431 3.39 33.34 30.49
C TYR K 431 2.13 32.59 30.04
N ASN K 432 2.04 32.15 28.79
CA ASN K 432 1.07 31.09 28.50
C ASN K 432 1.52 29.75 29.06
N ALA K 433 2.77 29.62 29.48
CA ALA K 433 3.27 28.35 29.98
C ALA K 433 4.00 28.59 31.30
N ALA K 434 3.55 27.93 32.36
CA ALA K 434 4.28 27.97 33.62
C ALA K 434 5.67 27.37 33.45
N LYS K 435 5.76 26.26 32.70
CA LYS K 435 7.05 25.66 32.41
C LYS K 435 7.98 26.67 31.76
N LEU K 436 7.50 27.38 30.74
CA LEU K 436 8.35 28.32 30.03
C LEU K 436 8.73 29.50 30.90
N GLN K 437 7.83 29.94 31.79
CA GLN K 437 8.18 31.02 32.71
C GLN K 437 9.27 30.59 33.68
N VAL K 438 9.13 29.39 34.27
CA VAL K 438 10.15 28.89 35.18
C VAL K 438 11.47 28.77 34.46
N LEU K 439 11.45 28.22 33.24
CA LEU K 439 12.67 28.10 32.45
C LEU K 439 13.27 29.45 32.13
N ASP K 440 12.42 30.43 31.83
CA ASP K 440 12.89 31.77 31.49
C ASP K 440 13.63 32.39 32.67
N LYS K 441 13.02 32.33 33.86
CA LYS K 441 13.70 32.85 35.04
C LYS K 441 14.96 32.07 35.35
N LEU K 442 14.92 30.74 35.17
CA LEU K 442 16.11 29.92 35.44
C LEU K 442 17.25 30.28 34.48
N LEU K 443 16.92 30.56 33.22
CA LEU K 443 17.93 30.96 32.25
C LEU K 443 18.48 32.34 32.58
N LYS K 444 17.60 33.28 32.90
CA LYS K 444 18.07 34.61 33.29
C LYS K 444 18.74 34.62 34.65
N LYS K 445 18.73 33.50 35.36
CA LYS K 445 19.61 33.32 36.51
C LYS K 445 20.94 32.70 36.12
N LEU K 446 20.91 31.62 35.34
CA LEU K 446 22.12 30.85 35.08
C LEU K 446 23.05 31.58 34.13
N LYS K 447 22.52 32.15 33.04
CA LYS K 447 23.36 32.79 32.04
C LYS K 447 24.18 33.93 32.66
N GLU K 448 23.53 34.75 33.47
CA GLU K 448 24.19 35.90 34.07
C GLU K 448 25.28 35.47 35.04
N GLU K 449 25.02 34.41 35.81
CA GLU K 449 26.01 33.93 36.76
C GLU K 449 27.15 33.17 36.08
N GLY K 450 26.97 32.74 34.84
CA GLY K 450 28.02 32.03 34.14
C GLY K 450 27.80 30.53 34.11
N SER K 451 27.28 30.03 32.99
CA SER K 451 27.03 28.62 32.79
C SER K 451 26.65 28.42 31.33
N ARG K 452 26.40 27.18 30.95
CA ARG K 452 25.95 26.85 29.60
C ARG K 452 24.96 25.70 29.69
N VAL K 453 23.87 25.80 28.93
CA VAL K 453 22.68 24.99 29.15
C VAL K 453 22.50 24.06 27.96
N LEU K 454 21.90 22.90 28.22
CA LEU K 454 21.83 21.81 27.24
C LEU K 454 20.43 21.19 27.18
N ILE K 455 19.40 22.01 27.01
CA ILE K 455 18.03 21.49 27.12
C ILE K 455 17.83 20.34 26.14
N PHE K 456 17.25 19.25 26.64
CA PHE K 456 16.88 18.10 25.82
C PHE K 456 15.35 18.05 25.75
N SER K 457 14.81 18.24 24.56
CA SER K 457 13.38 18.07 24.36
C SER K 457 13.07 16.63 23.99
N GLN K 458 11.79 16.35 23.80
CA GLN K 458 11.35 15.05 23.30
C GLN K 458 10.79 15.13 21.89
N MET K 459 10.50 16.33 21.40
CA MET K 459 9.90 16.50 20.08
C MET K 459 10.39 17.81 19.48
N SER K 460 10.30 17.91 18.15
CA SER K 460 10.98 18.98 17.42
C SER K 460 10.28 20.33 17.58
N ARG K 461 8.95 20.37 17.51
CA ARG K 461 8.27 21.66 17.59
C ARG K 461 8.52 22.37 18.90
N LEU K 462 8.70 21.61 19.98
CA LEU K 462 9.04 22.22 21.25
C LEU K 462 10.39 22.92 21.18
N LEU K 463 11.37 22.28 20.53
CA LEU K 463 12.64 22.94 20.28
C LEU K 463 12.49 24.14 19.36
N ASP K 464 11.53 24.08 18.42
CA ASP K 464 11.26 25.24 17.58
C ASP K 464 10.80 26.42 18.42
N ILE K 465 9.87 26.16 19.33
CA ILE K 465 9.37 27.21 20.22
C ILE K 465 10.48 27.76 21.09
N LEU K 466 11.31 26.86 21.64
CA LEU K 466 12.43 27.30 22.46
C LEU K 466 13.41 28.14 21.65
N GLU K 467 13.67 27.74 20.40
CA GLU K 467 14.50 28.51 19.50
C GLU K 467 13.95 29.92 19.32
N ASP K 468 12.66 30.01 19.01
CA ASP K 468 12.05 31.30 18.74
C ASP K 468 12.10 32.21 19.97
N TYR K 469 11.77 31.65 21.13
CA TYR K 469 11.77 32.45 22.35
C TYR K 469 13.18 32.82 22.79
N CYS K 470 14.16 31.97 22.51
CA CYS K 470 15.54 32.32 22.81
C CYS K 470 16.02 33.44 21.90
N TYR K 471 15.65 33.39 20.61
CA TYR K 471 15.96 34.52 19.74
C TYR K 471 15.26 35.78 20.21
N PHE K 472 14.08 35.64 20.82
CA PHE K 472 13.49 36.76 21.53
C PHE K 472 14.39 37.21 22.67
N ARG K 473 14.96 36.26 23.41
CA ARG K 473 15.87 36.59 24.49
C ARG K 473 17.27 36.91 23.99
N ASN K 474 17.53 36.74 22.69
CA ASN K 474 18.78 37.17 22.05
C ASN K 474 19.99 36.46 22.65
N TYR K 475 19.92 35.12 22.69
CA TYR K 475 21.05 34.29 23.06
C TYR K 475 21.38 33.36 21.91
N GLU K 476 22.68 33.15 21.68
CA GLU K 476 23.14 32.31 20.58
C GLU K 476 22.93 30.84 20.93
N TYR K 477 22.37 30.09 19.99
CA TYR K 477 21.94 28.73 20.23
C TYR K 477 22.41 27.85 19.08
N CYS K 478 22.32 26.54 19.30
CA CYS K 478 22.52 25.56 18.24
C CYS K 478 21.54 24.40 18.47
N ARG K 479 20.92 23.96 17.39
CA ARG K 479 19.98 22.83 17.44
C ARG K 479 20.55 21.67 16.65
N ILE K 480 20.54 20.48 17.25
CA ILE K 480 21.15 19.31 16.66
C ILE K 480 20.10 18.22 16.52
N ASP K 481 18.86 18.62 16.25
CA ASP K 481 17.82 17.63 16.02
C ASP K 481 18.17 16.77 14.80
N GLY K 482 17.53 15.61 14.72
CA GLY K 482 17.89 14.60 13.74
C GLY K 482 17.88 15.09 12.30
N SER K 483 17.13 16.16 12.04
CA SER K 483 17.09 16.70 10.69
C SER K 483 18.45 17.21 10.25
N THR K 484 19.18 17.85 11.15
CA THR K 484 20.44 18.49 10.80
C THR K 484 21.40 17.49 10.18
N ALA K 485 21.72 17.70 8.91
CA ALA K 485 22.59 16.78 8.19
C ALA K 485 24.03 16.93 8.68
N HIS K 486 24.86 15.96 8.29
CA HIS K 486 26.26 15.99 8.67
C HIS K 486 27.00 17.08 7.91
N GLU K 487 28.17 17.45 8.44
CA GLU K 487 28.95 18.61 8.00
C GLU K 487 28.18 19.89 8.28
N ASP K 488 26.94 19.74 8.71
CA ASP K 488 26.18 20.78 9.38
C ASP K 488 26.01 20.46 10.85
N ARG K 489 25.72 19.20 11.16
CA ARG K 489 25.79 18.74 12.54
C ARG K 489 27.19 18.95 13.11
N ILE K 490 28.21 18.51 12.37
CA ILE K 490 29.59 18.75 12.77
C ILE K 490 29.87 20.23 12.84
N GLN K 491 29.36 20.99 11.88
CA GLN K 491 29.58 22.44 11.90
C GLN K 491 29.06 23.05 13.18
N ALA K 492 27.82 22.71 13.56
CA ALA K 492 27.23 23.30 14.75
C ALA K 492 27.98 22.85 16.01
N ILE K 493 28.32 21.57 16.11
CA ILE K 493 28.92 21.08 17.34
C ILE K 493 30.33 21.64 17.51
N ASP K 494 31.11 21.71 16.42
CA ASP K 494 32.44 22.26 16.56
C ASP K 494 32.44 23.77 16.67
N ASP K 495 31.34 24.42 16.24
CA ASP K 495 31.16 25.83 16.56
C ASP K 495 30.93 26.01 18.06
N TYR K 496 30.11 25.16 18.66
CA TYR K 496 29.84 25.30 20.09
C TYR K 496 31.07 24.97 20.91
N ASN K 497 31.59 23.75 20.76
CA ASN K 497 32.72 23.27 21.54
C ASN K 497 34.05 23.82 21.05
N ALA K 498 34.04 24.86 20.25
CA ALA K 498 35.25 25.57 19.88
C ALA K 498 35.78 26.29 21.11
N PRO K 499 36.93 26.97 21.03
CA PRO K 499 37.29 27.89 22.11
C PRO K 499 36.29 29.03 22.21
N ASP K 500 36.54 29.99 23.10
CA ASP K 500 35.58 31.02 23.48
C ASP K 500 34.72 31.44 22.29
N SER K 501 33.41 31.28 22.45
CA SER K 501 32.47 31.51 21.37
C SER K 501 31.18 32.08 21.95
N LYS K 502 30.40 32.69 21.07
CA LYS K 502 29.18 33.37 21.50
C LYS K 502 28.01 32.43 21.72
N LYS K 503 28.09 31.20 21.22
CA LYS K 503 27.01 30.25 21.43
C LYS K 503 26.92 29.91 22.91
N PHE K 504 25.85 30.36 23.56
CA PHE K 504 25.67 30.13 25.00
C PHE K 504 24.86 28.86 25.26
N VAL K 505 23.63 28.82 24.78
CA VAL K 505 22.77 27.67 25.02
C VAL K 505 22.86 26.76 23.81
N PHE K 506 22.44 25.50 23.99
CA PHE K 506 22.70 24.49 22.97
C PHE K 506 21.64 23.42 23.12
N LEU K 507 20.75 23.30 22.13
CA LEU K 507 19.48 22.60 22.29
C LEU K 507 19.44 21.33 21.46
N LEU K 508 18.95 20.24 22.06
CA LEU K 508 18.94 18.93 21.43
C LEU K 508 17.64 18.21 21.70
N THR K 509 17.48 17.09 21.00
CA THR K 509 16.49 16.06 21.33
C THR K 509 17.24 14.79 21.70
N THR K 510 16.61 13.99 22.57
CA THR K 510 17.34 12.89 23.20
C THR K 510 17.72 11.80 22.21
N ARG K 511 16.77 11.38 21.36
CA ARG K 511 17.03 10.23 20.50
C ARG K 511 18.12 10.52 19.49
N ALA K 512 18.21 11.76 19.03
CA ALA K 512 19.24 12.17 18.09
C ALA K 512 20.38 12.92 18.75
N GLY K 513 20.42 12.96 20.07
CA GLY K 513 21.48 13.69 20.75
C GLY K 513 22.55 12.81 21.36
N GLY K 514 22.14 11.76 22.05
CA GLY K 514 23.09 10.93 22.76
C GLY K 514 23.68 9.83 21.91
N LEU K 515 24.58 10.19 20.99
CA LEU K 515 25.19 9.20 20.10
C LEU K 515 26.59 9.67 19.72
N GLY K 516 27.58 9.21 20.48
CA GLY K 516 28.97 9.50 20.17
C GLY K 516 29.28 10.99 20.09
N ILE K 517 28.79 11.77 21.06
CA ILE K 517 28.93 13.22 21.04
C ILE K 517 29.61 13.63 22.34
N ASN K 518 30.35 14.73 22.28
CA ASN K 518 31.24 15.11 23.38
C ASN K 518 31.02 16.57 23.78
N LEU K 519 29.77 16.96 24.00
CA LEU K 519 29.45 18.28 24.50
C LEU K 519 29.70 18.32 26.01
N THR K 520 30.92 18.67 26.39
CA THR K 520 31.35 18.67 27.78
C THR K 520 31.55 20.06 28.37
N SER K 521 31.71 21.09 27.53
CA SER K 521 31.99 22.44 28.01
C SER K 521 30.87 23.04 28.84
N ALA K 522 29.68 22.44 28.81
CA ALA K 522 28.55 22.92 29.60
C ALA K 522 28.37 22.03 30.84
N ASP K 523 27.58 22.53 31.78
CA ASP K 523 27.30 21.79 33.00
C ASP K 523 25.82 21.49 33.20
N VAL K 524 24.96 22.50 33.14
CA VAL K 524 23.55 22.32 33.47
C VAL K 524 22.83 21.70 32.27
N VAL K 525 22.06 20.65 32.53
CA VAL K 525 21.48 19.81 31.49
C VAL K 525 19.96 19.74 31.63
N VAL K 526 19.35 20.85 32.04
CA VAL K 526 17.91 20.88 32.27
C VAL K 526 17.15 20.20 31.13
N LEU K 527 16.24 19.31 31.49
CA LEU K 527 15.38 18.61 30.54
C LEU K 527 14.01 19.27 30.55
N TYR K 528 13.44 19.47 29.37
CA TYR K 528 12.07 19.94 29.33
C TYR K 528 11.11 18.88 29.86
N ASP K 529 11.42 17.60 29.65
CA ASP K 529 10.56 16.51 30.07
C ASP K 529 11.39 15.23 30.08
N SER K 530 10.69 14.08 30.16
CA SER K 530 11.35 12.79 30.23
C SER K 530 10.53 11.77 29.46
N ASP K 531 11.17 10.64 29.15
CA ASP K 531 10.55 9.56 28.39
C ASP K 531 10.45 8.30 29.23
N TRP K 532 9.96 7.23 28.60
CA TRP K 532 9.73 5.97 29.31
C TRP K 532 11.03 5.25 29.61
N ASN K 533 11.95 5.25 28.66
CA ASN K 533 13.23 4.61 28.94
C ASN K 533 14.13 5.60 29.67
N PRO K 534 14.45 5.35 30.94
CA PRO K 534 15.37 6.25 31.65
C PRO K 534 16.78 6.21 31.11
N GLN K 535 17.15 5.17 30.37
CA GLN K 535 18.51 5.09 29.84
C GLN K 535 18.75 6.17 28.79
N ALA K 536 17.76 6.47 27.95
CA ALA K 536 17.91 7.54 26.99
C ALA K 536 18.14 8.87 27.68
N ASP K 537 17.36 9.15 28.72
CA ASP K 537 17.54 10.38 29.47
C ASP K 537 18.91 10.40 30.12
N LEU K 538 19.35 9.26 30.65
CA LEU K 538 20.65 9.18 31.30
C LEU K 538 21.77 9.48 30.32
N GLN K 539 21.70 8.91 29.12
CA GLN K 539 22.69 9.23 28.10
C GLN K 539 22.65 10.70 27.74
N ALA K 540 21.44 11.27 27.64
CA ALA K 540 21.32 12.68 27.33
C ALA K 540 22.03 13.54 28.36
N MET K 541 21.81 13.27 29.65
CA MET K 541 22.46 14.08 30.67
C MET K 541 23.93 13.73 30.81
N ASP K 542 24.35 12.57 30.35
CA ASP K 542 25.77 12.23 30.33
C ASP K 542 26.45 12.71 29.06
N ARG K 543 25.72 13.35 28.15
CA ARG K 543 26.37 14.07 27.06
C ARG K 543 27.37 15.07 27.60
N ALA K 544 27.09 15.66 28.76
CA ALA K 544 28.01 16.58 29.42
C ALA K 544 28.79 15.93 30.55
N HIS K 545 28.24 14.90 31.18
CA HIS K 545 28.92 14.20 32.26
C HIS K 545 29.72 13.05 31.65
N ARG K 546 31.04 13.22 31.59
CA ARG K 546 31.94 12.25 30.99
C ARG K 546 33.37 12.63 31.37
N ILE K 547 34.33 11.91 30.80
CA ILE K 547 35.73 12.22 31.04
C ILE K 547 36.04 13.62 30.51
N GLY K 548 36.87 14.34 31.26
CA GLY K 548 37.30 15.68 30.89
C GLY K 548 36.52 16.80 31.55
N GLN K 549 35.32 16.52 32.04
CA GLN K 549 34.55 17.56 32.73
C GLN K 549 35.24 17.95 34.03
N LYS K 550 35.32 19.27 34.26
CA LYS K 550 36.04 19.81 35.40
C LYS K 550 35.13 20.44 36.44
N LYS K 551 33.84 20.54 36.16
CA LYS K 551 32.90 21.18 37.06
C LYS K 551 31.71 20.28 37.30
N GLN K 552 31.04 20.49 38.43
CA GLN K 552 29.93 19.63 38.81
C GLN K 552 28.81 19.69 37.77
N VAL K 553 28.26 18.52 37.45
CA VAL K 553 27.17 18.41 36.50
C VAL K 553 25.86 18.63 37.24
N LYS K 554 25.13 19.67 36.85
CA LYS K 554 23.85 20.00 37.46
C LYS K 554 22.73 19.54 36.55
N VAL K 555 21.77 18.81 37.12
CA VAL K 555 20.68 18.19 36.37
C VAL K 555 19.37 18.79 36.85
N PHE K 556 18.60 19.35 35.93
CA PHE K 556 17.27 19.85 36.22
C PHE K 556 16.24 19.04 35.44
N ARG K 557 15.02 18.98 35.98
CA ARG K 557 13.95 18.19 35.37
C ARG K 557 12.63 18.89 35.63
N LEU K 558 12.00 19.38 34.57
CA LEU K 558 10.70 20.01 34.69
C LEU K 558 9.62 18.95 34.89
N VAL K 559 8.78 19.14 35.90
CA VAL K 559 7.67 18.24 36.18
C VAL K 559 6.44 19.08 36.46
N THR K 560 5.36 18.85 35.70
CA THR K 560 4.13 19.61 35.88
C THR K 560 3.30 18.97 36.98
N ASP K 561 3.09 19.70 38.07
CA ASP K 561 2.33 19.18 39.19
C ASP K 561 0.85 19.06 38.84
N ASN K 562 0.18 18.11 39.47
CA ASN K 562 -1.23 17.83 39.24
C ASN K 562 -1.51 17.59 37.76
N SER K 563 -0.71 16.71 37.17
CA SER K 563 -0.88 16.34 35.77
C SER K 563 -0.44 14.90 35.60
N VAL K 564 -0.65 14.37 34.38
CA VAL K 564 -0.07 13.09 34.03
C VAL K 564 1.45 13.17 34.08
N GLU K 565 2.01 14.36 33.89
CA GLU K 565 3.46 14.50 33.85
C GLU K 565 4.10 14.14 35.19
N GLU K 566 3.42 14.47 36.29
CA GLU K 566 4.00 14.20 37.60
C GLU K 566 4.17 12.70 37.84
N LYS K 567 3.23 11.90 37.35
CA LYS K 567 3.31 10.45 37.55
C LYS K 567 4.44 9.80 36.78
N ILE K 568 5.03 10.50 35.80
CA ILE K 568 6.04 9.87 34.96
C ILE K 568 7.23 9.43 35.79
N LEU K 569 7.77 10.35 36.59
CA LEU K 569 9.04 10.09 37.27
C LEU K 569 8.92 8.92 38.23
N GLU K 570 7.85 8.88 39.03
CA GLU K 570 7.65 7.74 39.93
C GLU K 570 7.44 6.46 39.14
N ARG K 571 6.68 6.53 38.04
CA ARG K 571 6.59 5.38 37.15
C ARG K 571 7.96 5.07 36.55
N ALA K 572 8.71 6.10 36.19
CA ALA K 572 10.07 5.90 35.72
C ALA K 572 10.95 5.33 36.82
N THR K 573 10.86 5.88 38.03
CA THR K 573 11.70 5.41 39.12
C THR K 573 11.40 3.96 39.47
N GLN K 574 10.12 3.59 39.46
CA GLN K 574 9.76 2.18 39.65
C GLN K 574 10.44 1.32 38.60
N LYS K 575 10.37 1.73 37.33
CA LYS K 575 11.17 1.08 36.30
C LYS K 575 12.65 1.26 36.57
N LEU K 576 13.06 2.45 36.99
CA LEU K 576 14.47 2.73 37.20
C LEU K 576 15.03 1.92 38.35
N ARG K 577 14.37 1.96 39.51
CA ARG K 577 14.95 1.41 40.72
C ARG K 577 15.11 -0.10 40.65
N LEU K 578 14.11 -0.80 40.12
CA LEU K 578 14.16 -2.26 40.11
C LEU K 578 15.30 -2.79 39.26
N ASP K 579 15.73 -2.02 38.26
CA ASP K 579 16.76 -2.51 37.34
C ASP K 579 18.08 -2.74 38.07
N GLN K 580 18.48 -1.80 38.92
CA GLN K 580 19.79 -1.90 39.57
C GLN K 580 19.85 -3.11 40.49
N LEU K 581 18.76 -3.38 41.22
CA LEU K 581 18.75 -4.49 42.17
C LEU K 581 19.09 -5.80 41.48
N VAL K 582 18.65 -5.97 40.23
CA VAL K 582 19.01 -7.16 39.48
C VAL K 582 20.51 -7.19 39.18
N ILE K 583 21.11 -6.02 38.94
CA ILE K 583 22.50 -5.98 38.50
C ILE K 583 23.42 -6.57 39.57
N GLN K 584 23.20 -6.19 40.84
CA GLN K 584 24.11 -6.60 41.90
C GLN K 584 23.84 -8.03 42.35
N GLN K 585 22.65 -8.28 42.89
CA GLN K 585 22.34 -9.57 43.51
C GLN K 585 21.24 -10.34 42.80
N ASN K 586 20.70 -9.82 41.69
CA ASN K 586 19.74 -10.51 40.84
C ASN K 586 18.42 -10.81 41.53
N ARG K 587 18.17 -10.24 42.70
CA ARG K 587 16.89 -10.41 43.40
C ARG K 587 16.80 -9.39 44.53
N THR K 588 15.57 -9.08 44.92
CA THR K 588 15.31 -8.17 46.03
C THR K 588 13.88 -8.40 46.50
N SER K 589 13.39 -7.52 47.38
CA SER K 589 12.00 -7.55 47.81
C SER K 589 11.14 -6.91 46.72
N LEU K 590 11.09 -7.61 45.58
CA LEU K 590 10.41 -7.13 44.38
C LEU K 590 9.02 -7.74 44.23
N LYS K 591 8.31 -7.89 45.36
CA LYS K 591 6.97 -8.49 45.36
C LYS K 591 6.06 -7.91 44.28
N LYS K 592 6.33 -6.68 43.84
CA LYS K 592 5.59 -6.09 42.72
C LYS K 592 6.09 -6.65 41.38
N LYS K 593 5.88 -7.96 41.22
CA LYS K 593 6.15 -8.63 39.96
C LYS K 593 5.15 -8.26 38.87
N GLU K 594 4.08 -7.55 39.23
CA GLU K 594 3.04 -7.21 38.27
C GLU K 594 3.57 -6.37 37.11
N ASN K 595 4.61 -5.58 37.36
CA ASN K 595 5.13 -4.62 36.39
C ASN K 595 4.00 -3.76 35.82
N LYS K 596 3.26 -3.14 36.75
CA LYS K 596 2.05 -2.36 36.52
C LYS K 596 0.84 -3.25 36.20
N ALA K 597 1.04 -4.56 36.06
CA ALA K 597 -0.04 -5.55 35.93
C ALA K 597 -0.82 -5.42 34.63
N ASP K 598 -0.51 -4.40 33.83
CA ASP K 598 -1.23 -4.11 32.59
C ASP K 598 -0.54 -2.92 31.93
N SER K 599 -1.00 -2.61 30.73
CA SER K 599 -0.75 -1.32 30.11
C SER K 599 -2.04 -0.54 29.87
N LYS K 600 -3.11 -1.23 29.42
CA LYS K 600 -4.40 -0.56 29.27
C LYS K 600 -4.90 -0.01 30.60
N ASP K 601 -4.54 -0.63 31.71
CA ASP K 601 -4.86 -0.11 33.03
C ASP K 601 -3.73 0.72 33.64
N ALA K 602 -2.47 0.40 33.33
CA ALA K 602 -1.37 1.20 33.82
C ALA K 602 -1.46 2.63 33.32
N LEU K 603 -1.63 2.80 32.01
CA LEU K 603 -1.75 4.16 31.48
C LEU K 603 -3.09 4.78 31.86
N LEU K 604 -4.11 3.96 32.11
CA LEU K 604 -5.38 4.49 32.59
C LEU K 604 -5.19 5.16 33.95
N SER K 605 -4.49 4.48 34.86
CA SER K 605 -4.10 5.11 36.12
C SER K 605 -3.16 6.29 35.89
N MET K 606 -2.33 6.19 34.85
CA MET K 606 -1.37 7.23 34.54
C MET K 606 -2.07 8.54 34.21
N ILE K 607 -3.16 8.47 33.44
CA ILE K 607 -3.88 9.67 33.02
C ILE K 607 -4.58 10.33 34.19
N GLN K 608 -5.17 9.53 35.08
CA GLN K 608 -6.09 10.02 36.10
C GLN K 608 -5.39 10.75 37.26
N HIS K 609 -4.12 11.15 37.14
CA HIS K 609 -3.45 11.84 38.23
C HIS K 609 -4.12 13.19 38.52
N GLY K 610 -4.32 13.99 37.48
CA GLY K 610 -4.98 15.27 37.65
C GLY K 610 -6.40 15.23 37.14
N ALA K 611 -7.04 14.08 37.27
CA ALA K 611 -8.34 13.86 36.66
C ALA K 611 -9.42 14.75 37.28
N ALA K 612 -9.65 14.61 38.58
CA ALA K 612 -10.77 15.28 39.22
C ALA K 612 -10.55 16.77 39.41
N ASP K 613 -9.29 17.23 39.40
CA ASP K 613 -9.03 18.63 39.70
C ASP K 613 -9.45 19.54 38.54
N VAL K 614 -8.77 19.39 37.39
CA VAL K 614 -9.04 20.29 36.27
C VAL K 614 -10.43 20.03 35.71
N PHE K 615 -10.86 18.77 35.66
CA PHE K 615 -12.16 18.44 35.10
C PHE K 615 -13.28 19.13 35.88
N LYS K 616 -13.19 19.13 37.21
CA LYS K 616 -14.16 19.85 38.02
C LYS K 616 -13.79 21.32 38.17
N SER K 617 -12.51 21.66 38.05
CA SER K 617 -12.06 23.04 38.14
C SER K 617 -10.71 23.23 37.46
N GLY K 635 0.13 38.74 37.35
CA GLY K 635 1.36 38.27 36.73
C GLY K 635 1.69 36.83 37.07
N ASP K 636 1.44 36.46 38.33
CA ASP K 636 1.68 35.11 38.83
C ASP K 636 3.14 34.71 38.64
N ASP K 637 4.02 35.48 39.28
CA ASP K 637 5.45 35.28 39.13
C ASP K 637 5.89 33.97 39.79
N ILE K 638 7.07 33.51 39.37
CA ILE K 638 7.52 32.17 39.74
C ILE K 638 8.12 32.17 41.14
N ASP K 639 9.07 33.06 41.40
CA ASP K 639 9.86 33.05 42.64
C ASP K 639 10.56 31.70 42.81
N LEU K 640 11.53 31.49 41.91
CA LEU K 640 12.07 30.14 41.67
C LEU K 640 12.53 29.46 42.95
N ASP K 641 13.07 30.21 43.91
CA ASP K 641 13.72 29.60 45.06
C ASP K 641 12.75 28.74 45.87
N GLU K 642 11.52 29.21 46.08
CA GLU K 642 10.56 28.40 46.81
C GLU K 642 10.20 27.13 46.05
N LEU K 643 10.12 27.20 44.73
CA LEU K 643 9.89 25.99 43.95
C LEU K 643 11.06 25.03 44.08
N LEU K 644 12.29 25.55 44.03
CA LEU K 644 13.45 24.71 44.27
C LEU K 644 13.33 23.98 45.60
N LEU K 645 13.04 24.72 46.66
CA LEU K 645 12.95 24.13 47.99
C LEU K 645 11.85 23.07 48.06
N LYS K 646 10.64 23.44 47.63
CA LYS K 646 9.50 22.53 47.75
C LYS K 646 9.71 21.28 46.90
N SER K 647 10.16 21.45 45.66
CA SER K 647 10.34 20.32 44.77
C SER K 647 11.50 19.43 45.22
N GLU K 648 12.58 20.01 45.74
CA GLU K 648 13.67 19.17 46.22
C GLU K 648 13.27 18.39 47.47
N ASN K 649 12.47 19.00 48.35
CA ASN K 649 11.99 18.26 49.52
C ASN K 649 11.06 17.13 49.08
N LYS K 650 10.11 17.42 48.19
CA LYS K 650 9.23 16.38 47.68
C LYS K 650 9.98 15.33 46.87
N THR K 651 11.13 15.70 46.30
CA THR K 651 11.93 14.76 45.53
C THR K 651 12.66 13.79 46.45
N LYS K 652 13.32 14.31 47.49
CA LYS K 652 13.91 13.44 48.48
C LYS K 652 12.86 12.60 49.18
N SER K 653 11.64 13.13 49.32
CA SER K 653 10.55 12.36 49.89
C SER K 653 10.24 11.13 49.04
N LEU K 654 10.10 11.32 47.73
CA LEU K 654 9.81 10.19 46.86
C LEU K 654 11.02 9.25 46.77
N ASN K 655 12.23 9.79 46.86
CA ASN K 655 13.42 8.94 46.90
C ASN K 655 13.37 8.02 48.11
N ALA K 656 13.02 8.56 49.27
CA ALA K 656 12.88 7.74 50.47
C ALA K 656 11.75 6.73 50.30
N LYS K 657 10.64 7.16 49.71
CA LYS K 657 9.50 6.26 49.50
C LYS K 657 9.89 5.07 48.65
N TYR K 658 10.58 5.30 47.54
CA TYR K 658 10.96 4.21 46.68
C TYR K 658 12.12 3.41 47.25
N GLU K 659 12.94 4.03 48.10
CA GLU K 659 14.11 3.36 48.64
C GLU K 659 13.74 2.10 49.40
N THR K 660 12.64 2.15 50.15
CA THR K 660 12.14 0.97 50.85
C THR K 660 11.33 0.07 49.92
N LEU K 661 11.93 -0.25 48.78
CA LEU K 661 11.38 -1.16 47.77
C LEU K 661 10.02 -0.73 47.24
N GLY K 662 9.60 0.50 47.52
CA GLY K 662 8.23 0.89 47.22
C GLY K 662 7.23 -0.01 47.91
N LEU K 663 7.53 -0.40 49.15
CA LEU K 663 6.75 -1.42 49.83
C LEU K 663 5.30 -0.98 50.02
N ASP K 664 5.09 0.30 50.35
CA ASP K 664 3.74 0.80 50.57
C ASP K 664 2.88 0.62 49.33
N ASP K 665 3.22 1.29 48.23
CA ASP K 665 2.46 1.16 47.00
C ASP K 665 3.37 1.56 45.83
N LEU K 666 3.92 0.56 45.15
CA LEU K 666 4.66 0.83 43.92
C LEU K 666 3.68 1.10 42.78
N GLN K 667 2.90 0.09 42.40
CA GLN K 667 1.72 0.28 41.58
C GLN K 667 0.46 -0.21 42.26
N LYS K 668 0.45 -1.45 42.74
CA LYS K 668 -0.70 -2.06 43.41
C LYS K 668 -1.97 -1.97 42.58
N PHE K 669 -1.83 -1.69 41.28
CA PHE K 669 -2.93 -1.46 40.35
C PHE K 669 -4.07 -0.70 41.03
N ASN K 670 -3.70 0.38 41.71
CA ASN K 670 -4.63 1.16 42.53
C ASN K 670 -5.11 2.36 41.71
N GLN K 671 -6.31 2.25 41.15
CA GLN K 671 -6.91 3.35 40.43
C GLN K 671 -8.41 3.13 40.33
N ASP K 672 -9.14 4.21 40.04
CA ASP K 672 -10.57 4.16 39.82
C ASP K 672 -10.97 5.33 38.95
N SER K 673 -12.17 5.25 38.39
CA SER K 673 -12.67 6.29 37.50
C SER K 673 -12.80 7.61 38.26
N ALA K 674 -12.27 8.68 37.66
CA ALA K 674 -12.36 10.01 38.25
C ALA K 674 -12.82 11.08 37.26
N TYR K 675 -13.05 10.73 35.99
CA TYR K 675 -13.55 11.64 34.98
C TYR K 675 -15.06 11.57 34.83
N GLU K 676 -15.78 11.28 35.93
CA GLU K 676 -17.21 11.01 35.89
C GLU K 676 -17.98 12.02 35.04
N TRP K 677 -17.96 13.28 35.44
CA TRP K 677 -18.63 14.35 34.71
C TRP K 677 -18.25 15.72 35.24
MG MG L . 31.68 4.74 20.78
PB ADP M . 32.42 5.45 24.03
O1B ADP M . 33.52 4.77 24.81
O2B ADP M . 31.11 5.53 24.76
O3B ADP M . 32.31 5.04 22.60
PA ADP M . 34.22 7.28 23.07
O1A ADP M . 33.76 7.47 21.65
O2A ADP M . 35.25 6.22 23.37
O3A ADP M . 32.90 6.98 23.93
O5' ADP M . 34.74 8.68 23.64
C5' ADP M . 35.08 8.82 25.02
C4' ADP M . 35.82 10.12 25.18
O4' ADP M . 36.70 10.04 26.29
C3' ADP M . 36.66 10.40 23.96
O3' ADP M . 36.26 11.65 23.40
C2' ADP M . 38.07 10.53 24.46
O2' ADP M . 38.64 11.74 23.95
C1' ADP M . 37.96 10.61 25.95
N9 ADP M . 39.07 9.86 26.59
C8 ADP M . 39.06 8.56 26.89
N7 ADP M . 40.24 8.17 27.46
C5 ADP M . 41.02 9.26 27.53
C6 ADP M . 42.38 9.57 28.01
N6 ADP M . 43.17 8.61 28.55
N1 ADP M . 42.82 10.85 27.89
C2 ADP M . 42.05 11.81 27.35
N3 ADP M . 40.81 11.59 26.90
C4 ADP M . 40.24 10.37 26.95
#